data_6T2E
# 
_entry.id   6T2E 
# 
_audit_conform.dict_name       mmcif_pdbx.dic 
_audit_conform.dict_version    5.383 
_audit_conform.dict_location   http://mmcif.pdb.org/dictionaries/ascii/mmcif_pdbx.dic 
# 
loop_
_database_2.database_id 
_database_2.database_code 
_database_2.pdbx_database_accession 
_database_2.pdbx_DOI 
PDB   6T2E         pdb_00006t2e 10.2210/pdb6t2e/pdb 
WWPDB D_1292104738 ?            ?                   
# 
loop_
_pdbx_audit_revision_history.ordinal 
_pdbx_audit_revision_history.data_content_type 
_pdbx_audit_revision_history.major_revision 
_pdbx_audit_revision_history.minor_revision 
_pdbx_audit_revision_history.revision_date 
1 'Structure model' 1 0 2020-01-29 
2 'Structure model' 1 1 2020-03-25 
3 'Structure model' 1 2 2024-01-24 
# 
_pdbx_audit_revision_details.ordinal             1 
_pdbx_audit_revision_details.revision_ordinal    1 
_pdbx_audit_revision_details.data_content_type   'Structure model' 
_pdbx_audit_revision_details.provider            repository 
_pdbx_audit_revision_details.type                'Initial release' 
_pdbx_audit_revision_details.description         ? 
_pdbx_audit_revision_details.details             ? 
# 
loop_
_pdbx_audit_revision_group.ordinal 
_pdbx_audit_revision_group.revision_ordinal 
_pdbx_audit_revision_group.data_content_type 
_pdbx_audit_revision_group.group 
1 2 'Structure model' 'Database references'    
2 3 'Structure model' 'Data collection'        
3 3 'Structure model' 'Database references'    
4 3 'Structure model' 'Refinement description' 
# 
loop_
_pdbx_audit_revision_category.ordinal 
_pdbx_audit_revision_category.revision_ordinal 
_pdbx_audit_revision_category.data_content_type 
_pdbx_audit_revision_category.category 
1 2 'Structure model' citation                      
2 2 'Structure model' citation_author               
3 3 'Structure model' chem_comp_atom                
4 3 'Structure model' chem_comp_bond                
5 3 'Structure model' database_2                    
6 3 'Structure model' pdbx_initial_refinement_model 
# 
loop_
_pdbx_audit_revision_item.ordinal 
_pdbx_audit_revision_item.revision_ordinal 
_pdbx_audit_revision_item.data_content_type 
_pdbx_audit_revision_item.item 
1 2 'Structure model' '_citation.journal_volume'            
2 2 'Structure model' '_citation.page_first'                
3 2 'Structure model' '_citation.page_last'                 
4 2 'Structure model' '_citation_author.name'               
5 3 'Structure model' '_database_2.pdbx_DOI'                
6 3 'Structure model' '_database_2.pdbx_database_accession' 
# 
_pdbx_database_status.status_code                     REL 
_pdbx_database_status.status_code_sf                  REL 
_pdbx_database_status.status_code_mr                  ? 
_pdbx_database_status.entry_id                        6T2E 
_pdbx_database_status.recvd_initial_deposition_date   2019-10-08 
_pdbx_database_status.SG_entry                        N 
_pdbx_database_status.deposit_site                    PDBE 
_pdbx_database_status.process_site                    PDBE 
_pdbx_database_status.status_code_cs                  ? 
_pdbx_database_status.methods_development_category    ? 
_pdbx_database_status.pdb_format_compatible           Y 
_pdbx_database_status.status_code_nmr_data            ? 
# 
loop_
_audit_author.name 
_audit_author.pdbx_ordinal 
_audit_author.identifier_ORCID 
'Groves, R.M.'       1 0000-0001-9859-5177 
'Ali, M.A.'          2 0000-0003-4399-2655 
'Atmaj, J.'          3 0000-0003-0828-4717 
'van Oosterwijk, N.' 4 0000-0001-7950-8613 
'Domling, A.'        5 0000-0002-9923-8873 
'Rivera, G.D.'       6 0000-0002-5538-1555 
'Ricardo, G.M.'      7 0000-0003-2365-2864 
# 
_citation.abstract                  ? 
_citation.abstract_id_CAS           ? 
_citation.book_id_ISBN              ? 
_citation.book_publisher            ? 
_citation.book_publisher_city       ? 
_citation.book_title                ? 
_citation.coordinate_linkage        ? 
_citation.country                   GE 
_citation.database_id_Medline       ? 
_citation.details                   ? 
_citation.id                        primary 
_citation.journal_abbrev            Angew.Chem.Int.Ed.Engl. 
_citation.journal_id_ASTM           ACIEAY 
_citation.journal_id_CSD            0179 
_citation.journal_id_ISSN           1521-3773 
_citation.journal_full              ? 
_citation.journal_issue             ? 
_citation.journal_volume            59 
_citation.language                  ? 
_citation.page_first                5235 
_citation.page_last                 5241 
_citation.title                     
'Multicomponent Peptide Stapling as a Diversity-Driven Tool for the Development of Inhibitors of Protein-Protein Interactions.' 
_citation.year                      2020 
_citation.database_id_CSD           ? 
_citation.pdbx_database_id_DOI      10.1002/anie.201916257 
_citation.pdbx_database_id_PubMed   31944488 
_citation.unpublished_flag          ? 
# 
loop_
_citation_author.citation_id 
_citation_author.name 
_citation_author.ordinal 
_citation_author.identifier_ORCID 
primary 'Ricardo, M.G.'     1  ? 
primary 'Ali, A.M.'         2  ? 
primary 'Plewka, J.'        3  ? 
primary 'Surmiak, E.'       4  ? 
primary 'Labuzek, B.'       5  ? 
primary 'Neochoritis, C.G.' 6  ? 
primary 'Atmaj, J.'         7  ? 
primary 'Skalniak, L.'      8  ? 
primary 'Zhang, R.'         9  ? 
primary 'Holak, T.A.'       10 ? 
primary 'Groves, M.'        11 ? 
primary 'Rivera, D.G.'      12 ? 
primary 'Domling, A.'       13 ? 
# 
loop_
_entity.id 
_entity.type 
_entity.src_method 
_entity.pdbx_description 
_entity.formula_weight 
_entity.pdbx_number_of_molecules 
_entity.pdbx_ec 
_entity.pdbx_mutation 
_entity.pdbx_fragment 
_entity.details 
1 polymer man 'E3 ubiquitin-protein ligase Mdm2' 10192.040 1  2.3.2.27 L33E ? ? 
2 polymer syn 'Stapled peptide GAR300-Gm'        1656.789  1  ?        ?    ? 
;The current X-ray structure does not include the stapled linker due to insufficient electron density. The staple was modeled by MOLOC software.
;
3 water   nat water                              18.015    25 ?        ?    ? ? 
# 
_entity_name_com.entity_id   1 
_entity_name_com.name        
'Double minute 2 protein,Hdm2,Oncoprotein Mdm2,RING-type E3 ubiquitin transferase Mdm2,p53-binding protein Mdm2' 
# 
loop_
_entity_poly.entity_id 
_entity_poly.type 
_entity_poly.nstd_linkage 
_entity_poly.nstd_monomer 
_entity_poly.pdbx_seq_one_letter_code 
_entity_poly.pdbx_seq_one_letter_code_can 
_entity_poly.pdbx_strand_id 
_entity_poly.pdbx_target_identifier 
1 'polypeptide(L)' no no 
;METLVRPKPELLKLLKSVGAQKDTYTMKEVLFYLGQYIMTKRLYDEKQQHIVYCSNDLLGDLFGVPSFSVKEHRKIYTMI
YRNLVV
;
;METLVRPKPELLKLLKSVGAQKDTYTMKEVLFYLGQYIMTKRLYDEKQQHIVYCSNDLLGDLFGVPSFSVKEHRKIYTMI
YRNLVV
;
A ? 
2 'polypeptide(L)' no no LTFEQYWAQLESAA                                                                            LTFEQYWAQLESAA 
B ? 
# 
_pdbx_entity_nonpoly.entity_id   3 
_pdbx_entity_nonpoly.name        water 
_pdbx_entity_nonpoly.comp_id     HOH 
# 
loop_
_entity_poly_seq.entity_id 
_entity_poly_seq.num 
_entity_poly_seq.mon_id 
_entity_poly_seq.hetero 
1 1  MET n 
1 2  GLU n 
1 3  THR n 
1 4  LEU n 
1 5  VAL n 
1 6  ARG n 
1 7  PRO n 
1 8  LYS n 
1 9  PRO n 
1 10 GLU n 
1 11 LEU n 
1 12 LEU n 
1 13 LYS n 
1 14 LEU n 
1 15 LEU n 
1 16 LYS n 
1 17 SER n 
1 18 VAL n 
1 19 GLY n 
1 20 ALA n 
1 21 GLN n 
1 22 LYS n 
1 23 ASP n 
1 24 THR n 
1 25 TYR n 
1 26 THR n 
1 27 MET n 
1 28 LYS n 
1 29 GLU n 
1 30 VAL n 
1 31 LEU n 
1 32 PHE n 
1 33 TYR n 
1 34 LEU n 
1 35 GLY n 
1 36 GLN n 
1 37 TYR n 
1 38 ILE n 
1 39 MET n 
1 40 THR n 
1 41 LYS n 
1 42 ARG n 
1 43 LEU n 
1 44 TYR n 
1 45 ASP n 
1 46 GLU n 
1 47 LYS n 
1 48 GLN n 
1 49 GLN n 
1 50 HIS n 
1 51 ILE n 
1 52 VAL n 
1 53 TYR n 
1 54 CYS n 
1 55 SER n 
1 56 ASN n 
1 57 ASP n 
1 58 LEU n 
1 59 LEU n 
1 60 GLY n 
1 61 ASP n 
1 62 LEU n 
1 63 PHE n 
1 64 GLY n 
1 65 VAL n 
1 66 PRO n 
1 67 SER n 
1 68 PHE n 
1 69 SER n 
1 70 VAL n 
1 71 LYS n 
1 72 GLU n 
1 73 HIS n 
1 74 ARG n 
1 75 LYS n 
1 76 ILE n 
1 77 TYR n 
1 78 THR n 
1 79 MET n 
1 80 ILE n 
1 81 TYR n 
1 82 ARG n 
1 83 ASN n 
1 84 LEU n 
1 85 VAL n 
1 86 VAL n 
2 1  LEU n 
2 2  THR n 
2 3  PHE n 
2 4  GLU n 
2 5  GLN n 
2 6  TYR n 
2 7  TRP n 
2 8  ALA n 
2 9  GLN n 
2 10 LEU n 
2 11 GLU n 
2 12 SER n 
2 13 ALA n 
2 14 ALA n 
# 
_entity_src_gen.entity_id                          1 
_entity_src_gen.pdbx_src_id                        1 
_entity_src_gen.pdbx_alt_source_flag               sample 
_entity_src_gen.pdbx_seq_type                      'Biological sequence' 
_entity_src_gen.pdbx_beg_seq_num                   1 
_entity_src_gen.pdbx_end_seq_num                   86 
_entity_src_gen.gene_src_common_name               Human 
_entity_src_gen.gene_src_genus                     ? 
_entity_src_gen.pdbx_gene_src_gene                 MDM2 
_entity_src_gen.gene_src_species                   ? 
_entity_src_gen.gene_src_strain                    ? 
_entity_src_gen.gene_src_tissue                    ? 
_entity_src_gen.gene_src_tissue_fraction           ? 
_entity_src_gen.gene_src_details                   ? 
_entity_src_gen.pdbx_gene_src_fragment             ? 
_entity_src_gen.pdbx_gene_src_scientific_name      'Homo sapiens' 
_entity_src_gen.pdbx_gene_src_ncbi_taxonomy_id     9606 
_entity_src_gen.pdbx_gene_src_variant              ? 
_entity_src_gen.pdbx_gene_src_cell_line            ? 
_entity_src_gen.pdbx_gene_src_atcc                 ? 
_entity_src_gen.pdbx_gene_src_organ                ? 
_entity_src_gen.pdbx_gene_src_organelle            ? 
_entity_src_gen.pdbx_gene_src_cell                 ? 
_entity_src_gen.pdbx_gene_src_cellular_location    ? 
_entity_src_gen.host_org_common_name               ? 
_entity_src_gen.pdbx_host_org_scientific_name      'Escherichia coli BL21(DE3)' 
_entity_src_gen.pdbx_host_org_ncbi_taxonomy_id     469008 
_entity_src_gen.host_org_genus                     ? 
_entity_src_gen.pdbx_host_org_gene                 ? 
_entity_src_gen.pdbx_host_org_organ                ? 
_entity_src_gen.host_org_species                   ? 
_entity_src_gen.pdbx_host_org_tissue               ? 
_entity_src_gen.pdbx_host_org_tissue_fraction      ? 
_entity_src_gen.pdbx_host_org_strain               ? 
_entity_src_gen.pdbx_host_org_variant              ? 
_entity_src_gen.pdbx_host_org_cell_line            ? 
_entity_src_gen.pdbx_host_org_atcc                 ? 
_entity_src_gen.pdbx_host_org_culture_collection   ? 
_entity_src_gen.pdbx_host_org_cell                 ? 
_entity_src_gen.pdbx_host_org_organelle            ? 
_entity_src_gen.pdbx_host_org_cellular_location    ? 
_entity_src_gen.pdbx_host_org_vector_type          ? 
_entity_src_gen.pdbx_host_org_vector               ? 
_entity_src_gen.host_org_details                   ? 
_entity_src_gen.expression_system_id               ? 
_entity_src_gen.plasmid_name                       ? 
_entity_src_gen.plasmid_details                    ? 
_entity_src_gen.pdbx_description                   ? 
# 
_pdbx_entity_src_syn.entity_id              2 
_pdbx_entity_src_syn.pdbx_src_id            1 
_pdbx_entity_src_syn.pdbx_alt_source_flag   sample 
_pdbx_entity_src_syn.pdbx_beg_seq_num       1 
_pdbx_entity_src_syn.pdbx_end_seq_num       14 
_pdbx_entity_src_syn.organism_scientific    'synthetic construct' 
_pdbx_entity_src_syn.organism_common_name   ? 
_pdbx_entity_src_syn.ncbi_taxonomy_id       32630 
_pdbx_entity_src_syn.details                ? 
# 
loop_
_chem_comp.id 
_chem_comp.type 
_chem_comp.mon_nstd_flag 
_chem_comp.name 
_chem_comp.pdbx_synonyms 
_chem_comp.formula 
_chem_comp.formula_weight 
ALA 'L-peptide linking' y ALANINE         ? 'C3 H7 N O2'     89.093  
ARG 'L-peptide linking' y ARGININE        ? 'C6 H15 N4 O2 1' 175.209 
ASN 'L-peptide linking' y ASPARAGINE      ? 'C4 H8 N2 O3'    132.118 
ASP 'L-peptide linking' y 'ASPARTIC ACID' ? 'C4 H7 N O4'     133.103 
CYS 'L-peptide linking' y CYSTEINE        ? 'C3 H7 N O2 S'   121.158 
GLN 'L-peptide linking' y GLUTAMINE       ? 'C5 H10 N2 O3'   146.144 
GLU 'L-peptide linking' y 'GLUTAMIC ACID' ? 'C5 H9 N O4'     147.129 
GLY 'peptide linking'   y GLYCINE         ? 'C2 H5 N O2'     75.067  
HIS 'L-peptide linking' y HISTIDINE       ? 'C6 H10 N3 O2 1' 156.162 
HOH non-polymer         . WATER           ? 'H2 O'           18.015  
ILE 'L-peptide linking' y ISOLEUCINE      ? 'C6 H13 N O2'    131.173 
LEU 'L-peptide linking' y LEUCINE         ? 'C6 H13 N O2'    131.173 
LYS 'L-peptide linking' y LYSINE          ? 'C6 H15 N2 O2 1' 147.195 
MET 'L-peptide linking' y METHIONINE      ? 'C5 H11 N O2 S'  149.211 
PHE 'L-peptide linking' y PHENYLALANINE   ? 'C9 H11 N O2'    165.189 
PRO 'L-peptide linking' y PROLINE         ? 'C5 H9 N O2'     115.130 
SER 'L-peptide linking' y SERINE          ? 'C3 H7 N O3'     105.093 
THR 'L-peptide linking' y THREONINE       ? 'C4 H9 N O3'     119.119 
TRP 'L-peptide linking' y TRYPTOPHAN      ? 'C11 H12 N2 O2'  204.225 
TYR 'L-peptide linking' y TYROSINE        ? 'C9 H11 N O3'    181.189 
VAL 'L-peptide linking' y VALINE          ? 'C5 H11 N O2'    117.146 
# 
loop_
_pdbx_poly_seq_scheme.asym_id 
_pdbx_poly_seq_scheme.entity_id 
_pdbx_poly_seq_scheme.seq_id 
_pdbx_poly_seq_scheme.mon_id 
_pdbx_poly_seq_scheme.ndb_seq_num 
_pdbx_poly_seq_scheme.pdb_seq_num 
_pdbx_poly_seq_scheme.auth_seq_num 
_pdbx_poly_seq_scheme.pdb_mon_id 
_pdbx_poly_seq_scheme.auth_mon_id 
_pdbx_poly_seq_scheme.pdb_strand_id 
_pdbx_poly_seq_scheme.pdb_ins_code 
_pdbx_poly_seq_scheme.hetero 
A 1 1  MET 1  24  ?   ?   ?   A . n 
A 1 2  GLU 2  25  25  GLU GLU A . n 
A 1 3  THR 3  26  26  THR THR A . n 
A 1 4  LEU 4  27  27  LEU LEU A . n 
A 1 5  VAL 5  28  28  VAL VAL A . n 
A 1 6  ARG 6  29  29  ARG ARG A . n 
A 1 7  PRO 7  30  30  PRO PRO A . n 
A 1 8  LYS 8  31  31  LYS LYS A . n 
A 1 9  PRO 9  32  32  PRO PRO A . n 
A 1 10 GLU 10 33  33  GLU GLU A . n 
A 1 11 LEU 11 34  34  LEU LEU A . n 
A 1 12 LEU 12 35  35  LEU LEU A . n 
A 1 13 LYS 13 36  36  LYS LYS A . n 
A 1 14 LEU 14 37  37  LEU LEU A . n 
A 1 15 LEU 15 38  38  LEU LEU A . n 
A 1 16 LYS 16 39  39  LYS LYS A . n 
A 1 17 SER 17 40  40  SER SER A . n 
A 1 18 VAL 18 41  41  VAL VAL A . n 
A 1 19 GLY 19 42  42  GLY GLY A . n 
A 1 20 ALA 20 43  43  ALA ALA A . n 
A 1 21 GLN 21 44  44  GLN GLN A . n 
A 1 22 LYS 22 45  45  LYS LYS A . n 
A 1 23 ASP 23 46  46  ASP ASP A . n 
A 1 24 THR 24 47  47  THR THR A . n 
A 1 25 TYR 25 48  48  TYR TYR A . n 
A 1 26 THR 26 49  49  THR THR A . n 
A 1 27 MET 27 50  50  MET MET A . n 
A 1 28 LYS 28 51  51  LYS LYS A . n 
A 1 29 GLU 29 52  52  GLU GLU A . n 
A 1 30 VAL 30 53  53  VAL VAL A . n 
A 1 31 LEU 31 54  54  LEU LEU A . n 
A 1 32 PHE 32 55  55  PHE PHE A . n 
A 1 33 TYR 33 56  56  TYR TYR A . n 
A 1 34 LEU 34 57  57  LEU LEU A . n 
A 1 35 GLY 35 58  58  GLY GLY A . n 
A 1 36 GLN 36 59  59  GLN GLN A . n 
A 1 37 TYR 37 60  60  TYR TYR A . n 
A 1 38 ILE 38 61  61  ILE ILE A . n 
A 1 39 MET 39 62  62  MET MET A . n 
A 1 40 THR 40 63  63  THR THR A . n 
A 1 41 LYS 41 64  64  LYS LYS A . n 
A 1 42 ARG 42 65  65  ARG ARG A . n 
A 1 43 LEU 43 66  66  LEU LEU A . n 
A 1 44 TYR 44 67  67  TYR TYR A . n 
A 1 45 ASP 45 68  68  ASP ASP A . n 
A 1 46 GLU 46 69  69  GLU GLU A . n 
A 1 47 LYS 47 70  70  LYS LYS A . n 
A 1 48 GLN 48 71  71  GLN GLN A . n 
A 1 49 GLN 49 72  72  GLN GLN A . n 
A 1 50 HIS 50 73  73  HIS HIS A . n 
A 1 51 ILE 51 74  74  ILE ILE A . n 
A 1 52 VAL 52 75  75  VAL VAL A . n 
A 1 53 TYR 53 76  76  TYR TYR A . n 
A 1 54 CYS 54 77  77  CYS CYS A . n 
A 1 55 SER 55 78  78  SER SER A . n 
A 1 56 ASN 56 79  79  ASN ASN A . n 
A 1 57 ASP 57 80  80  ASP ASP A . n 
A 1 58 LEU 58 81  81  LEU LEU A . n 
A 1 59 LEU 59 82  82  LEU LEU A . n 
A 1 60 GLY 60 83  83  GLY GLY A . n 
A 1 61 ASP 61 84  84  ASP ASP A . n 
A 1 62 LEU 62 85  85  LEU LEU A . n 
A 1 63 PHE 63 86  86  PHE PHE A . n 
A 1 64 GLY 64 87  87  GLY GLY A . n 
A 1 65 VAL 65 88  88  VAL VAL A . n 
A 1 66 PRO 66 89  89  PRO PRO A . n 
A 1 67 SER 67 90  90  SER SER A . n 
A 1 68 PHE 68 91  91  PHE PHE A . n 
A 1 69 SER 69 92  92  SER SER A . n 
A 1 70 VAL 70 93  93  VAL VAL A . n 
A 1 71 LYS 71 94  94  LYS LYS A . n 
A 1 72 GLU 72 95  95  GLU GLU A . n 
A 1 73 HIS 73 96  96  HIS HIS A . n 
A 1 74 ARG 74 97  97  ARG ARG A . n 
A 1 75 LYS 75 98  98  LYS LYS A . n 
A 1 76 ILE 76 99  99  ILE ILE A . n 
A 1 77 TYR 77 100 100 TYR TYR A . n 
A 1 78 THR 78 101 101 THR THR A . n 
A 1 79 MET 79 102 102 MET MET A . n 
A 1 80 ILE 80 103 103 ILE ILE A . n 
A 1 81 TYR 81 104 104 TYR TYR A . n 
A 1 82 ARG 82 105 105 ARG ARG A . n 
A 1 83 ASN 83 106 106 ASN ASN A . n 
A 1 84 LEU 84 107 107 LEU LEU A . n 
A 1 85 VAL 85 108 108 VAL VAL A . n 
A 1 86 VAL 86 109 109 VAL VAL A . n 
B 2 1  LEU 1  1   1   LEU LEU B . n 
B 2 2  THR 2  2   2   THR THR B . n 
B 2 3  PHE 3  3   3   PHE PHE B . n 
B 2 4  GLU 4  4   4   GLU GLU B . n 
B 2 5  GLN 5  5   5   GLN GLN B . n 
B 2 6  TYR 6  6   6   TYR TYR B . n 
B 2 7  TRP 7  7   7   TRP TRP B . n 
B 2 8  ALA 8  8   8   ALA ALA B . n 
B 2 9  GLN 9  9   9   GLN GLN B . n 
B 2 10 LEU 10 10  10  LEU LEU B . n 
B 2 11 GLU 11 11  11  GLU GLU B . n 
B 2 12 SER 12 12  12  SER SER B . n 
B 2 13 ALA 13 13  13  ALA ALA B . n 
B 2 14 ALA 14 14  14  ALA ALA B . n 
# 
loop_
_pdbx_nonpoly_scheme.asym_id 
_pdbx_nonpoly_scheme.entity_id 
_pdbx_nonpoly_scheme.mon_id 
_pdbx_nonpoly_scheme.ndb_seq_num 
_pdbx_nonpoly_scheme.pdb_seq_num 
_pdbx_nonpoly_scheme.auth_seq_num 
_pdbx_nonpoly_scheme.pdb_mon_id 
_pdbx_nonpoly_scheme.auth_mon_id 
_pdbx_nonpoly_scheme.pdb_strand_id 
_pdbx_nonpoly_scheme.pdb_ins_code 
C 3 HOH 1  201 23 HOH HOH A . 
C 3 HOH 2  202 2  HOH HOH A . 
C 3 HOH 3  203 10 HOH HOH A . 
C 3 HOH 4  204 22 HOH HOH A . 
C 3 HOH 5  205 19 HOH HOH A . 
C 3 HOH 6  206 13 HOH HOH A . 
C 3 HOH 7  207 21 HOH HOH A . 
C 3 HOH 8  208 1  HOH HOH A . 
C 3 HOH 9  209 11 HOH HOH A . 
C 3 HOH 10 210 16 HOH HOH A . 
C 3 HOH 11 211 5  HOH HOH A . 
C 3 HOH 12 212 20 HOH HOH A . 
C 3 HOH 13 213 15 HOH HOH A . 
C 3 HOH 14 214 24 HOH HOH A . 
C 3 HOH 15 215 12 HOH HOH A . 
C 3 HOH 16 216 18 HOH HOH A . 
C 3 HOH 17 217 27 HOH HOH A . 
C 3 HOH 18 218 6  HOH HOH A . 
C 3 HOH 19 219 7  HOH HOH A . 
C 3 HOH 20 220 3  HOH HOH A . 
C 3 HOH 21 221 4  HOH HOH A . 
C 3 HOH 22 222 26 HOH HOH A . 
C 3 HOH 23 223 9  HOH HOH A . 
D 3 HOH 1  101 14 HOH HOH B . 
D 3 HOH 2  102 8  HOH HOH B . 
# 
loop_
_software.citation_id 
_software.classification 
_software.compiler_name 
_software.compiler_version 
_software.contact_author 
_software.contact_author_email 
_software.date 
_software.description 
_software.dependencies 
_software.hardware 
_software.language 
_software.location 
_software.mods 
_software.name 
_software.os 
_software.os_version 
_software.type 
_software.version 
_software.pdbx_ordinal 
? refinement        ? ? ? ? ? ? ? ? ? ? ? REFMAC      ? ? ? refmac_5.8.0230 1 
? 'data reduction'  ? ? ? ? ? ? ? ? ? ? ? XDS         ? ? ? .               2 
? 'data scaling'    ? ? ? ? ? ? ? ? ? ? ? Aimless     ? ? ? 0.7.1           3 
? 'data extraction' ? ? ? ? ? ? ? ? ? ? ? PDB_EXTRACT ? ? ? 3.25            4 
? phasing           ? ? ? ? ? ? ? ? ? ? ? PHASER      ? ? ? .               5 
# 
_cell.angle_alpha                  90.000 
_cell.angle_alpha_esd              ? 
_cell.angle_beta                   90.000 
_cell.angle_beta_esd               ? 
_cell.angle_gamma                  120.000 
_cell.angle_gamma_esd              ? 
_cell.entry_id                     6T2E 
_cell.details                      ? 
_cell.formula_units_Z              ? 
_cell.length_a                     39.285 
_cell.length_a_esd                 ? 
_cell.length_b                     39.285 
_cell.length_b_esd                 ? 
_cell.length_c                     215.321 
_cell.length_c_esd                 ? 
_cell.volume                       ? 
_cell.volume_esd                   ? 
_cell.Z_PDB                        12 
_cell.reciprocal_angle_alpha       ? 
_cell.reciprocal_angle_beta        ? 
_cell.reciprocal_angle_gamma       ? 
_cell.reciprocal_angle_alpha_esd   ? 
_cell.reciprocal_angle_beta_esd    ? 
_cell.reciprocal_angle_gamma_esd   ? 
_cell.reciprocal_length_a          ? 
_cell.reciprocal_length_b          ? 
_cell.reciprocal_length_c          ? 
_cell.reciprocal_length_a_esd      ? 
_cell.reciprocal_length_b_esd      ? 
_cell.reciprocal_length_c_esd      ? 
_cell.pdbx_unique_axis             ? 
# 
_symmetry.entry_id                         6T2E 
_symmetry.cell_setting                     ? 
_symmetry.Int_Tables_number                178 
_symmetry.space_group_name_Hall            ? 
_symmetry.space_group_name_H-M             'P 61 2 2' 
_symmetry.pdbx_full_space_group_name_H-M   ? 
# 
_exptl.absorpt_coefficient_mu     ? 
_exptl.absorpt_correction_T_max   ? 
_exptl.absorpt_correction_T_min   ? 
_exptl.absorpt_correction_type    ? 
_exptl.absorpt_process_details    ? 
_exptl.entry_id                   6T2E 
_exptl.crystals_number            1 
_exptl.details                    ? 
_exptl.method                     'X-RAY DIFFRACTION' 
_exptl.method_details             ? 
# 
_exptl_crystal.colour                      ? 
_exptl_crystal.density_diffrn              ? 
_exptl_crystal.density_Matthews            2.02 
_exptl_crystal.density_method              ? 
_exptl_crystal.density_percent_sol         39.23 
_exptl_crystal.description                 ? 
_exptl_crystal.F_000                       ? 
_exptl_crystal.id                          1 
_exptl_crystal.preparation                 ? 
_exptl_crystal.size_max                    ? 
_exptl_crystal.size_mid                    ? 
_exptl_crystal.size_min                    ? 
_exptl_crystal.size_rad                    ? 
_exptl_crystal.colour_lustre               ? 
_exptl_crystal.colour_modifier             ? 
_exptl_crystal.colour_primary              ? 
_exptl_crystal.density_meas                ? 
_exptl_crystal.density_meas_esd            ? 
_exptl_crystal.density_meas_gt             ? 
_exptl_crystal.density_meas_lt             ? 
_exptl_crystal.density_meas_temp           ? 
_exptl_crystal.density_meas_temp_esd       ? 
_exptl_crystal.density_meas_temp_gt        ? 
_exptl_crystal.density_meas_temp_lt        ? 
_exptl_crystal.pdbx_crystal_image_url      ? 
_exptl_crystal.pdbx_crystal_image_format   ? 
_exptl_crystal.pdbx_mosaicity              ? 
_exptl_crystal.pdbx_mosaicity_esd          ? 
# 
_exptl_crystal_grow.apparatus       ? 
_exptl_crystal_grow.atmosphere      ? 
_exptl_crystal_grow.crystal_id      1 
_exptl_crystal_grow.details         ? 
_exptl_crystal_grow.method          'VAPOR DIFFUSION, SITTING DROP' 
_exptl_crystal_grow.method_ref      ? 
_exptl_crystal_grow.pH              8.2 
_exptl_crystal_grow.pressure        ? 
_exptl_crystal_grow.pressure_esd    ? 
_exptl_crystal_grow.seeding         ? 
_exptl_crystal_grow.seeding_ref     ? 
_exptl_crystal_grow.temp            295 
_exptl_crystal_grow.temp_details    ? 
_exptl_crystal_grow.temp_esd        ? 
_exptl_crystal_grow.time            ? 
_exptl_crystal_grow.pdbx_details    '0.056 M Sodium phosphate monobasic monohydrate, 1.344 M Potassium phosphate dibasic, pH8.2' 
_exptl_crystal_grow.pdbx_pH_range   ? 
# 
_diffrn.ambient_environment              ? 
_diffrn.ambient_temp                     100 
_diffrn.ambient_temp_details             ? 
_diffrn.ambient_temp_esd                 ? 
_diffrn.crystal_id                       1 
_diffrn.crystal_support                  ? 
_diffrn.crystal_treatment                ? 
_diffrn.details                          ? 
_diffrn.id                               1 
_diffrn.ambient_pressure                 ? 
_diffrn.ambient_pressure_esd             ? 
_diffrn.ambient_pressure_gt              ? 
_diffrn.ambient_pressure_lt              ? 
_diffrn.ambient_temp_gt                  ? 
_diffrn.ambient_temp_lt                  ? 
_diffrn.pdbx_serial_crystal_experiment   N 
# 
_diffrn_detector.details                      ? 
_diffrn_detector.detector                     PIXEL 
_diffrn_detector.diffrn_id                    1 
_diffrn_detector.type                         'DECTRIS PILATUS 6M-F' 
_diffrn_detector.area_resol_mean              ? 
_diffrn_detector.dtime                        ? 
_diffrn_detector.pdbx_frames_total            ? 
_diffrn_detector.pdbx_collection_time_total   ? 
_diffrn_detector.pdbx_collection_date         2018-06-16 
_diffrn_detector.pdbx_frequency               ? 
# 
_diffrn_radiation.collimation                      ? 
_diffrn_radiation.diffrn_id                        1 
_diffrn_radiation.filter_edge                      ? 
_diffrn_radiation.inhomogeneity                    ? 
_diffrn_radiation.monochromator                    ? 
_diffrn_radiation.polarisn_norm                    ? 
_diffrn_radiation.polarisn_ratio                   ? 
_diffrn_radiation.probe                            ? 
_diffrn_radiation.type                             ? 
_diffrn_radiation.xray_symbol                      ? 
_diffrn_radiation.wavelength_id                    1 
_diffrn_radiation.pdbx_monochromatic_or_laue_m_l   M 
_diffrn_radiation.pdbx_wavelength_list             ? 
_diffrn_radiation.pdbx_wavelength                  ? 
_diffrn_radiation.pdbx_diffrn_protocol             'SINGLE WAVELENGTH' 
_diffrn_radiation.pdbx_analyzer                    ? 
_diffrn_radiation.pdbx_scattering_type             x-ray 
# 
_diffrn_radiation_wavelength.id           1 
_diffrn_radiation_wavelength.wavelength   1.0332 
_diffrn_radiation_wavelength.wt           1.0 
# 
_diffrn_source.current                     ? 
_diffrn_source.details                     ? 
_diffrn_source.diffrn_id                   1 
_diffrn_source.power                       ? 
_diffrn_source.size                        ? 
_diffrn_source.source                      SYNCHROTRON 
_diffrn_source.target                      ? 
_diffrn_source.type                        'PETRA III, DESY BEAMLINE P11' 
_diffrn_source.voltage                     ? 
_diffrn_source.take-off_angle              ? 
_diffrn_source.pdbx_wavelength_list        1.0332 
_diffrn_source.pdbx_wavelength             ? 
_diffrn_source.pdbx_synchrotron_beamline   P11 
_diffrn_source.pdbx_synchrotron_site       'PETRA III, DESY' 
# 
_reflns.B_iso_Wilson_estimate            ? 
_reflns.entry_id                         6T2E 
_reflns.data_reduction_details           ? 
_reflns.data_reduction_method            ? 
_reflns.d_resolution_high                2.400 
_reflns.d_resolution_low                 43.060 
_reflns.details                          ? 
_reflns.limit_h_max                      ? 
_reflns.limit_h_min                      ? 
_reflns.limit_k_max                      ? 
_reflns.limit_k_min                      ? 
_reflns.limit_l_max                      ? 
_reflns.limit_l_min                      ? 
_reflns.number_all                       ? 
_reflns.number_obs                       4256 
_reflns.observed_criterion               ? 
_reflns.observed_criterion_F_max         ? 
_reflns.observed_criterion_F_min         ? 
_reflns.observed_criterion_I_max         ? 
_reflns.observed_criterion_I_min         ? 
_reflns.observed_criterion_sigma_F       ? 
_reflns.observed_criterion_sigma_I       ? 
_reflns.percent_possible_obs             95.300 
_reflns.R_free_details                   ? 
_reflns.Rmerge_F_all                     ? 
_reflns.Rmerge_F_obs                     ? 
_reflns.Friedel_coverage                 ? 
_reflns.number_gt                        ? 
_reflns.threshold_expression             ? 
_reflns.pdbx_redundancy                  5.700 
_reflns.pdbx_Rmerge_I_obs                0.041 
_reflns.pdbx_Rmerge_I_all                ? 
_reflns.pdbx_Rsym_value                  ? 
_reflns.pdbx_netI_over_av_sigmaI         ? 
_reflns.pdbx_netI_over_sigmaI            31.300 
_reflns.pdbx_res_netI_over_av_sigmaI_2   ? 
_reflns.pdbx_res_netI_over_sigmaI_2      ? 
_reflns.pdbx_chi_squared                 ? 
_reflns.pdbx_scaling_rejects             1 
_reflns.pdbx_d_res_high_opt              ? 
_reflns.pdbx_d_res_low_opt               ? 
_reflns.pdbx_d_res_opt_method            ? 
_reflns.phase_calculation_details        ? 
_reflns.pdbx_Rrim_I_all                  0.044 
_reflns.pdbx_Rpim_I_all                  0.017 
_reflns.pdbx_d_opt                       ? 
_reflns.pdbx_number_measured_all         24240 
_reflns.pdbx_diffrn_id                   1 
_reflns.pdbx_ordinal                     1 
_reflns.pdbx_CC_half                     0.999 
_reflns.pdbx_CC_star                     ? 
_reflns.pdbx_R_split                     ? 
# 
loop_
_reflns_shell.d_res_high 
_reflns_shell.d_res_low 
_reflns_shell.meanI_over_sigI_all 
_reflns_shell.meanI_over_sigI_obs 
_reflns_shell.number_measured_all 
_reflns_shell.number_measured_obs 
_reflns_shell.number_possible 
_reflns_shell.number_unique_all 
_reflns_shell.number_unique_obs 
_reflns_shell.percent_possible_all 
_reflns_shell.percent_possible_obs 
_reflns_shell.Rmerge_F_all 
_reflns_shell.Rmerge_F_obs 
_reflns_shell.Rmerge_I_all 
_reflns_shell.Rmerge_I_obs 
_reflns_shell.meanI_over_sigI_gt 
_reflns_shell.meanI_over_uI_all 
_reflns_shell.meanI_over_uI_gt 
_reflns_shell.number_measured_gt 
_reflns_shell.number_unique_gt 
_reflns_shell.percent_possible_gt 
_reflns_shell.Rmerge_F_gt 
_reflns_shell.Rmerge_I_gt 
_reflns_shell.pdbx_redundancy 
_reflns_shell.pdbx_Rsym_value 
_reflns_shell.pdbx_chi_squared 
_reflns_shell.pdbx_netI_over_sigmaI_all 
_reflns_shell.pdbx_netI_over_sigmaI_obs 
_reflns_shell.pdbx_Rrim_I_all 
_reflns_shell.pdbx_Rpim_I_all 
_reflns_shell.pdbx_rejects 
_reflns_shell.pdbx_ordinal 
_reflns_shell.pdbx_diffrn_id 
_reflns_shell.pdbx_CC_half 
_reflns_shell.pdbx_CC_star 
_reflns_shell.pdbx_R_split 
2.400 2.490  ? ? 2603 ? ? ? 436 97.000 ? ? ? ? 0.126 ? ? ? ? ? ? ? ? 6.000 ? ? ? 13.800 0.136 0.049 ? 1 1 0.991 ? ? 
8.980 43.060 ? ? 451  ? ? ? 117 87.600 ? ? ? ? 0.019 ? ? ? ? ? ? ? ? 3.900 ? ? ? 47.700 0.022 0.010 ? 2 1 1.000 ? ? 
# 
_refine.aniso_B[1][1]                            -0.0300 
_refine.aniso_B[1][2]                            -0.0200 
_refine.aniso_B[1][3]                            0.0000 
_refine.aniso_B[2][2]                            -0.0300 
_refine.aniso_B[2][3]                            0.0000 
_refine.aniso_B[3][3]                            0.1100 
_refine.B_iso_max                                68.110 
_refine.B_iso_mean                               26.4010 
_refine.B_iso_min                                12.410 
_refine.correlation_coeff_Fo_to_Fc               0.9290 
_refine.correlation_coeff_Fo_to_Fc_free          0.8690 
_refine.details                                  'HYDROGENS HAVE BEEN ADDED IN THE RIDING POSITIONS U VALUES      : WITH TLS ADDED' 
_refine.diff_density_max                         ? 
_refine.diff_density_max_esd                     ? 
_refine.diff_density_min                         ? 
_refine.diff_density_min_esd                     ? 
_refine.diff_density_rms                         ? 
_refine.diff_density_rms_esd                     ? 
_refine.entry_id                                 6T2E 
_refine.pdbx_refine_id                           'X-RAY DIFFRACTION' 
_refine.ls_abs_structure_details                 ? 
_refine.ls_abs_structure_Flack                   ? 
_refine.ls_abs_structure_Flack_esd               ? 
_refine.ls_abs_structure_Rogers                  ? 
_refine.ls_abs_structure_Rogers_esd              ? 
_refine.ls_d_res_high                            2.4000 
_refine.ls_d_res_low                             34.0400 
_refine.ls_extinction_coef                       ? 
_refine.ls_extinction_coef_esd                   ? 
_refine.ls_extinction_expression                 ? 
_refine.ls_extinction_method                     ? 
_refine.ls_goodness_of_fit_all                   ? 
_refine.ls_goodness_of_fit_all_esd               ? 
_refine.ls_goodness_of_fit_obs                   ? 
_refine.ls_goodness_of_fit_obs_esd               ? 
_refine.ls_hydrogen_treatment                    ? 
_refine.ls_matrix_type                           ? 
_refine.ls_number_constraints                    ? 
_refine.ls_number_parameters                     ? 
_refine.ls_number_reflns_all                     ? 
_refine.ls_number_reflns_obs                     3980 
_refine.ls_number_reflns_R_free                  186 
_refine.ls_number_reflns_R_work                  ? 
_refine.ls_number_restraints                     ? 
_refine.ls_percent_reflns_obs                    94.1000 
_refine.ls_percent_reflns_R_free                 4.5000 
_refine.ls_R_factor_all                          ? 
_refine.ls_R_factor_obs                          0.2157 
_refine.ls_R_factor_R_free                       0.2902 
_refine.ls_R_factor_R_free_error                 ? 
_refine.ls_R_factor_R_free_error_details         ? 
_refine.ls_R_factor_R_work                       0.2124 
_refine.ls_R_Fsqd_factor_obs                     ? 
_refine.ls_R_I_factor_obs                        ? 
_refine.ls_redundancy_reflns_all                 ? 
_refine.ls_redundancy_reflns_obs                 ? 
_refine.ls_restrained_S_all                      ? 
_refine.ls_restrained_S_obs                      ? 
_refine.ls_shift_over_esd_max                    ? 
_refine.ls_shift_over_esd_mean                   ? 
_refine.ls_structure_factor_coef                 ? 
_refine.ls_weighting_details                     ? 
_refine.ls_weighting_scheme                      ? 
_refine.ls_wR_factor_all                         ? 
_refine.ls_wR_factor_obs                         ? 
_refine.ls_wR_factor_R_free                      ? 
_refine.ls_wR_factor_R_work                      ? 
_refine.occupancy_max                            ? 
_refine.occupancy_min                            ? 
_refine.solvent_model_details                    ? 
_refine.solvent_model_param_bsol                 ? 
_refine.solvent_model_param_ksol                 ? 
_refine.pdbx_R_complete                          ? 
_refine.ls_R_factor_gt                           ? 
_refine.ls_goodness_of_fit_gt                    ? 
_refine.ls_goodness_of_fit_ref                   ? 
_refine.ls_shift_over_su_max                     ? 
_refine.ls_shift_over_su_max_lt                  ? 
_refine.ls_shift_over_su_mean                    ? 
_refine.ls_shift_over_su_mean_lt                 ? 
_refine.pdbx_ls_sigma_I                          ? 
_refine.pdbx_ls_sigma_F                          0.000 
_refine.pdbx_ls_sigma_Fsqd                       ? 
_refine.pdbx_data_cutoff_high_absF               ? 
_refine.pdbx_data_cutoff_high_rms_absF           ? 
_refine.pdbx_data_cutoff_low_absF                ? 
_refine.pdbx_isotropic_thermal_model             ? 
_refine.pdbx_ls_cross_valid_method               THROUGHOUT 
_refine.pdbx_method_to_determine_struct          'MOLECULAR REPLACEMENT' 
_refine.pdbx_starting_model                      1RV1 
_refine.pdbx_stereochemistry_target_values       ? 
_refine.pdbx_R_Free_selection_details            RANDOM 
_refine.pdbx_stereochem_target_val_spec_case     ? 
_refine.pdbx_overall_ESU_R                       0.6370 
_refine.pdbx_overall_ESU_R_Free                  0.3330 
_refine.pdbx_solvent_vdw_probe_radii             1.2000 
_refine.pdbx_solvent_ion_probe_radii             0.8000 
_refine.pdbx_solvent_shrinkage_radii             0.8000 
_refine.pdbx_real_space_R                        ? 
_refine.pdbx_density_correlation                 ? 
_refine.pdbx_pd_number_of_powder_patterns        ? 
_refine.pdbx_pd_number_of_points                 ? 
_refine.pdbx_pd_meas_number_of_points            ? 
_refine.pdbx_pd_proc_ls_prof_R_factor            ? 
_refine.pdbx_pd_proc_ls_prof_wR_factor           ? 
_refine.pdbx_pd_Marquardt_correlation_coeff      ? 
_refine.pdbx_pd_Fsqrd_R_factor                   ? 
_refine.pdbx_pd_ls_matrix_band_width             ? 
_refine.pdbx_overall_phase_error                 ? 
_refine.pdbx_overall_SU_R_free_Cruickshank_DPI   ? 
_refine.pdbx_overall_SU_R_free_Blow_DPI          ? 
_refine.pdbx_overall_SU_R_Blow_DPI               ? 
_refine.pdbx_TLS_residual_ADP_flag               ? 
_refine.pdbx_diffrn_id                           1 
_refine.overall_SU_B                             20.3630 
_refine.overall_SU_ML                            0.2300 
_refine.overall_SU_R_Cruickshank_DPI             ? 
_refine.overall_SU_R_free                        ? 
_refine.overall_FOM_free_R_set                   ? 
_refine.overall_FOM_work_R_set                   ? 
_refine.pdbx_average_fsc_overall                 ? 
_refine.pdbx_average_fsc_work                    ? 
_refine.pdbx_average_fsc_free                    ? 
# 
_refine_hist.pdbx_refine_id                   'X-RAY DIFFRACTION' 
_refine_hist.cycle_id                         final 
_refine_hist.details                          ? 
_refine_hist.d_res_high                       2.4000 
_refine_hist.d_res_low                        34.0400 
_refine_hist.number_atoms_solvent             25 
_refine_hist.number_atoms_total               849 
_refine_hist.number_reflns_all                ? 
_refine_hist.number_reflns_obs                ? 
_refine_hist.number_reflns_R_free             ? 
_refine_hist.number_reflns_R_work             ? 
_refine_hist.R_factor_all                     ? 
_refine_hist.R_factor_obs                     ? 
_refine_hist.R_factor_R_free                  ? 
_refine_hist.R_factor_R_work                  ? 
_refine_hist.pdbx_number_residues_total       99 
_refine_hist.pdbx_B_iso_mean_ligand           ? 
_refine_hist.pdbx_B_iso_mean_solvent          25.74 
_refine_hist.pdbx_number_atoms_protein        824 
_refine_hist.pdbx_number_atoms_nucleic_acid   0 
_refine_hist.pdbx_number_atoms_ligand         0 
_refine_hist.pdbx_number_atoms_lipid          ? 
_refine_hist.pdbx_number_atoms_carb           ? 
_refine_hist.pdbx_pseudo_atom_details         ? 
# 
loop_
_refine_ls_restr.pdbx_refine_id 
_refine_ls_restr.criterion 
_refine_ls_restr.dev_ideal 
_refine_ls_restr.dev_ideal_target 
_refine_ls_restr.number 
_refine_ls_restr.rejects 
_refine_ls_restr.type 
_refine_ls_restr.weight 
_refine_ls_restr.pdbx_restraint_function 
'X-RAY DIFFRACTION' ? 0.014  0.014  841  ? r_bond_refined_d       ? ? 
'X-RAY DIFFRACTION' ? 0.001  0.017  791  ? r_bond_other_d         ? ? 
'X-RAY DIFFRACTION' ? 1.642  1.660  1134 ? r_angle_refined_deg    ? ? 
'X-RAY DIFFRACTION' ? 0.909  1.635  1847 ? r_angle_other_deg      ? ? 
'X-RAY DIFFRACTION' ? 7.579  5.000  97   ? r_dihedral_angle_1_deg ? ? 
'X-RAY DIFFRACTION' ? 42.364 22.619 42   ? r_dihedral_angle_2_deg ? ? 
'X-RAY DIFFRACTION' ? 16.618 15.000 160  ? r_dihedral_angle_3_deg ? ? 
'X-RAY DIFFRACTION' ? 23.381 15.000 4    ? r_dihedral_angle_4_deg ? ? 
'X-RAY DIFFRACTION' ? 0.086  0.200  105  ? r_chiral_restr         ? ? 
'X-RAY DIFFRACTION' ? 0.008  0.020  904  ? r_gen_planes_refined   ? ? 
'X-RAY DIFFRACTION' ? 0.002  0.020  160  ? r_gen_planes_other     ? ? 
# 
_refine_ls_shell.pdbx_refine_id                   'X-RAY DIFFRACTION' 
_refine_ls_shell.d_res_high                       2.4000 
_refine_ls_shell.d_res_low                        2.4620 
_refine_ls_shell.number_reflns_all                315 
_refine_ls_shell.number_reflns_obs                ? 
_refine_ls_shell.number_reflns_R_free             20 
_refine_ls_shell.number_reflns_R_work             295 
_refine_ls_shell.percent_reflns_obs               95.7400 
_refine_ls_shell.percent_reflns_R_free            ? 
_refine_ls_shell.R_factor_all                     ? 
_refine_ls_shell.R_factor_obs                     ? 
_refine_ls_shell.R_factor_R_free                  0.3690 
_refine_ls_shell.R_factor_R_free_error            0.0000 
_refine_ls_shell.R_factor_R_work                  0.2150 
_refine_ls_shell.redundancy_reflns_all            ? 
_refine_ls_shell.redundancy_reflns_obs            ? 
_refine_ls_shell.wR_factor_all                    ? 
_refine_ls_shell.wR_factor_obs                    ? 
_refine_ls_shell.wR_factor_R_free                 ? 
_refine_ls_shell.wR_factor_R_work                 ? 
_refine_ls_shell.pdbx_R_complete                  ? 
_refine_ls_shell.pdbx_total_number_of_bins_used   20 
_refine_ls_shell.pdbx_phase_error                 ? 
_refine_ls_shell.pdbx_fsc_work                    ? 
_refine_ls_shell.pdbx_fsc_free                    ? 
# 
_struct.entry_id                     6T2E 
_struct.title                        
'Multicomponent Peptide Stapling as a Diversity-Driven Tool for the Development of Inhibitors of Protein-Protein Interactions' 
_struct.pdbx_model_details           ? 
_struct.pdbx_formula_weight          ? 
_struct.pdbx_formula_weight_method   ? 
_struct.pdbx_model_type_details      ? 
_struct.pdbx_CASP_flag               N 
# 
_struct_keywords.entry_id        6T2E 
_struct_keywords.text            
'Inhibitor, Complex, MDM2, Stapled peptides, Ugi MCR-based macrocyclizations, PEPTIDE BINDING PROTEIN' 
_struct_keywords.pdbx_keywords   'PEPTIDE BINDING PROTEIN' 
# 
loop_
_struct_asym.id 
_struct_asym.pdbx_blank_PDB_chainid_flag 
_struct_asym.pdbx_modified 
_struct_asym.entity_id 
_struct_asym.details 
A N N 1 ? 
B N N 2 ? 
C N N 3 ? 
D N N 3 ? 
# 
loop_
_struct_ref.id 
_struct_ref.db_name 
_struct_ref.db_code 
_struct_ref.pdbx_db_accession 
_struct_ref.pdbx_db_isoform 
_struct_ref.entity_id 
_struct_ref.pdbx_seq_one_letter_code 
_struct_ref.pdbx_align_begin 
1 UNP MDM2_HUMAN Q00987 ? 1 
;ETLVRPKPLLLKLLKSVGAQKDTYTMKEVLFYLGQYIMTKRLYDEKQQHIVYCSNDLLGDLFGVPSFSVKEHRKIYTMIY
RNLVV
;
25 
2 PDB 6T2E       6T2E   ? 2 ?                                                                                        1  
# 
loop_
_struct_ref_seq.align_id 
_struct_ref_seq.ref_id 
_struct_ref_seq.pdbx_PDB_id_code 
_struct_ref_seq.pdbx_strand_id 
_struct_ref_seq.seq_align_beg 
_struct_ref_seq.pdbx_seq_align_beg_ins_code 
_struct_ref_seq.seq_align_end 
_struct_ref_seq.pdbx_seq_align_end_ins_code 
_struct_ref_seq.pdbx_db_accession 
_struct_ref_seq.db_align_beg 
_struct_ref_seq.pdbx_db_align_beg_ins_code 
_struct_ref_seq.db_align_end 
_struct_ref_seq.pdbx_db_align_end_ins_code 
_struct_ref_seq.pdbx_auth_seq_align_beg 
_struct_ref_seq.pdbx_auth_seq_align_end 
1 1 6T2E A 2 ? 86 ? Q00987 25 ? 109 ? 25 109 
2 2 6T2E B 1 ? 14 ? 6T2E   1  ? 14  ? 1  14  
# 
loop_
_struct_ref_seq_dif.align_id 
_struct_ref_seq_dif.pdbx_pdb_id_code 
_struct_ref_seq_dif.mon_id 
_struct_ref_seq_dif.pdbx_pdb_strand_id 
_struct_ref_seq_dif.seq_num 
_struct_ref_seq_dif.pdbx_pdb_ins_code 
_struct_ref_seq_dif.pdbx_seq_db_name 
_struct_ref_seq_dif.pdbx_seq_db_accession_code 
_struct_ref_seq_dif.db_mon_id 
_struct_ref_seq_dif.pdbx_seq_db_seq_num 
_struct_ref_seq_dif.details 
_struct_ref_seq_dif.pdbx_auth_seq_num 
_struct_ref_seq_dif.pdbx_ordinal 
1 6T2E MET A 1  ? UNP Q00987 ?   ?  'initiating methionine' 24 1 
1 6T2E GLU A 10 ? UNP Q00987 LEU 33 'engineered mutation'   33 2 
# 
_pdbx_struct_assembly.id                   1 
_pdbx_struct_assembly.details              author_and_software_defined_assembly 
_pdbx_struct_assembly.method_details       PISA 
_pdbx_struct_assembly.oligomeric_details   dimeric 
_pdbx_struct_assembly.oligomeric_count     2 
# 
loop_
_pdbx_struct_assembly_prop.biol_id 
_pdbx_struct_assembly_prop.type 
_pdbx_struct_assembly_prop.value 
_pdbx_struct_assembly_prop.details 
1 'ABSA (A^2)' 1380 ? 
1 MORE         -15  ? 
1 'SSA (A^2)'  5910 ? 
# 
_pdbx_struct_assembly_gen.assembly_id       1 
_pdbx_struct_assembly_gen.oper_expression   1 
_pdbx_struct_assembly_gen.asym_id_list      A,B,C,D 
# 
_pdbx_struct_assembly_auth_evidence.id                     1 
_pdbx_struct_assembly_auth_evidence.assembly_id            1 
_pdbx_struct_assembly_auth_evidence.experimental_support   none 
_pdbx_struct_assembly_auth_evidence.details                'MST, Microscale Thermophoresis' 
# 
_pdbx_struct_oper_list.id                   1 
_pdbx_struct_oper_list.type                 'identity operation' 
_pdbx_struct_oper_list.name                 1_555 
_pdbx_struct_oper_list.symmetry_operation   x,y,z 
_pdbx_struct_oper_list.matrix[1][1]         1.0000000000 
_pdbx_struct_oper_list.matrix[1][2]         0.0000000000 
_pdbx_struct_oper_list.matrix[1][3]         0.0000000000 
_pdbx_struct_oper_list.vector[1]            0.0000000000 
_pdbx_struct_oper_list.matrix[2][1]         0.0000000000 
_pdbx_struct_oper_list.matrix[2][2]         1.0000000000 
_pdbx_struct_oper_list.matrix[2][3]         0.0000000000 
_pdbx_struct_oper_list.vector[2]            0.0000000000 
_pdbx_struct_oper_list.matrix[3][1]         0.0000000000 
_pdbx_struct_oper_list.matrix[3][2]         0.0000000000 
_pdbx_struct_oper_list.matrix[3][3]         1.0000000000 
_pdbx_struct_oper_list.vector[3]            0.0000000000 
# 
loop_
_struct_conf.conf_type_id 
_struct_conf.id 
_struct_conf.pdbx_PDB_helix_id 
_struct_conf.beg_label_comp_id 
_struct_conf.beg_label_asym_id 
_struct_conf.beg_label_seq_id 
_struct_conf.pdbx_beg_PDB_ins_code 
_struct_conf.end_label_comp_id 
_struct_conf.end_label_asym_id 
_struct_conf.end_label_seq_id 
_struct_conf.pdbx_end_PDB_ins_code 
_struct_conf.beg_auth_comp_id 
_struct_conf.beg_auth_asym_id 
_struct_conf.beg_auth_seq_id 
_struct_conf.end_auth_comp_id 
_struct_conf.end_auth_asym_id 
_struct_conf.end_auth_seq_id 
_struct_conf.pdbx_PDB_helix_class 
_struct_conf.details 
_struct_conf.pdbx_PDB_helix_length 
HELX_P HELX_P1 AA1 LYS A 8  ? VAL A 18 ? LYS A 31 VAL A 41  1 ? 11 
HELX_P HELX_P2 AA2 MET A 27 ? LYS A 41 ? MET A 50 LYS A 64  1 ? 15 
HELX_P HELX_P3 AA3 ASP A 57 ? GLY A 64 ? ASP A 80 GLY A 87  1 ? 8  
HELX_P HELX_P4 AA4 GLU A 72 ? ASN A 83 ? GLU A 95 ASN A 106 1 ? 12 
HELX_P HELX_P5 AA5 THR B 2  ? SER B 12 ? THR B 2  SER B 12  1 ? 11 
# 
_struct_conf_type.id          HELX_P 
_struct_conf_type.criteria    ? 
_struct_conf_type.reference   ? 
# 
loop_
_struct_sheet.id 
_struct_sheet.type 
_struct_sheet.number_strands 
_struct_sheet.details 
AA1 ? 3 ? 
AA2 ? 2 ? 
# 
loop_
_struct_sheet_order.sheet_id 
_struct_sheet_order.range_id_1 
_struct_sheet_order.range_id_2 
_struct_sheet_order.offset 
_struct_sheet_order.sense 
AA1 1 2 ? anti-parallel 
AA1 2 3 ? anti-parallel 
AA2 1 2 ? anti-parallel 
# 
loop_
_struct_sheet_range.sheet_id 
_struct_sheet_range.id 
_struct_sheet_range.beg_label_comp_id 
_struct_sheet_range.beg_label_asym_id 
_struct_sheet_range.beg_label_seq_id 
_struct_sheet_range.pdbx_beg_PDB_ins_code 
_struct_sheet_range.end_label_comp_id 
_struct_sheet_range.end_label_asym_id 
_struct_sheet_range.end_label_seq_id 
_struct_sheet_range.pdbx_end_PDB_ins_code 
_struct_sheet_range.beg_auth_comp_id 
_struct_sheet_range.beg_auth_asym_id 
_struct_sheet_range.beg_auth_seq_id 
_struct_sheet_range.end_auth_comp_id 
_struct_sheet_range.end_auth_asym_id 
_struct_sheet_range.end_auth_seq_id 
AA1 1 TYR A 25 ? THR A 26 ? TYR A 48  THR A 49  
AA1 2 LEU A 4  ? PRO A 7  ? LEU A 27  PRO A 30  
AA1 3 LEU A 84 ? VAL A 85 ? LEU A 107 VAL A 108 
AA2 1 ILE A 51 ? TYR A 53 ? ILE A 74  TYR A 76  
AA2 2 SER A 67 ? SER A 69 ? SER A 90  SER A 92  
# 
loop_
_pdbx_struct_sheet_hbond.sheet_id 
_pdbx_struct_sheet_hbond.range_id_1 
_pdbx_struct_sheet_hbond.range_id_2 
_pdbx_struct_sheet_hbond.range_1_label_atom_id 
_pdbx_struct_sheet_hbond.range_1_label_comp_id 
_pdbx_struct_sheet_hbond.range_1_label_asym_id 
_pdbx_struct_sheet_hbond.range_1_label_seq_id 
_pdbx_struct_sheet_hbond.range_1_PDB_ins_code 
_pdbx_struct_sheet_hbond.range_1_auth_atom_id 
_pdbx_struct_sheet_hbond.range_1_auth_comp_id 
_pdbx_struct_sheet_hbond.range_1_auth_asym_id 
_pdbx_struct_sheet_hbond.range_1_auth_seq_id 
_pdbx_struct_sheet_hbond.range_2_label_atom_id 
_pdbx_struct_sheet_hbond.range_2_label_comp_id 
_pdbx_struct_sheet_hbond.range_2_label_asym_id 
_pdbx_struct_sheet_hbond.range_2_label_seq_id 
_pdbx_struct_sheet_hbond.range_2_PDB_ins_code 
_pdbx_struct_sheet_hbond.range_2_auth_atom_id 
_pdbx_struct_sheet_hbond.range_2_auth_comp_id 
_pdbx_struct_sheet_hbond.range_2_auth_asym_id 
_pdbx_struct_sheet_hbond.range_2_auth_seq_id 
AA1 1 2 O TYR A 25 ? O TYR A 48 N VAL A 5  ? N VAL A 28  
AA1 2 3 N ARG A 6  ? N ARG A 29 O VAL A 85 ? O VAL A 108 
AA2 1 2 N VAL A 52 ? N VAL A 75 O PHE A 68 ? O PHE A 91  
# 
_pdbx_validate_torsion.id              1 
_pdbx_validate_torsion.PDB_model_num   1 
_pdbx_validate_torsion.auth_comp_id    ASN 
_pdbx_validate_torsion.auth_asym_id    A 
_pdbx_validate_torsion.auth_seq_id     79 
_pdbx_validate_torsion.PDB_ins_code    ? 
_pdbx_validate_torsion.label_alt_id    ? 
_pdbx_validate_torsion.phi             71.29 
_pdbx_validate_torsion.psi             45.08 
# 
_pdbx_validate_planes.id              1 
_pdbx_validate_planes.PDB_model_num   1 
_pdbx_validate_planes.auth_comp_id    ARG 
_pdbx_validate_planes.auth_asym_id    A 
_pdbx_validate_planes.auth_seq_id     105 
_pdbx_validate_planes.PDB_ins_code    ? 
_pdbx_validate_planes.label_alt_id    ? 
_pdbx_validate_planes.rmsd            0.096 
_pdbx_validate_planes.type            'SIDE CHAIN' 
# 
loop_
_pdbx_refine_tls.id 
_pdbx_refine_tls.pdbx_refine_id 
_pdbx_refine_tls.details 
_pdbx_refine_tls.method 
_pdbx_refine_tls.origin_x 
_pdbx_refine_tls.origin_y 
_pdbx_refine_tls.origin_z 
_pdbx_refine_tls.T[1][1] 
_pdbx_refine_tls.T[1][1]_esd 
_pdbx_refine_tls.T[1][2] 
_pdbx_refine_tls.T[1][2]_esd 
_pdbx_refine_tls.T[1][3] 
_pdbx_refine_tls.T[1][3]_esd 
_pdbx_refine_tls.T[2][2] 
_pdbx_refine_tls.T[2][2]_esd 
_pdbx_refine_tls.T[2][3] 
_pdbx_refine_tls.T[2][3]_esd 
_pdbx_refine_tls.T[3][3] 
_pdbx_refine_tls.T[3][3]_esd 
_pdbx_refine_tls.L[1][1] 
_pdbx_refine_tls.L[1][1]_esd 
_pdbx_refine_tls.L[1][2] 
_pdbx_refine_tls.L[1][2]_esd 
_pdbx_refine_tls.L[1][3] 
_pdbx_refine_tls.L[1][3]_esd 
_pdbx_refine_tls.L[2][2] 
_pdbx_refine_tls.L[2][2]_esd 
_pdbx_refine_tls.L[2][3] 
_pdbx_refine_tls.L[2][3]_esd 
_pdbx_refine_tls.L[3][3] 
_pdbx_refine_tls.L[3][3]_esd 
_pdbx_refine_tls.S[1][1] 
_pdbx_refine_tls.S[1][1]_esd 
_pdbx_refine_tls.S[1][2] 
_pdbx_refine_tls.S[1][2]_esd 
_pdbx_refine_tls.S[1][3] 
_pdbx_refine_tls.S[1][3]_esd 
_pdbx_refine_tls.S[2][1] 
_pdbx_refine_tls.S[2][1]_esd 
_pdbx_refine_tls.S[2][2] 
_pdbx_refine_tls.S[2][2]_esd 
_pdbx_refine_tls.S[2][3] 
_pdbx_refine_tls.S[2][3]_esd 
_pdbx_refine_tls.S[3][1] 
_pdbx_refine_tls.S[3][1]_esd 
_pdbx_refine_tls.S[3][2] 
_pdbx_refine_tls.S[3][2]_esd 
_pdbx_refine_tls.S[3][3] 
_pdbx_refine_tls.S[3][3]_esd 
1 'X-RAY DIFFRACTION' ? refined -1.1213 0.6583  0.7983  0.0161 ? -0.0029 ? 0.0020 ? 0.0256 ? -0.0142 ? 0.0108 ? 2.6357 ? 0.8023 ? 0.1838  ? 1.2204 ? 0.0524  ? 0.2694 ? 0.0683  ? -0.0310 ? 0.0100  ? 0.0342  ? -0.0353 ? 0.0202  ? -0.0074 ? 0.0101  ? -0.0330 ? 
2 'X-RAY DIFFRACTION' ? refined 7.4937  -5.0511 -5.3361 0.0592 ? -0.0085 ? 0.0325 ? 0.0743 ? 0.0120  ? 0.0284 ? 9.0051 ? 7.2679 ? -1.1187 ? 6.2169 ? -1.4934 ? 1.1373 ? -0.5451 ? 0.4511  ? -0.1007 ? -0.4688 ? 0.4610  ? -0.1144 ? 0.1214  ? -0.1991 ? 0.0842  ? 
# 
loop_
_pdbx_refine_tls_group.id 
_pdbx_refine_tls_group.pdbx_refine_id 
_pdbx_refine_tls_group.refine_tls_id 
_pdbx_refine_tls_group.beg_label_asym_id 
_pdbx_refine_tls_group.beg_label_seq_id 
_pdbx_refine_tls_group.beg_auth_asym_id 
_pdbx_refine_tls_group.beg_auth_seq_id 
_pdbx_refine_tls_group.end_label_asym_id 
_pdbx_refine_tls_group.end_label_seq_id 
_pdbx_refine_tls_group.end_auth_asym_id 
_pdbx_refine_tls_group.end_auth_seq_id 
_pdbx_refine_tls_group.selection 
_pdbx_refine_tls_group.selection_details 
1 'X-RAY DIFFRACTION' 1 ? ? A 25 ? ? A 109 ? ? 
2 'X-RAY DIFFRACTION' 2 ? ? B 1  ? ? B 14  ? ? 
# 
_pdbx_unobs_or_zero_occ_residues.id               1 
_pdbx_unobs_or_zero_occ_residues.PDB_model_num    1 
_pdbx_unobs_or_zero_occ_residues.polymer_flag     Y 
_pdbx_unobs_or_zero_occ_residues.occupancy_flag   1 
_pdbx_unobs_or_zero_occ_residues.auth_asym_id     A 
_pdbx_unobs_or_zero_occ_residues.auth_comp_id     MET 
_pdbx_unobs_or_zero_occ_residues.auth_seq_id      24 
_pdbx_unobs_or_zero_occ_residues.PDB_ins_code     ? 
_pdbx_unobs_or_zero_occ_residues.label_asym_id    A 
_pdbx_unobs_or_zero_occ_residues.label_comp_id    MET 
_pdbx_unobs_or_zero_occ_residues.label_seq_id     1 
# 
loop_
_chem_comp_atom.comp_id 
_chem_comp_atom.atom_id 
_chem_comp_atom.type_symbol 
_chem_comp_atom.pdbx_aromatic_flag 
_chem_comp_atom.pdbx_stereo_config 
_chem_comp_atom.pdbx_ordinal 
ALA N    N N N 1   
ALA CA   C N S 2   
ALA C    C N N 3   
ALA O    O N N 4   
ALA CB   C N N 5   
ALA OXT  O N N 6   
ALA H    H N N 7   
ALA H2   H N N 8   
ALA HA   H N N 9   
ALA HB1  H N N 10  
ALA HB2  H N N 11  
ALA HB3  H N N 12  
ALA HXT  H N N 13  
ARG N    N N N 14  
ARG CA   C N S 15  
ARG C    C N N 16  
ARG O    O N N 17  
ARG CB   C N N 18  
ARG CG   C N N 19  
ARG CD   C N N 20  
ARG NE   N N N 21  
ARG CZ   C N N 22  
ARG NH1  N N N 23  
ARG NH2  N N N 24  
ARG OXT  O N N 25  
ARG H    H N N 26  
ARG H2   H N N 27  
ARG HA   H N N 28  
ARG HB2  H N N 29  
ARG HB3  H N N 30  
ARG HG2  H N N 31  
ARG HG3  H N N 32  
ARG HD2  H N N 33  
ARG HD3  H N N 34  
ARG HE   H N N 35  
ARG HH11 H N N 36  
ARG HH12 H N N 37  
ARG HH21 H N N 38  
ARG HH22 H N N 39  
ARG HXT  H N N 40  
ASN N    N N N 41  
ASN CA   C N S 42  
ASN C    C N N 43  
ASN O    O N N 44  
ASN CB   C N N 45  
ASN CG   C N N 46  
ASN OD1  O N N 47  
ASN ND2  N N N 48  
ASN OXT  O N N 49  
ASN H    H N N 50  
ASN H2   H N N 51  
ASN HA   H N N 52  
ASN HB2  H N N 53  
ASN HB3  H N N 54  
ASN HD21 H N N 55  
ASN HD22 H N N 56  
ASN HXT  H N N 57  
ASP N    N N N 58  
ASP CA   C N S 59  
ASP C    C N N 60  
ASP O    O N N 61  
ASP CB   C N N 62  
ASP CG   C N N 63  
ASP OD1  O N N 64  
ASP OD2  O N N 65  
ASP OXT  O N N 66  
ASP H    H N N 67  
ASP H2   H N N 68  
ASP HA   H N N 69  
ASP HB2  H N N 70  
ASP HB3  H N N 71  
ASP HD2  H N N 72  
ASP HXT  H N N 73  
CYS N    N N N 74  
CYS CA   C N R 75  
CYS C    C N N 76  
CYS O    O N N 77  
CYS CB   C N N 78  
CYS SG   S N N 79  
CYS OXT  O N N 80  
CYS H    H N N 81  
CYS H2   H N N 82  
CYS HA   H N N 83  
CYS HB2  H N N 84  
CYS HB3  H N N 85  
CYS HG   H N N 86  
CYS HXT  H N N 87  
GLN N    N N N 88  
GLN CA   C N S 89  
GLN C    C N N 90  
GLN O    O N N 91  
GLN CB   C N N 92  
GLN CG   C N N 93  
GLN CD   C N N 94  
GLN OE1  O N N 95  
GLN NE2  N N N 96  
GLN OXT  O N N 97  
GLN H    H N N 98  
GLN H2   H N N 99  
GLN HA   H N N 100 
GLN HB2  H N N 101 
GLN HB3  H N N 102 
GLN HG2  H N N 103 
GLN HG3  H N N 104 
GLN HE21 H N N 105 
GLN HE22 H N N 106 
GLN HXT  H N N 107 
GLU N    N N N 108 
GLU CA   C N S 109 
GLU C    C N N 110 
GLU O    O N N 111 
GLU CB   C N N 112 
GLU CG   C N N 113 
GLU CD   C N N 114 
GLU OE1  O N N 115 
GLU OE2  O N N 116 
GLU OXT  O N N 117 
GLU H    H N N 118 
GLU H2   H N N 119 
GLU HA   H N N 120 
GLU HB2  H N N 121 
GLU HB3  H N N 122 
GLU HG2  H N N 123 
GLU HG3  H N N 124 
GLU HE2  H N N 125 
GLU HXT  H N N 126 
GLY N    N N N 127 
GLY CA   C N N 128 
GLY C    C N N 129 
GLY O    O N N 130 
GLY OXT  O N N 131 
GLY H    H N N 132 
GLY H2   H N N 133 
GLY HA2  H N N 134 
GLY HA3  H N N 135 
GLY HXT  H N N 136 
HIS N    N N N 137 
HIS CA   C N S 138 
HIS C    C N N 139 
HIS O    O N N 140 
HIS CB   C N N 141 
HIS CG   C Y N 142 
HIS ND1  N Y N 143 
HIS CD2  C Y N 144 
HIS CE1  C Y N 145 
HIS NE2  N Y N 146 
HIS OXT  O N N 147 
HIS H    H N N 148 
HIS H2   H N N 149 
HIS HA   H N N 150 
HIS HB2  H N N 151 
HIS HB3  H N N 152 
HIS HD1  H N N 153 
HIS HD2  H N N 154 
HIS HE1  H N N 155 
HIS HE2  H N N 156 
HIS HXT  H N N 157 
HOH O    O N N 158 
HOH H1   H N N 159 
HOH H2   H N N 160 
ILE N    N N N 161 
ILE CA   C N S 162 
ILE C    C N N 163 
ILE O    O N N 164 
ILE CB   C N S 165 
ILE CG1  C N N 166 
ILE CG2  C N N 167 
ILE CD1  C N N 168 
ILE OXT  O N N 169 
ILE H    H N N 170 
ILE H2   H N N 171 
ILE HA   H N N 172 
ILE HB   H N N 173 
ILE HG12 H N N 174 
ILE HG13 H N N 175 
ILE HG21 H N N 176 
ILE HG22 H N N 177 
ILE HG23 H N N 178 
ILE HD11 H N N 179 
ILE HD12 H N N 180 
ILE HD13 H N N 181 
ILE HXT  H N N 182 
LEU N    N N N 183 
LEU CA   C N S 184 
LEU C    C N N 185 
LEU O    O N N 186 
LEU CB   C N N 187 
LEU CG   C N N 188 
LEU CD1  C N N 189 
LEU CD2  C N N 190 
LEU OXT  O N N 191 
LEU H    H N N 192 
LEU H2   H N N 193 
LEU HA   H N N 194 
LEU HB2  H N N 195 
LEU HB3  H N N 196 
LEU HG   H N N 197 
LEU HD11 H N N 198 
LEU HD12 H N N 199 
LEU HD13 H N N 200 
LEU HD21 H N N 201 
LEU HD22 H N N 202 
LEU HD23 H N N 203 
LEU HXT  H N N 204 
LYS N    N N N 205 
LYS CA   C N S 206 
LYS C    C N N 207 
LYS O    O N N 208 
LYS CB   C N N 209 
LYS CG   C N N 210 
LYS CD   C N N 211 
LYS CE   C N N 212 
LYS NZ   N N N 213 
LYS OXT  O N N 214 
LYS H    H N N 215 
LYS H2   H N N 216 
LYS HA   H N N 217 
LYS HB2  H N N 218 
LYS HB3  H N N 219 
LYS HG2  H N N 220 
LYS HG3  H N N 221 
LYS HD2  H N N 222 
LYS HD3  H N N 223 
LYS HE2  H N N 224 
LYS HE3  H N N 225 
LYS HZ1  H N N 226 
LYS HZ2  H N N 227 
LYS HZ3  H N N 228 
LYS HXT  H N N 229 
MET N    N N N 230 
MET CA   C N S 231 
MET C    C N N 232 
MET O    O N N 233 
MET CB   C N N 234 
MET CG   C N N 235 
MET SD   S N N 236 
MET CE   C N N 237 
MET OXT  O N N 238 
MET H    H N N 239 
MET H2   H N N 240 
MET HA   H N N 241 
MET HB2  H N N 242 
MET HB3  H N N 243 
MET HG2  H N N 244 
MET HG3  H N N 245 
MET HE1  H N N 246 
MET HE2  H N N 247 
MET HE3  H N N 248 
MET HXT  H N N 249 
PHE N    N N N 250 
PHE CA   C N S 251 
PHE C    C N N 252 
PHE O    O N N 253 
PHE CB   C N N 254 
PHE CG   C Y N 255 
PHE CD1  C Y N 256 
PHE CD2  C Y N 257 
PHE CE1  C Y N 258 
PHE CE2  C Y N 259 
PHE CZ   C Y N 260 
PHE OXT  O N N 261 
PHE H    H N N 262 
PHE H2   H N N 263 
PHE HA   H N N 264 
PHE HB2  H N N 265 
PHE HB3  H N N 266 
PHE HD1  H N N 267 
PHE HD2  H N N 268 
PHE HE1  H N N 269 
PHE HE2  H N N 270 
PHE HZ   H N N 271 
PHE HXT  H N N 272 
PRO N    N N N 273 
PRO CA   C N S 274 
PRO C    C N N 275 
PRO O    O N N 276 
PRO CB   C N N 277 
PRO CG   C N N 278 
PRO CD   C N N 279 
PRO OXT  O N N 280 
PRO H    H N N 281 
PRO HA   H N N 282 
PRO HB2  H N N 283 
PRO HB3  H N N 284 
PRO HG2  H N N 285 
PRO HG3  H N N 286 
PRO HD2  H N N 287 
PRO HD3  H N N 288 
PRO HXT  H N N 289 
SER N    N N N 290 
SER CA   C N S 291 
SER C    C N N 292 
SER O    O N N 293 
SER CB   C N N 294 
SER OG   O N N 295 
SER OXT  O N N 296 
SER H    H N N 297 
SER H2   H N N 298 
SER HA   H N N 299 
SER HB2  H N N 300 
SER HB3  H N N 301 
SER HG   H N N 302 
SER HXT  H N N 303 
THR N    N N N 304 
THR CA   C N S 305 
THR C    C N N 306 
THR O    O N N 307 
THR CB   C N R 308 
THR OG1  O N N 309 
THR CG2  C N N 310 
THR OXT  O N N 311 
THR H    H N N 312 
THR H2   H N N 313 
THR HA   H N N 314 
THR HB   H N N 315 
THR HG1  H N N 316 
THR HG21 H N N 317 
THR HG22 H N N 318 
THR HG23 H N N 319 
THR HXT  H N N 320 
TRP N    N N N 321 
TRP CA   C N S 322 
TRP C    C N N 323 
TRP O    O N N 324 
TRP CB   C N N 325 
TRP CG   C Y N 326 
TRP CD1  C Y N 327 
TRP CD2  C Y N 328 
TRP NE1  N Y N 329 
TRP CE2  C Y N 330 
TRP CE3  C Y N 331 
TRP CZ2  C Y N 332 
TRP CZ3  C Y N 333 
TRP CH2  C Y N 334 
TRP OXT  O N N 335 
TRP H    H N N 336 
TRP H2   H N N 337 
TRP HA   H N N 338 
TRP HB2  H N N 339 
TRP HB3  H N N 340 
TRP HD1  H N N 341 
TRP HE1  H N N 342 
TRP HE3  H N N 343 
TRP HZ2  H N N 344 
TRP HZ3  H N N 345 
TRP HH2  H N N 346 
TRP HXT  H N N 347 
TYR N    N N N 348 
TYR CA   C N S 349 
TYR C    C N N 350 
TYR O    O N N 351 
TYR CB   C N N 352 
TYR CG   C Y N 353 
TYR CD1  C Y N 354 
TYR CD2  C Y N 355 
TYR CE1  C Y N 356 
TYR CE2  C Y N 357 
TYR CZ   C Y N 358 
TYR OH   O N N 359 
TYR OXT  O N N 360 
TYR H    H N N 361 
TYR H2   H N N 362 
TYR HA   H N N 363 
TYR HB2  H N N 364 
TYR HB3  H N N 365 
TYR HD1  H N N 366 
TYR HD2  H N N 367 
TYR HE1  H N N 368 
TYR HE2  H N N 369 
TYR HH   H N N 370 
TYR HXT  H N N 371 
VAL N    N N N 372 
VAL CA   C N S 373 
VAL C    C N N 374 
VAL O    O N N 375 
VAL CB   C N N 376 
VAL CG1  C N N 377 
VAL CG2  C N N 378 
VAL OXT  O N N 379 
VAL H    H N N 380 
VAL H2   H N N 381 
VAL HA   H N N 382 
VAL HB   H N N 383 
VAL HG11 H N N 384 
VAL HG12 H N N 385 
VAL HG13 H N N 386 
VAL HG21 H N N 387 
VAL HG22 H N N 388 
VAL HG23 H N N 389 
VAL HXT  H N N 390 
# 
loop_
_chem_comp_bond.comp_id 
_chem_comp_bond.atom_id_1 
_chem_comp_bond.atom_id_2 
_chem_comp_bond.value_order 
_chem_comp_bond.pdbx_aromatic_flag 
_chem_comp_bond.pdbx_stereo_config 
_chem_comp_bond.pdbx_ordinal 
ALA N   CA   sing N N 1   
ALA N   H    sing N N 2   
ALA N   H2   sing N N 3   
ALA CA  C    sing N N 4   
ALA CA  CB   sing N N 5   
ALA CA  HA   sing N N 6   
ALA C   O    doub N N 7   
ALA C   OXT  sing N N 8   
ALA CB  HB1  sing N N 9   
ALA CB  HB2  sing N N 10  
ALA CB  HB3  sing N N 11  
ALA OXT HXT  sing N N 12  
ARG N   CA   sing N N 13  
ARG N   H    sing N N 14  
ARG N   H2   sing N N 15  
ARG CA  C    sing N N 16  
ARG CA  CB   sing N N 17  
ARG CA  HA   sing N N 18  
ARG C   O    doub N N 19  
ARG C   OXT  sing N N 20  
ARG CB  CG   sing N N 21  
ARG CB  HB2  sing N N 22  
ARG CB  HB3  sing N N 23  
ARG CG  CD   sing N N 24  
ARG CG  HG2  sing N N 25  
ARG CG  HG3  sing N N 26  
ARG CD  NE   sing N N 27  
ARG CD  HD2  sing N N 28  
ARG CD  HD3  sing N N 29  
ARG NE  CZ   sing N N 30  
ARG NE  HE   sing N N 31  
ARG CZ  NH1  sing N N 32  
ARG CZ  NH2  doub N N 33  
ARG NH1 HH11 sing N N 34  
ARG NH1 HH12 sing N N 35  
ARG NH2 HH21 sing N N 36  
ARG NH2 HH22 sing N N 37  
ARG OXT HXT  sing N N 38  
ASN N   CA   sing N N 39  
ASN N   H    sing N N 40  
ASN N   H2   sing N N 41  
ASN CA  C    sing N N 42  
ASN CA  CB   sing N N 43  
ASN CA  HA   sing N N 44  
ASN C   O    doub N N 45  
ASN C   OXT  sing N N 46  
ASN CB  CG   sing N N 47  
ASN CB  HB2  sing N N 48  
ASN CB  HB3  sing N N 49  
ASN CG  OD1  doub N N 50  
ASN CG  ND2  sing N N 51  
ASN ND2 HD21 sing N N 52  
ASN ND2 HD22 sing N N 53  
ASN OXT HXT  sing N N 54  
ASP N   CA   sing N N 55  
ASP N   H    sing N N 56  
ASP N   H2   sing N N 57  
ASP CA  C    sing N N 58  
ASP CA  CB   sing N N 59  
ASP CA  HA   sing N N 60  
ASP C   O    doub N N 61  
ASP C   OXT  sing N N 62  
ASP CB  CG   sing N N 63  
ASP CB  HB2  sing N N 64  
ASP CB  HB3  sing N N 65  
ASP CG  OD1  doub N N 66  
ASP CG  OD2  sing N N 67  
ASP OD2 HD2  sing N N 68  
ASP OXT HXT  sing N N 69  
CYS N   CA   sing N N 70  
CYS N   H    sing N N 71  
CYS N   H2   sing N N 72  
CYS CA  C    sing N N 73  
CYS CA  CB   sing N N 74  
CYS CA  HA   sing N N 75  
CYS C   O    doub N N 76  
CYS C   OXT  sing N N 77  
CYS CB  SG   sing N N 78  
CYS CB  HB2  sing N N 79  
CYS CB  HB3  sing N N 80  
CYS SG  HG   sing N N 81  
CYS OXT HXT  sing N N 82  
GLN N   CA   sing N N 83  
GLN N   H    sing N N 84  
GLN N   H2   sing N N 85  
GLN CA  C    sing N N 86  
GLN CA  CB   sing N N 87  
GLN CA  HA   sing N N 88  
GLN C   O    doub N N 89  
GLN C   OXT  sing N N 90  
GLN CB  CG   sing N N 91  
GLN CB  HB2  sing N N 92  
GLN CB  HB3  sing N N 93  
GLN CG  CD   sing N N 94  
GLN CG  HG2  sing N N 95  
GLN CG  HG3  sing N N 96  
GLN CD  OE1  doub N N 97  
GLN CD  NE2  sing N N 98  
GLN NE2 HE21 sing N N 99  
GLN NE2 HE22 sing N N 100 
GLN OXT HXT  sing N N 101 
GLU N   CA   sing N N 102 
GLU N   H    sing N N 103 
GLU N   H2   sing N N 104 
GLU CA  C    sing N N 105 
GLU CA  CB   sing N N 106 
GLU CA  HA   sing N N 107 
GLU C   O    doub N N 108 
GLU C   OXT  sing N N 109 
GLU CB  CG   sing N N 110 
GLU CB  HB2  sing N N 111 
GLU CB  HB3  sing N N 112 
GLU CG  CD   sing N N 113 
GLU CG  HG2  sing N N 114 
GLU CG  HG3  sing N N 115 
GLU CD  OE1  doub N N 116 
GLU CD  OE2  sing N N 117 
GLU OE2 HE2  sing N N 118 
GLU OXT HXT  sing N N 119 
GLY N   CA   sing N N 120 
GLY N   H    sing N N 121 
GLY N   H2   sing N N 122 
GLY CA  C    sing N N 123 
GLY CA  HA2  sing N N 124 
GLY CA  HA3  sing N N 125 
GLY C   O    doub N N 126 
GLY C   OXT  sing N N 127 
GLY OXT HXT  sing N N 128 
HIS N   CA   sing N N 129 
HIS N   H    sing N N 130 
HIS N   H2   sing N N 131 
HIS CA  C    sing N N 132 
HIS CA  CB   sing N N 133 
HIS CA  HA   sing N N 134 
HIS C   O    doub N N 135 
HIS C   OXT  sing N N 136 
HIS CB  CG   sing N N 137 
HIS CB  HB2  sing N N 138 
HIS CB  HB3  sing N N 139 
HIS CG  ND1  sing Y N 140 
HIS CG  CD2  doub Y N 141 
HIS ND1 CE1  doub Y N 142 
HIS ND1 HD1  sing N N 143 
HIS CD2 NE2  sing Y N 144 
HIS CD2 HD2  sing N N 145 
HIS CE1 NE2  sing Y N 146 
HIS CE1 HE1  sing N N 147 
HIS NE2 HE2  sing N N 148 
HIS OXT HXT  sing N N 149 
HOH O   H1   sing N N 150 
HOH O   H2   sing N N 151 
ILE N   CA   sing N N 152 
ILE N   H    sing N N 153 
ILE N   H2   sing N N 154 
ILE CA  C    sing N N 155 
ILE CA  CB   sing N N 156 
ILE CA  HA   sing N N 157 
ILE C   O    doub N N 158 
ILE C   OXT  sing N N 159 
ILE CB  CG1  sing N N 160 
ILE CB  CG2  sing N N 161 
ILE CB  HB   sing N N 162 
ILE CG1 CD1  sing N N 163 
ILE CG1 HG12 sing N N 164 
ILE CG1 HG13 sing N N 165 
ILE CG2 HG21 sing N N 166 
ILE CG2 HG22 sing N N 167 
ILE CG2 HG23 sing N N 168 
ILE CD1 HD11 sing N N 169 
ILE CD1 HD12 sing N N 170 
ILE CD1 HD13 sing N N 171 
ILE OXT HXT  sing N N 172 
LEU N   CA   sing N N 173 
LEU N   H    sing N N 174 
LEU N   H2   sing N N 175 
LEU CA  C    sing N N 176 
LEU CA  CB   sing N N 177 
LEU CA  HA   sing N N 178 
LEU C   O    doub N N 179 
LEU C   OXT  sing N N 180 
LEU CB  CG   sing N N 181 
LEU CB  HB2  sing N N 182 
LEU CB  HB3  sing N N 183 
LEU CG  CD1  sing N N 184 
LEU CG  CD2  sing N N 185 
LEU CG  HG   sing N N 186 
LEU CD1 HD11 sing N N 187 
LEU CD1 HD12 sing N N 188 
LEU CD1 HD13 sing N N 189 
LEU CD2 HD21 sing N N 190 
LEU CD2 HD22 sing N N 191 
LEU CD2 HD23 sing N N 192 
LEU OXT HXT  sing N N 193 
LYS N   CA   sing N N 194 
LYS N   H    sing N N 195 
LYS N   H2   sing N N 196 
LYS CA  C    sing N N 197 
LYS CA  CB   sing N N 198 
LYS CA  HA   sing N N 199 
LYS C   O    doub N N 200 
LYS C   OXT  sing N N 201 
LYS CB  CG   sing N N 202 
LYS CB  HB2  sing N N 203 
LYS CB  HB3  sing N N 204 
LYS CG  CD   sing N N 205 
LYS CG  HG2  sing N N 206 
LYS CG  HG3  sing N N 207 
LYS CD  CE   sing N N 208 
LYS CD  HD2  sing N N 209 
LYS CD  HD3  sing N N 210 
LYS CE  NZ   sing N N 211 
LYS CE  HE2  sing N N 212 
LYS CE  HE3  sing N N 213 
LYS NZ  HZ1  sing N N 214 
LYS NZ  HZ2  sing N N 215 
LYS NZ  HZ3  sing N N 216 
LYS OXT HXT  sing N N 217 
MET N   CA   sing N N 218 
MET N   H    sing N N 219 
MET N   H2   sing N N 220 
MET CA  C    sing N N 221 
MET CA  CB   sing N N 222 
MET CA  HA   sing N N 223 
MET C   O    doub N N 224 
MET C   OXT  sing N N 225 
MET CB  CG   sing N N 226 
MET CB  HB2  sing N N 227 
MET CB  HB3  sing N N 228 
MET CG  SD   sing N N 229 
MET CG  HG2  sing N N 230 
MET CG  HG3  sing N N 231 
MET SD  CE   sing N N 232 
MET CE  HE1  sing N N 233 
MET CE  HE2  sing N N 234 
MET CE  HE3  sing N N 235 
MET OXT HXT  sing N N 236 
PHE N   CA   sing N N 237 
PHE N   H    sing N N 238 
PHE N   H2   sing N N 239 
PHE CA  C    sing N N 240 
PHE CA  CB   sing N N 241 
PHE CA  HA   sing N N 242 
PHE C   O    doub N N 243 
PHE C   OXT  sing N N 244 
PHE CB  CG   sing N N 245 
PHE CB  HB2  sing N N 246 
PHE CB  HB3  sing N N 247 
PHE CG  CD1  doub Y N 248 
PHE CG  CD2  sing Y N 249 
PHE CD1 CE1  sing Y N 250 
PHE CD1 HD1  sing N N 251 
PHE CD2 CE2  doub Y N 252 
PHE CD2 HD2  sing N N 253 
PHE CE1 CZ   doub Y N 254 
PHE CE1 HE1  sing N N 255 
PHE CE2 CZ   sing Y N 256 
PHE CE2 HE2  sing N N 257 
PHE CZ  HZ   sing N N 258 
PHE OXT HXT  sing N N 259 
PRO N   CA   sing N N 260 
PRO N   CD   sing N N 261 
PRO N   H    sing N N 262 
PRO CA  C    sing N N 263 
PRO CA  CB   sing N N 264 
PRO CA  HA   sing N N 265 
PRO C   O    doub N N 266 
PRO C   OXT  sing N N 267 
PRO CB  CG   sing N N 268 
PRO CB  HB2  sing N N 269 
PRO CB  HB3  sing N N 270 
PRO CG  CD   sing N N 271 
PRO CG  HG2  sing N N 272 
PRO CG  HG3  sing N N 273 
PRO CD  HD2  sing N N 274 
PRO CD  HD3  sing N N 275 
PRO OXT HXT  sing N N 276 
SER N   CA   sing N N 277 
SER N   H    sing N N 278 
SER N   H2   sing N N 279 
SER CA  C    sing N N 280 
SER CA  CB   sing N N 281 
SER CA  HA   sing N N 282 
SER C   O    doub N N 283 
SER C   OXT  sing N N 284 
SER CB  OG   sing N N 285 
SER CB  HB2  sing N N 286 
SER CB  HB3  sing N N 287 
SER OG  HG   sing N N 288 
SER OXT HXT  sing N N 289 
THR N   CA   sing N N 290 
THR N   H    sing N N 291 
THR N   H2   sing N N 292 
THR CA  C    sing N N 293 
THR CA  CB   sing N N 294 
THR CA  HA   sing N N 295 
THR C   O    doub N N 296 
THR C   OXT  sing N N 297 
THR CB  OG1  sing N N 298 
THR CB  CG2  sing N N 299 
THR CB  HB   sing N N 300 
THR OG1 HG1  sing N N 301 
THR CG2 HG21 sing N N 302 
THR CG2 HG22 sing N N 303 
THR CG2 HG23 sing N N 304 
THR OXT HXT  sing N N 305 
TRP N   CA   sing N N 306 
TRP N   H    sing N N 307 
TRP N   H2   sing N N 308 
TRP CA  C    sing N N 309 
TRP CA  CB   sing N N 310 
TRP CA  HA   sing N N 311 
TRP C   O    doub N N 312 
TRP C   OXT  sing N N 313 
TRP CB  CG   sing N N 314 
TRP CB  HB2  sing N N 315 
TRP CB  HB3  sing N N 316 
TRP CG  CD1  doub Y N 317 
TRP CG  CD2  sing Y N 318 
TRP CD1 NE1  sing Y N 319 
TRP CD1 HD1  sing N N 320 
TRP CD2 CE2  doub Y N 321 
TRP CD2 CE3  sing Y N 322 
TRP NE1 CE2  sing Y N 323 
TRP NE1 HE1  sing N N 324 
TRP CE2 CZ2  sing Y N 325 
TRP CE3 CZ3  doub Y N 326 
TRP CE3 HE3  sing N N 327 
TRP CZ2 CH2  doub Y N 328 
TRP CZ2 HZ2  sing N N 329 
TRP CZ3 CH2  sing Y N 330 
TRP CZ3 HZ3  sing N N 331 
TRP CH2 HH2  sing N N 332 
TRP OXT HXT  sing N N 333 
TYR N   CA   sing N N 334 
TYR N   H    sing N N 335 
TYR N   H2   sing N N 336 
TYR CA  C    sing N N 337 
TYR CA  CB   sing N N 338 
TYR CA  HA   sing N N 339 
TYR C   O    doub N N 340 
TYR C   OXT  sing N N 341 
TYR CB  CG   sing N N 342 
TYR CB  HB2  sing N N 343 
TYR CB  HB3  sing N N 344 
TYR CG  CD1  doub Y N 345 
TYR CG  CD2  sing Y N 346 
TYR CD1 CE1  sing Y N 347 
TYR CD1 HD1  sing N N 348 
TYR CD2 CE2  doub Y N 349 
TYR CD2 HD2  sing N N 350 
TYR CE1 CZ   doub Y N 351 
TYR CE1 HE1  sing N N 352 
TYR CE2 CZ   sing Y N 353 
TYR CE2 HE2  sing N N 354 
TYR CZ  OH   sing N N 355 
TYR OH  HH   sing N N 356 
TYR OXT HXT  sing N N 357 
VAL N   CA   sing N N 358 
VAL N   H    sing N N 359 
VAL N   H2   sing N N 360 
VAL CA  C    sing N N 361 
VAL CA  CB   sing N N 362 
VAL CA  HA   sing N N 363 
VAL C   O    doub N N 364 
VAL C   OXT  sing N N 365 
VAL CB  CG1  sing N N 366 
VAL CB  CG2  sing N N 367 
VAL CB  HB   sing N N 368 
VAL CG1 HG11 sing N N 369 
VAL CG1 HG12 sing N N 370 
VAL CG1 HG13 sing N N 371 
VAL CG2 HG21 sing N N 372 
VAL CG2 HG22 sing N N 373 
VAL CG2 HG23 sing N N 374 
VAL OXT HXT  sing N N 375 
# 
_pdbx_initial_refinement_model.id               1 
_pdbx_initial_refinement_model.entity_id_list   ? 
_pdbx_initial_refinement_model.type             'experimental model' 
_pdbx_initial_refinement_model.source_name      PDB 
_pdbx_initial_refinement_model.accession_code   1RV1 
_pdbx_initial_refinement_model.details          ? 
# 
_atom_sites.entry_id                    6T2E 
_atom_sites.Cartn_transf_matrix[1][1]   ? 
_atom_sites.Cartn_transf_matrix[1][2]   ? 
_atom_sites.Cartn_transf_matrix[1][3]   ? 
_atom_sites.Cartn_transf_matrix[2][1]   ? 
_atom_sites.Cartn_transf_matrix[2][2]   ? 
_atom_sites.Cartn_transf_matrix[2][3]   ? 
_atom_sites.Cartn_transf_matrix[3][1]   ? 
_atom_sites.Cartn_transf_matrix[3][2]   ? 
_atom_sites.Cartn_transf_matrix[3][3]   ? 
_atom_sites.Cartn_transf_vector[1]      ? 
_atom_sites.Cartn_transf_vector[2]      ? 
_atom_sites.Cartn_transf_vector[3]      ? 
_atom_sites.fract_transf_matrix[1][1]   0.01649952 
_atom_sites.fract_transf_matrix[1][2]   -0.01495235 
_atom_sites.fract_transf_matrix[1][3]   0.01918652 
_atom_sites.fract_transf_matrix[2][1]   0.02930933 
_atom_sites.fract_transf_matrix[2][2]   0.00080191 
_atom_sites.fract_transf_matrix[2][3]   -0.00206604 
_atom_sites.fract_transf_matrix[3][1]   0.00009625 
_atom_sites.fract_transf_matrix[3][2]   0.00370200 
_atom_sites.fract_transf_matrix[3][3]   0.00280226 
_atom_sites.fract_transf_vector[1]      -0.460750 
_atom_sites.fract_transf_vector[2]      -0.488045 
_atom_sites.fract_transf_vector[3]      0.031490 
_atom_sites.solution_primary            ? 
_atom_sites.solution_secondary          ? 
_atom_sites.solution_hydrogens          ? 
_atom_sites.special_details             ? 
# 
loop_
_atom_type.symbol 
C 
N 
O 
S 
# 
loop_
_atom_site.group_PDB 
_atom_site.id 
_atom_site.type_symbol 
_atom_site.label_atom_id 
_atom_site.label_alt_id 
_atom_site.label_comp_id 
_atom_site.label_asym_id 
_atom_site.label_entity_id 
_atom_site.label_seq_id 
_atom_site.pdbx_PDB_ins_code 
_atom_site.Cartn_x 
_atom_site.Cartn_y 
_atom_site.Cartn_z 
_atom_site.occupancy 
_atom_site.B_iso_or_equiv 
_atom_site.pdbx_formal_charge 
_atom_site.auth_seq_id 
_atom_site.auth_comp_id 
_atom_site.auth_asym_id 
_atom_site.auth_atom_id 
_atom_site.pdbx_PDB_model_num 
ATOM   1   N N   . GLU A 1 2  ? -9.114  -13.880 -6.179  1.00 40.45 ? 25  GLU A N   1 
ATOM   2   C CA  . GLU A 1 2  ? -10.539 -13.488 -6.437  1.00 40.76 ? 25  GLU A CA  1 
ATOM   3   C C   . GLU A 1 2  ? -11.358 -13.371 -5.121  1.00 35.82 ? 25  GLU A C   1 
ATOM   4   O O   . GLU A 1 2  ? -12.582 -13.230 -5.203  1.00 35.32 ? 25  GLU A O   1 
ATOM   5   C CB  . GLU A 1 2  ? -11.200 -14.413 -7.479  1.00 45.21 ? 25  GLU A CB  1 
ATOM   6   C CG  . GLU A 1 2  ? -12.298 -13.696 -8.285  1.00 49.36 ? 25  GLU A CG  1 
ATOM   7   C CD  . GLU A 1 2  ? -11.921 -12.269 -8.695  1.00 53.10 ? 25  GLU A CD  1 
ATOM   8   O OE1 . GLU A 1 2  ? -12.577 -11.273 -8.260  1.00 51.75 ? 25  GLU A OE1 1 
ATOM   9   O OE2 . GLU A 1 2  ? -10.910 -12.142 -9.412  1.00 58.92 ? 25  GLU A OE2 1 
ATOM   10  N N   . THR A 1 3  ? -10.713 -13.328 -3.935  1.00 30.22 ? 26  THR A N   1 
ATOM   11  C CA  . THR A 1 3  ? -11.374 -12.785 -2.716  1.00 28.31 ? 26  THR A CA  1 
ATOM   12  C C   . THR A 1 3  ? -11.383 -11.251 -2.785  1.00 25.54 ? 26  THR A C   1 
ATOM   13  O O   . THR A 1 3  ? -10.350 -10.661 -2.993  1.00 25.28 ? 26  THR A O   1 
ATOM   14  C CB  . THR A 1 3  ? -10.734 -13.279 -1.416  1.00 27.18 ? 26  THR A CB  1 
ATOM   15  O OG1 . THR A 1 3  ? -10.952 -14.683 -1.356  1.00 28.00 ? 26  THR A OG1 1 
ATOM   16  C CG2 . THR A 1 3  ? -11.343 -12.697 -0.163  1.00 26.79 ? 26  THR A CG2 1 
ATOM   17  N N   . LEU A 1 4  ? -12.579 -10.667 -2.705  1.00 23.59 ? 27  LEU A N   1 
ATOM   18  C CA  . LEU A 1 4  ? -12.817 -9.199  -2.670  1.00 22.25 ? 27  LEU A CA  1 
ATOM   19  C C   . LEU A 1 4  ? -12.862 -8.708  -1.214  1.00 20.98 ? 27  LEU A C   1 
ATOM   20  O O   . LEU A 1 4  ? -13.548 -9.293  -0.357  1.00 19.48 ? 27  LEU A O   1 
ATOM   21  C CB  . LEU A 1 4  ? -14.147 -8.882  -3.365  1.00 22.47 ? 27  LEU A CB  1 
ATOM   22  C CG  . LEU A 1 4  ? -14.153 -9.037  -4.896  1.00 24.01 ? 27  LEU A CG  1 
ATOM   23  C CD1 . LEU A 1 4  ? -15.475 -8.576  -5.490  1.00 24.05 ? 27  LEU A CD1 1 
ATOM   24  C CD2 . LEU A 1 4  ? -13.008 -8.268  -5.569  1.00 24.34 ? 27  LEU A CD2 1 
ATOM   25  N N   . VAL A 1 5  ? -12.179 -7.592  -0.959  1.00 19.61 ? 28  VAL A N   1 
ATOM   26  C CA  . VAL A 1 5  ? -12.188 -6.939  0.323   1.00 19.32 ? 28  VAL A CA  1 
ATOM   27  C C   . VAL A 1 5  ? -12.692 -5.503  0.153   1.00 19.26 ? 28  VAL A C   1 
ATOM   28  O O   . VAL A 1 5  ? -12.607 -4.914  -0.926  1.00 18.82 ? 28  VAL A O   1 
ATOM   29  C CB  . VAL A 1 5  ? -10.778 -6.919  0.955   1.00 19.84 ? 28  VAL A CB  1 
ATOM   30  C CG1 . VAL A 1 5  ? -10.222 -8.330  1.182   1.00 19.51 ? 28  VAL A CG1 1 
ATOM   31  C CG2 . VAL A 1 5  ? -9.806  -6.039  0.145   1.00 19.03 ? 28  VAL A CG2 1 
ATOM   32  N N   . ARG A 1 6  ? -13.117 -4.928  1.284   1.00 20.03 ? 29  ARG A N   1 
ATOM   33  C CA  . ARG A 1 6  ? -13.728 -3.611  1.346   1.00 19.99 ? 29  ARG A CA  1 
ATOM   34  C C   . ARG A 1 6  ? -12.887 -2.692  2.232   1.00 18.90 ? 29  ARG A C   1 
ATOM   35  O O   . ARG A 1 6  ? -12.853 -2.856  3.441   1.00 17.53 ? 29  ARG A O   1 
ATOM   36  C CB  . ARG A 1 6  ? -15.172 -3.704  1.856   1.00 20.83 ? 29  ARG A CB  1 
ATOM   37  C CG  . ARG A 1 6  ? -15.868 -2.349  1.839   1.00 21.42 ? 29  ARG A CG  1 
ATOM   38  C CD  . ARG A 1 6  ? -17.332 -2.430  2.179   1.00 22.44 ? 29  ARG A CD  1 
ATOM   39  N NE  . ARG A 1 6  ? -18.007 -1.136  2.101   1.00 22.89 ? 29  ARG A NE  1 
ATOM   40  C CZ  . ARG A 1 6  ? -19.201 -0.923  2.620   1.00 23.82 ? 29  ARG A CZ  1 
ATOM   41  N NH1 . ARG A 1 6  ? -19.818 0.228   2.440   1.00 26.06 ? 29  ARG A NH1 1 
ATOM   42  N NH2 . ARG A 1 6  ? -19.778 -1.870  3.329   1.00 23.55 ? 29  ARG A NH2 1 
ATOM   43  N N   . PRO A 1 7  ? -12.155 -1.726  1.635   1.00 19.08 ? 30  PRO A N   1 
ATOM   44  C CA  . PRO A 1 7  ? -11.354 -0.752  2.383   1.00 19.70 ? 30  PRO A CA  1 
ATOM   45  C C   . PRO A 1 7  ? -12.240 0.157   3.235   1.00 20.94 ? 30  PRO A C   1 
ATOM   46  O O   . PRO A 1 7  ? -13.267 0.568   2.770   1.00 20.76 ? 30  PRO A O   1 
ATOM   47  C CB  . PRO A 1 7  ? -10.631 0.091   1.317   1.00 19.61 ? 30  PRO A CB  1 
ATOM   48  C CG  . PRO A 1 7  ? -10.610 -0.835  0.084   1.00 19.74 ? 30  PRO A CG  1 
ATOM   49  C CD  . PRO A 1 7  ? -11.930 -1.606  0.183   1.00 19.71 ? 30  PRO A CD  1 
ATOM   50  N N   . LYS A 1 8  ? -11.820 0.410   4.483   1.00 22.19 ? 31  LYS A N   1 
ATOM   51  C CA  . LYS A 1 8  ? -12.423 1.411   5.300   1.00 23.09 ? 31  LYS A CA  1 
ATOM   52  C C   . LYS A 1 8  ? -12.149 2.744   4.642   1.00 22.89 ? 31  LYS A C   1 
ATOM   53  O O   . LYS A 1 8  ? -11.312 2.789   3.749   1.00 20.78 ? 31  LYS A O   1 
ATOM   54  C CB  . LYS A 1 8  ? -11.895 1.338   6.721   1.00 24.69 ? 31  LYS A CB  1 
ATOM   55  C CG  . LYS A 1 8  ? -12.356 0.077   7.414   1.00 25.78 ? 31  LYS A CG  1 
ATOM   56  C CD  . LYS A 1 8  ? -12.538 0.233   8.865   1.00 27.42 ? 31  LYS A CD  1 
ATOM   57  C CE  . LYS A 1 8  ? -13.196 -0.975  9.494   1.00 28.47 ? 31  LYS A CE  1 
ATOM   58  N NZ  . LYS A 1 8  ? -13.341 -0.777  10.954  1.00 30.08 ? 31  LYS A NZ  1 
ATOM   59  N N   . PRO A 1 9  ? -12.885 3.812   5.043   1.00 24.06 ? 32  PRO A N   1 
ATOM   60  C CA  . PRO A 1 9  ? -12.816 5.124   4.384   1.00 24.80 ? 32  PRO A CA  1 
ATOM   61  C C   . PRO A 1 9  ? -11.422 5.718   4.095   1.00 26.13 ? 32  PRO A C   1 
ATOM   62  O O   . PRO A 1 9  ? -11.224 6.283   3.001   1.00 24.58 ? 32  PRO A O   1 
ATOM   63  C CB  . PRO A 1 9  ? -13.604 6.016   5.353   1.00 25.06 ? 32  PRO A CB  1 
ATOM   64  C CG  . PRO A 1 9  ? -14.660 5.078   5.900   1.00 24.85 ? 32  PRO A CG  1 
ATOM   65  C CD  . PRO A 1 9  ? -13.900 3.784   6.115   1.00 24.37 ? 32  PRO A CD  1 
ATOM   66  N N   . GLU A 1 10 ? -10.472 5.612   5.038   1.00 26.78 ? 33  GLU A N   1 
ATOM   67  C CA  . GLU A 1 10 ? -9.163  6.257   4.818   1.00 28.52 ? 33  GLU A CA  1 
ATOM   68  C C   . GLU A 1 10 ? -8.412  5.464   3.733   1.00 25.53 ? 33  GLU A C   1 
ATOM   69  O O   . GLU A 1 10 ? -7.872  6.066   2.799   1.00 24.45 ? 33  GLU A O   1 
ATOM   70  C CB  . GLU A 1 10 ? -8.336  6.389   6.111   1.00 31.57 ? 33  GLU A CB  1 
ATOM   71  C CG  . GLU A 1 10 ? -8.794  7.476   7.071   1.00 35.23 ? 33  GLU A CG  1 
ATOM   72  C CD  . GLU A 1 10 ? -7.697  7.850   8.079   1.00 42.00 ? 33  GLU A CD  1 
ATOM   73  O OE1 . GLU A 1 10 ? -7.182  6.903   8.778   1.00 41.81 ? 33  GLU A OE1 1 
ATOM   74  O OE2 . GLU A 1 10 ? -7.289  9.097   8.130   1.00 43.64 ? 33  GLU A OE2 1 
ATOM   75  N N   . LEU A 1 11 ? -8.384  4.131   3.850   1.00 22.59 ? 34  LEU A N   1 
ATOM   76  C CA  . LEU A 1 11 ? -7.743  3.307   2.816   1.00 22.22 ? 34  LEU A CA  1 
ATOM   77  C C   . LEU A 1 11 ? -8.393  3.586   1.456   1.00 21.15 ? 34  LEU A C   1 
ATOM   78  O O   . LEU A 1 11 ? -7.695  3.791   0.501   1.00 21.83 ? 34  LEU A O   1 
ATOM   79  C CB  . LEU A 1 11 ? -7.790  1.807   3.150   1.00 21.36 ? 34  LEU A CB  1 
ATOM   80  C CG  . LEU A 1 11 ? -7.207  0.902   2.069   1.00 20.61 ? 34  LEU A CG  1 
ATOM   81  C CD1 . LEU A 1 11 ? -5.734  1.283   1.782   1.00 21.29 ? 34  LEU A CD1 1 
ATOM   82  C CD2 . LEU A 1 11 ? -7.309  -0.567  2.435   1.00 19.90 ? 34  LEU A CD2 1 
ATOM   83  N N   . LEU A 1 12 ? -9.725  3.638   1.406   1.00 21.68 ? 35  LEU A N   1 
ATOM   84  C CA  . LEU A 1 12 ? -10.509 3.944   0.169   1.00 21.84 ? 35  LEU A CA  1 
ATOM   85  C C   . LEU A 1 12 ? -10.106 5.280   -0.458  1.00 21.75 ? 35  LEU A C   1 
ATOM   86  O O   . LEU A 1 12 ? -10.064 5.395   -1.665  1.00 21.65 ? 35  LEU A O   1 
ATOM   87  C CB  . LEU A 1 12 ? -12.007 3.968   0.477   1.00 21.52 ? 35  LEU A CB  1 
ATOM   88  C CG  . LEU A 1 12 ? -12.899 4.082   -0.762  1.00 22.38 ? 35  LEU A CG  1 
ATOM   89  C CD1 . LEU A 1 12 ? -12.681 2.911   -1.734  1.00 20.85 ? 35  LEU A CD1 1 
ATOM   90  C CD2 . LEU A 1 12 ? -14.363 4.188   -0.353  1.00 22.78 ? 35  LEU A CD2 1 
ATOM   91  N N   . LYS A 1 13 ? -9.864  6.289   0.382   1.00 22.68 ? 36  LYS A N   1 
ATOM   92  C CA  . LYS A 1 13 ? -9.490  7.623   -0.087  1.00 23.91 ? 36  LYS A CA  1 
ATOM   93  C C   . LYS A 1 13 ? -8.108  7.557   -0.755  1.00 21.96 ? 36  LYS A C   1 
ATOM   94  O O   . LYS A 1 13 ? -7.890  8.167   -1.789  1.00 21.17 ? 36  LYS A O   1 
ATOM   95  C CB  . LYS A 1 13 ? -9.550  8.655   1.047   1.00 26.69 ? 36  LYS A CB  1 
ATOM   96  C CG  . LYS A 1 13 ? -9.202  10.085  0.611   1.00 31.93 ? 36  LYS A CG  1 
ATOM   97  C CD  . LYS A 1 13 ? -9.088  11.106  1.752   1.00 35.25 ? 36  LYS A CD  1 
ATOM   98  C CE  . LYS A 1 13 ? -9.047  12.549  1.292   1.00 38.99 ? 36  LYS A CE  1 
ATOM   99  N NZ  . LYS A 1 13 ? -9.482  13.492  2.365   1.00 42.06 ? 36  LYS A NZ  1 
ATOM   100 N N   . LEU A 1 14 ? -7.174  6.847   -0.113  1.00 19.94 ? 37  LEU A N   1 
ATOM   101 C CA  . LEU A 1 14 ? -5.919  6.608   -0.690  1.00 19.68 ? 37  LEU A CA  1 
ATOM   102 C C   . LEU A 1 14 ? -6.112  5.981   -2.096  1.00 19.38 ? 37  LEU A C   1 
ATOM   103 O O   . LEU A 1 14 ? -5.636  6.528   -3.081  1.00 19.00 ? 37  LEU A O   1 
ATOM   104 C CB  . LEU A 1 14 ? -5.081  5.727   0.253   1.00 19.09 ? 37  LEU A CB  1 
ATOM   105 C CG  . LEU A 1 14 ? -3.604  5.588   -0.138  1.00 18.88 ? 37  LEU A CG  1 
ATOM   106 C CD1 . LEU A 1 14 ? -2.729  5.437   1.088   1.00 19.00 ? 37  LEU A CD1 1 
ATOM   107 C CD2 . LEU A 1 14 ? -3.388  4.406   -1.095  1.00 18.87 ? 37  LEU A CD2 1 
ATOM   108 N N   . LEU A 1 15 ? -6.843  4.862   -2.190  1.00 18.70 ? 38  LEU A N   1 
ATOM   109 C CA  . LEU A 1 15 ? -7.010  4.182   -3.494  1.00 19.15 ? 38  LEU A CA  1 
ATOM   110 C C   . LEU A 1 15 ? -7.641  5.142   -4.511  1.00 20.34 ? 38  LEU A C   1 
ATOM   111 O O   . LEU A 1 15 ? -7.203  5.141   -5.653  1.00 19.21 ? 38  LEU A O   1 
ATOM   112 C CB  . LEU A 1 15 ? -7.826  2.892   -3.352  1.00 18.08 ? 38  LEU A CB  1 
ATOM   113 C CG  . LEU A 1 15 ? -7.297  1.849   -2.353  1.00 17.51 ? 38  LEU A CG  1 
ATOM   114 C CD1 . LEU A 1 15 ? -8.040  0.546   -2.500  1.00 17.55 ? 38  LEU A CD1 1 
ATOM   115 C CD2 . LEU A 1 15 ? -5.822  1.588   -2.509  1.00 17.20 ? 38  LEU A CD2 1 
ATOM   116 N N   . LYS A 1 16 ? -8.621  5.956   -4.079  1.00 21.81 ? 39  LYS A N   1 
ATOM   117 C CA  . LYS A 1 16 ? -9.337  6.854   -4.996  1.00 24.60 ? 39  LYS A CA  1 
ATOM   118 C C   . LYS A 1 16 ? -8.442  7.998   -5.500  1.00 22.90 ? 39  LYS A C   1 
ATOM   119 O O   . LYS A 1 16 ? -8.714  8.518   -6.527  1.00 21.56 ? 39  LYS A O   1 
ATOM   120 C CB  . LYS A 1 16 ? -10.614 7.436   -4.373  1.00 28.63 ? 39  LYS A CB  1 
ATOM   121 C CG  . LYS A 1 16 ? -11.790 6.467   -4.286  1.00 32.24 ? 39  LYS A CG  1 
ATOM   122 C CD  . LYS A 1 16 ? -13.112 7.124   -3.917  1.00 35.85 ? 39  LYS A CD  1 
ATOM   123 C CE  . LYS A 1 16 ? -14.308 6.208   -4.140  1.00 38.68 ? 39  LYS A CE  1 
ATOM   124 N NZ  . LYS A 1 16 ? -14.679 6.069   -5.576  1.00 40.44 ? 39  LYS A NZ  1 
ATOM   125 N N   . SER A 1 17 ? -7.367  8.349   -4.782  1.00 22.58 ? 40  SER A N   1 
ATOM   126 C CA  . SER A 1 17 ? -6.445  9.432   -5.219  1.00 22.76 ? 40  SER A CA  1 
ATOM   127 C C   . SER A 1 17 ? -5.556  8.945   -6.366  1.00 21.86 ? 40  SER A C   1 
ATOM   128 O O   . SER A 1 17 ? -4.929  9.746   -7.038  1.00 23.44 ? 40  SER A O   1 
ATOM   129 C CB  . SER A 1 17 ? -5.613  9.997   -4.084  1.00 22.49 ? 40  SER A CB  1 
ATOM   130 O OG  . SER A 1 17 ? -4.563  9.115   -3.739  1.00 22.42 ? 40  SER A OG  1 
ATOM   131 N N   . VAL A 1 18 ? -5.504  7.626   -6.584  1.00 20.58 ? 41  VAL A N   1 
ATOM   132 C CA  . VAL A 1 18 ? -4.784  7.070   -7.745  1.00 19.95 ? 41  VAL A CA  1 
ATOM   133 C C   . VAL A 1 18 ? -5.756  6.304   -8.640  1.00 20.10 ? 41  VAL A C   1 
ATOM   134 O O   . VAL A 1 18 ? -5.383  5.312   -9.225  1.00 20.21 ? 41  VAL A O   1 
ATOM   135 C CB  . VAL A 1 18 ? -3.550  6.230   -7.335  1.00 18.66 ? 41  VAL A CB  1 
ATOM   136 C CG1 . VAL A 1 18 ? -2.401  7.167   -6.938  1.00 19.06 ? 41  VAL A CG1 1 
ATOM   137 C CG2 . VAL A 1 18 ? -3.809  5.208   -6.246  1.00 17.35 ? 41  VAL A CG2 1 
ATOM   138 N N   . GLY A 1 19 ? -7.010  6.757   -8.682  1.00 20.71 ? 42  GLY A N   1 
ATOM   139 C CA  . GLY A 1 19 ? -7.927  6.462   -9.771  1.00 21.60 ? 42  GLY A CA  1 
ATOM   140 C C   . GLY A 1 19 ? -8.895  5.337   -9.478  1.00 21.37 ? 42  GLY A C   1 
ATOM   141 O O   . GLY A 1 19 ? -9.686  5.049   -10.319 1.00 21.43 ? 42  GLY A O   1 
ATOM   142 N N   . ALA A 1 20 ? -8.904  4.812   -8.244  1.00 21.71 ? 43  ALA A N   1 
ATOM   143 C CA  . ALA A 1 20 ? -9.761  3.671   -7.863  1.00 20.99 ? 43  ALA A CA  1 
ATOM   144 C C   . ALA A 1 20 ? -11.231 4.109   -7.790  1.00 22.33 ? 43  ALA A C   1 
ATOM   145 O O   . ALA A 1 20 ? -11.545 5.214   -7.274  1.00 22.87 ? 43  ALA A O   1 
ATOM   146 C CB  . ALA A 1 20 ? -9.283  3.066   -6.571  1.00 19.53 ? 43  ALA A CB  1 
ATOM   147 N N   . GLN A 1 21 ? -12.112 3.261   -8.340  1.00 23.13 ? 44  GLN A N   1 
ATOM   148 C CA  . GLN A 1 21 ? -13.486 3.658   -8.672  1.00 25.14 ? 44  GLN A CA  1 
ATOM   149 C C   . GLN A 1 21 ? -14.525 2.820   -7.930  1.00 24.23 ? 44  GLN A C   1 
ATOM   150 O O   . GLN A 1 21 ? -15.661 3.198   -7.979  1.00 23.43 ? 44  GLN A O   1 
ATOM   151 C CB  . GLN A 1 21 ? -13.805 3.448   -10.150 1.00 27.34 ? 44  GLN A CB  1 
ATOM   152 C CG  . GLN A 1 21 ? -13.144 4.435   -11.090 1.00 29.51 ? 44  GLN A CG  1 
ATOM   153 C CD  . GLN A 1 21 ? -13.268 5.890   -10.681 1.00 32.69 ? 44  GLN A CD  1 
ATOM   154 O OE1 . GLN A 1 21 ? -12.308 6.672   -10.808 1.00 35.77 ? 44  GLN A OE1 1 
ATOM   155 N NE2 . GLN A 1 21 ? -14.454 6.284   -10.227 1.00 33.76 ? 44  GLN A NE2 1 
ATOM   156 N N   . LYS A 1 22 ? -14.108 1.721   -7.280  1.00 23.70 ? 45  LYS A N   1 
ATOM   157 C CA  . LYS A 1 22 ? -14.964 0.689   -6.690  1.00 23.86 ? 45  LYS A CA  1 
ATOM   158 C C   . LYS A 1 22 ? -14.983 0.791   -5.169  1.00 22.90 ? 45  LYS A C   1 
ATOM   159 O O   . LYS A 1 22 ? -14.188 1.516   -4.552  1.00 21.52 ? 45  LYS A O   1 
ATOM   160 C CB  . LYS A 1 22 ? -14.473 -0.724  -7.028  1.00 24.90 ? 45  LYS A CB  1 
ATOM   161 C CG  . LYS A 1 22 ? -14.518 -1.055  -8.511  1.00 27.22 ? 45  LYS A CG  1 
ATOM   162 C CD  . LYS A 1 22 ? -14.056 -2.443  -8.868  1.00 28.40 ? 45  LYS A CD  1 
ATOM   163 C CE  . LYS A 1 22 ? -12.555 -2.583  -8.722  1.00 29.86 ? 45  LYS A CE  1 
ATOM   164 N NZ  . LYS A 1 22 ? -12.176 -4.008  -8.536  1.00 31.21 ? 45  LYS A NZ  1 
ATOM   165 N N   . ASP A 1 23 ? -15.909 0.021   -4.583  1.00 22.68 ? 46  ASP A N   1 
ATOM   166 C CA  . ASP A 1 23 ? -16.019 -0.172  -3.163  1.00 21.84 ? 46  ASP A CA  1 
ATOM   167 C C   . ASP A 1 23 ? -15.207 -1.387  -2.703  1.00 20.66 ? 46  ASP A C   1 
ATOM   168 O O   . ASP A 1 23 ? -14.850 -1.480  -1.490  1.00 18.91 ? 46  ASP A O   1 
ATOM   169 C CB  . ASP A 1 23 ? -17.444 -0.533  -2.764  1.00 23.77 ? 46  ASP A CB  1 
ATOM   170 C CG  . ASP A 1 23 ? -18.498 0.537   -2.908  1.00 24.33 ? 46  ASP A CG  1 
ATOM   171 O OD1 . ASP A 1 23 ? -18.228 1.703   -2.616  1.00 25.60 ? 46  ASP A OD1 1 
ATOM   172 O OD2 . ASP A 1 23 ? -19.590 0.165   -3.301  1.00 26.28 ? 46  ASP A OD2 1 
ATOM   173 N N   . THR A 1 24 ? -15.041 -2.354  -3.624  1.00 19.70 ? 47  THR A N   1 
ATOM   174 C CA  . THR A 1 24 ? -14.344 -3.594  -3.322  1.00 19.01 ? 47  THR A CA  1 
ATOM   175 C C   . THR A 1 24 ? -13.264 -3.868  -4.370  1.00 18.28 ? 47  THR A C   1 
ATOM   176 O O   . THR A 1 24 ? -13.274 -3.361  -5.441  1.00 18.22 ? 47  THR A O   1 
ATOM   177 C CB  . THR A 1 24 ? -15.306 -4.783  -3.192  1.00 19.76 ? 47  THR A CB  1 
ATOM   178 O OG1 . THR A 1 24 ? -15.825 -5.017  -4.504  1.00 20.59 ? 47  THR A OG1 1 
ATOM   179 C CG2 . THR A 1 24 ? -16.413 -4.558  -2.176  1.00 19.60 ? 47  THR A CG2 1 
ATOM   180 N N   . TYR A 1 25 ? -12.323 -4.725  -3.983  1.00 18.14 ? 48  TYR A N   1 
ATOM   181 C CA  . TYR A 1 25 ? -11.022 -4.883  -4.590  1.00 17.65 ? 48  TYR A CA  1 
ATOM   182 C C   . TYR A 1 25 ? -10.470 -6.261  -4.210  1.00 18.09 ? 48  TYR A C   1 
ATOM   183 O O   . TYR A 1 25 ? -10.627 -6.684  -3.129  1.00 17.95 ? 48  TYR A O   1 
ATOM   184 C CB  . TYR A 1 25 ? -10.056 -3.817  -4.042  1.00 16.76 ? 48  TYR A CB  1 
ATOM   185 C CG  . TYR A 1 25 ? -10.480 -2.405  -4.360  1.00 16.13 ? 48  TYR A CG  1 
ATOM   186 C CD1 . TYR A 1 25 ? -10.197 -1.826  -5.588  1.00 15.91 ? 48  TYR A CD1 1 
ATOM   187 C CD2 . TYR A 1 25 ? -11.270 -1.691  -3.466  1.00 15.59 ? 48  TYR A CD2 1 
ATOM   188 C CE1 . TYR A 1 25 ? -10.675 -0.564  -5.911  1.00 16.08 ? 48  TYR A CE1 1 
ATOM   189 C CE2 . TYR A 1 25 ? -11.739 -0.425  -3.760  1.00 15.67 ? 48  TYR A CE2 1 
ATOM   190 C CZ  . TYR A 1 25 ? -11.434 0.140   -4.988  1.00 16.19 ? 48  TYR A CZ  1 
ATOM   191 O OH  . TYR A 1 25 ? -11.870 1.401   -5.286  1.00 16.19 ? 48  TYR A OH  1 
ATOM   192 N N   . THR A 1 26 ? -9.779  -6.921  -5.129  1.00 18.99 ? 49  THR A N   1 
ATOM   193 C CA  . THR A 1 26 ? -8.875  -8.003  -4.782  1.00 19.40 ? 49  THR A CA  1 
ATOM   194 C C   . THR A 1 26 ? -7.723  -7.366  -4.000  1.00 19.59 ? 49  THR A C   1 
ATOM   195 O O   . THR A 1 26 ? -7.456  -6.165  -4.153  1.00 18.38 ? 49  THR A O   1 
ATOM   196 C CB  . THR A 1 26 ? -8.392  -8.764  -6.040  1.00 19.55 ? 49  THR A CB  1 
ATOM   197 O OG1 . THR A 1 26 ? -7.447  -7.922  -6.700  1.00 19.21 ? 49  THR A OG1 1 
ATOM   198 C CG2 . THR A 1 26 ? -9.510  -9.120  -7.011  1.00 19.80 ? 49  THR A CG2 1 
ATOM   199 N N   . MET A 1 27 ? -7.049  -8.176  -3.180  1.00 20.49 ? 50  MET A N   1 
ATOM   200 C CA  . MET A 1 27 ? -5.807  -7.764  -2.550  1.00 20.90 ? 50  MET A CA  1 
ATOM   201 C C   . MET A 1 27 ? -4.791  -7.327  -3.615  1.00 20.08 ? 50  MET A C   1 
ATOM   202 O O   . MET A 1 27 ? -4.145  -6.325  -3.435  1.00 19.18 ? 50  MET A O   1 
ATOM   203 C CB  . MET A 1 27 ? -5.208  -8.874  -1.669  1.00 22.75 ? 50  MET A CB  1 
ATOM   204 C CG  . MET A 1 27 ? -5.804  -8.945  -0.247  1.00 23.50 ? 50  MET A CG  1 
ATOM   205 S SD  . MET A 1 27 ? -5.715  -7.377  0.668   1.00 26.15 ? 50  MET A SD  1 
ATOM   206 C CE  . MET A 1 27 ? -3.936  -7.188  0.810   1.00 26.54 ? 50  MET A CE  1 
ATOM   207 N N   . LYS A 1 28 ? -4.683  -8.046  -4.731  1.00 20.48 ? 51  LYS A N   1 
ATOM   208 C CA  . LYS A 1 28 ? -3.765  -7.634  -5.751  1.00 21.14 ? 51  LYS A CA  1 
ATOM   209 C C   . LYS A 1 28 ? -4.072  -6.204  -6.182  1.00 20.67 ? 51  LYS A C   1 
ATOM   210 O O   . LYS A 1 28 ? -3.122  -5.437  -6.448  1.00 20.13 ? 51  LYS A O   1 
ATOM   211 C CB  . LYS A 1 28 ? -3.778  -8.551  -6.970  1.00 22.80 ? 51  LYS A CB  1 
ATOM   212 C CG  . LYS A 1 28 ? -3.008  -9.846  -6.778  1.00 24.62 ? 51  LYS A CG  1 
ATOM   213 C CD  . LYS A 1 28 ? -3.359  -10.927 -7.755  1.00 26.07 ? 51  LYS A CD  1 
ATOM   214 C CE  . LYS A 1 28 ? -2.227  -11.218 -8.709  1.00 28.08 ? 51  LYS A CE  1 
ATOM   215 N NZ  . LYS A 1 28 ? -2.455  -12.475 -9.486  1.00 29.57 ? 51  LYS A NZ  1 
ATOM   216 N N   . GLU A 1 29 ? -5.364  -5.856  -6.269  1.00 20.02 ? 52  GLU A N   1 
ATOM   217 C CA  . GLU A 1 29 ? -5.780  -4.501  -6.654  1.00 19.54 ? 52  GLU A CA  1 
ATOM   218 C C   . GLU A 1 29 ? -5.352  -3.502  -5.584  1.00 17.51 ? 52  GLU A C   1 
ATOM   219 O O   . GLU A 1 29 ? -4.867  -2.418  -5.912  1.00 16.28 ? 52  GLU A O   1 
ATOM   220 C CB  . GLU A 1 29 ? -7.288  -4.429  -6.876  1.00 20.95 ? 52  GLU A CB  1 
ATOM   221 C CG  . GLU A 1 29 ? -7.710  -5.016  -8.211  1.00 23.75 ? 52  GLU A CG  1 
ATOM   222 C CD  . GLU A 1 29 ? -9.121  -5.594  -8.304  1.00 26.14 ? 52  GLU A CD  1 
ATOM   223 O OE1 . GLU A 1 29 ? -10.047 -5.091  -7.664  1.00 25.85 ? 52  GLU A OE1 1 
ATOM   224 O OE2 . GLU A 1 29 ? -9.276  -6.629  -8.989  1.00 33.41 ? 52  GLU A OE2 1 
ATOM   225 N N   . VAL A 1 30 ? -5.530  -3.873  -4.310  1.00 17.14 ? 53  VAL A N   1 
ATOM   226 C CA  . VAL A 1 30 ? -5.250  -2.948  -3.177  1.00 17.50 ? 53  VAL A CA  1 
ATOM   227 C C   . VAL A 1 30 ? -3.750  -2.615  -3.205  1.00 18.04 ? 53  VAL A C   1 
ATOM   228 O O   . VAL A 1 30 ? -3.341  -1.440  -3.073  1.00 18.39 ? 53  VAL A O   1 
ATOM   229 C CB  . VAL A 1 30 ? -5.729  -3.509  -1.821  1.00 17.27 ? 53  VAL A CB  1 
ATOM   230 C CG1 . VAL A 1 30 ? -5.238  -2.706  -0.613  1.00 16.84 ? 53  VAL A CG1 1 
ATOM   231 C CG2 . VAL A 1 30 ? -7.246  -3.616  -1.818  1.00 17.14 ? 53  VAL A CG2 1 
ATOM   232 N N   . LEU A 1 31 ? -2.943  -3.625  -3.535  1.00 17.09 ? 54  LEU A N   1 
ATOM   233 C CA  . LEU A 1 31 ? -1.542  -3.429  -3.552  1.00 17.25 ? 54  LEU A CA  1 
ATOM   234 C C   . LEU A 1 31 ? -1.145  -2.637  -4.799  1.00 17.88 ? 54  LEU A C   1 
ATOM   235 O O   . LEU A 1 31 ? -0.197  -1.825  -4.754  1.00 18.49 ? 54  LEU A O   1 
ATOM   236 C CB  . LEU A 1 31 ? -0.889  -4.813  -3.519  1.00 17.27 ? 54  LEU A CB  1 
ATOM   237 C CG  . LEU A 1 31 ? -1.024  -5.538  -2.197  1.00 17.44 ? 54  LEU A CG  1 
ATOM   238 C CD1 . LEU A 1 31 ? -0.653  -7.024  -2.347  1.00 18.82 ? 54  LEU A CD1 1 
ATOM   239 C CD2 . LEU A 1 31 ? -0.172  -4.845  -1.165  1.00 16.97 ? 54  LEU A CD2 1 
ATOM   240 N N   . PHE A 1 32 ? -1.824  -2.922  -5.919  1.00 17.56 ? 55  PHE A N   1 
ATOM   241 C CA  . PHE A 1 32 ? -1.585  -2.217  -7.133  1.00 18.28 ? 55  PHE A CA  1 
ATOM   242 C C   . PHE A 1 32 ? -1.673  -0.717  -6.861  1.00 18.07 ? 55  PHE A C   1 
ATOM   243 O O   . PHE A 1 32 ? -0.729  -0.034  -7.046  1.00 18.87 ? 55  PHE A O   1 
ATOM   244 C CB  . PHE A 1 32 ? -2.572  -2.588  -8.231  1.00 18.86 ? 55  PHE A CB  1 
ATOM   245 C CG  . PHE A 1 32 ? -2.530  -1.586  -9.351  1.00 19.45 ? 55  PHE A CG  1 
ATOM   246 C CD1 . PHE A 1 32 ? -1.370  -1.420  -10.109 1.00 20.33 ? 55  PHE A CD1 1 
ATOM   247 C CD2 . PHE A 1 32 ? -3.629  -0.785  -9.626  1.00 19.30 ? 55  PHE A CD2 1 
ATOM   248 C CE1 . PHE A 1 32 ? -1.339  -0.483  -11.143 1.00 20.79 ? 55  PHE A CE1 1 
ATOM   249 C CE2 . PHE A 1 32 ? -3.585  0.166   -10.635 1.00 19.79 ? 55  PHE A CE2 1 
ATOM   250 C CZ  . PHE A 1 32 ? -2.447  0.308   -11.398 1.00 20.39 ? 55  PHE A CZ  1 
ATOM   251 N N   . TYR A 1 33 ? -2.830  -0.254  -6.404  1.00 18.34 ? 56  TYR A N   1 
ATOM   252 C CA  . TYR A 1 33 ? -3.073  1.165   -6.158  1.00 18.73 ? 56  TYR A CA  1 
ATOM   253 C C   . TYR A 1 33 ? -2.083  1.737   -5.131  1.00 18.77 ? 56  TYR A C   1 
ATOM   254 O O   . TYR A 1 33 ? -1.532  2.842   -5.312  1.00 17.89 ? 56  TYR A O   1 
ATOM   255 C CB  . TYR A 1 33 ? -4.508  1.386   -5.695  1.00 18.50 ? 56  TYR A CB  1 
ATOM   256 C CG  . TYR A 1 33 ? -5.553  1.178   -6.764  1.00 18.82 ? 56  TYR A CG  1 
ATOM   257 C CD1 . TYR A 1 33 ? -5.581  1.980   -7.903  1.00 19.06 ? 56  TYR A CD1 1 
ATOM   258 C CD2 . TYR A 1 33 ? -6.532  0.192   -6.626  1.00 18.47 ? 56  TYR A CD2 1 
ATOM   259 C CE1 . TYR A 1 33 ? -6.545  1.790   -8.883  1.00 19.43 ? 56  TYR A CE1 1 
ATOM   260 C CE2 . TYR A 1 33 ? -7.490  -0.020  -7.618  1.00 19.42 ? 56  TYR A CE2 1 
ATOM   261 C CZ  . TYR A 1 33 ? -7.507  0.799   -8.736  1.00 19.28 ? 56  TYR A CZ  1 
ATOM   262 O OH  . TYR A 1 33 ? -8.470  0.639   -9.681  1.00 20.32 ? 56  TYR A OH  1 
ATOM   263 N N   . LEU A 1 34 ? -1.841  0.966   -4.070  1.00 18.73 ? 57  LEU A N   1 
ATOM   264 C CA  . LEU A 1 34 ? -0.953  1.380   -2.983  1.00 18.28 ? 57  LEU A CA  1 
ATOM   265 C C   . LEU A 1 34 ? 0.491   1.510   -3.471  1.00 17.26 ? 57  LEU A C   1 
ATOM   266 O O   . LEU A 1 34 ? 1.227   2.469   -3.123  1.00 15.98 ? 57  LEU A O   1 
ATOM   267 C CB  . LEU A 1 34 ? -1.057  0.308   -1.919  1.00 19.57 ? 57  LEU A CB  1 
ATOM   268 C CG  . LEU A 1 34 ? -0.253  0.581   -0.678  1.00 21.65 ? 57  LEU A CG  1 
ATOM   269 C CD1 . LEU A 1 34 ? -0.364  2.059   -0.266  1.00 22.74 ? 57  LEU A CD1 1 
ATOM   270 C CD2 . LEU A 1 34 ? -0.751  -0.331  0.428   1.00 23.75 ? 57  LEU A CD2 1 
ATOM   271 N N   . GLY A 1 35 ? 0.871   0.578   -4.354  1.00 16.50 ? 58  GLY A N   1 
ATOM   272 C CA  . GLY A 1 35 ? 2.152   0.636   -5.025  1.00 16.49 ? 58  GLY A CA  1 
ATOM   273 C C   . GLY A 1 35 ? 2.291   1.875   -5.878  1.00 16.45 ? 58  GLY A C   1 
ATOM   274 O O   . GLY A 1 35 ? 3.283   2.540   -5.789  1.00 16.30 ? 58  GLY A O   1 
ATOM   275 N N   . GLN A 1 36 ? 1.253   2.197   -6.654  1.00 17.24 ? 59  GLN A N   1 
ATOM   276 C CA  . GLN A 1 36 ? 1.217   3.387   -7.530  1.00 17.99 ? 59  GLN A CA  1 
ATOM   277 C C   . GLN A 1 36 ? 1.313   4.686   -6.737  1.00 17.86 ? 59  GLN A C   1 
ATOM   278 O O   . GLN A 1 36 ? 2.024   5.566   -7.147  1.00 19.16 ? 59  GLN A O   1 
ATOM   279 C CB  . GLN A 1 36 ? -0.065  3.420   -8.348  1.00 18.46 ? 59  GLN A CB  1 
ATOM   280 C CG  . GLN A 1 36 ? -0.114  2.335   -9.416  1.00 19.31 ? 59  GLN A CG  1 
ATOM   281 C CD  . GLN A 1 36 ? 1.110   2.463   -10.280 1.00 20.59 ? 59  GLN A CD  1 
ATOM   282 O OE1 . GLN A 1 36 ? 2.016   1.645   -10.167 1.00 20.83 ? 59  GLN A OE1 1 
ATOM   283 N NE2 . GLN A 1 36 ? 1.196   3.549   -11.047 1.00 20.89 ? 59  GLN A NE2 1 
ATOM   284 N N   . TYR A 1 37 ? 0.503   4.829   -5.689  1.00 17.97 ? 60  TYR A N   1 
ATOM   285 C CA  . TYR A 1 37 ? 0.530   5.974   -4.773  1.00 17.87 ? 60  TYR A CA  1 
ATOM   286 C C   . TYR A 1 37 ? 1.985   6.253   -4.328  1.00 18.27 ? 60  TYR A C   1 
ATOM   287 O O   . TYR A 1 37 ? 2.403   7.347   -4.311  1.00 17.28 ? 60  TYR A O   1 
ATOM   288 C CB  . TYR A 1 37 ? -0.369  5.694   -3.567  1.00 16.91 ? 60  TYR A CB  1 
ATOM   289 C CG  . TYR A 1 37 ? -0.484  6.805   -2.537  1.00 16.35 ? 60  TYR A CG  1 
ATOM   290 C CD1 . TYR A 1 37 ? 0.331   6.835   -1.412  1.00 15.83 ? 60  TYR A CD1 1 
ATOM   291 C CD2 . TYR A 1 37 ? -1.432  7.805   -2.659  1.00 16.56 ? 60  TYR A CD2 1 
ATOM   292 C CE1 . TYR A 1 37 ? 0.235   7.851   -0.469  1.00 16.01 ? 60  TYR A CE1 1 
ATOM   293 C CE2 . TYR A 1 37 ? -1.591  8.794   -1.692  1.00 17.07 ? 60  TYR A CE2 1 
ATOM   294 C CZ  . TYR A 1 37 ? -0.755  8.821   -0.586  1.00 16.71 ? 60  TYR A CZ  1 
ATOM   295 O OH  . TYR A 1 37 ? -0.910  9.793   0.361   1.00 17.01 ? 60  TYR A OH  1 
ATOM   296 N N   . ILE A 1 38 ? 2.722   5.204   -3.973  1.00 19.31 ? 61  ILE A N   1 
ATOM   297 C CA  . ILE A 1 38 ? 4.015   5.339   -3.379  1.00 20.87 ? 61  ILE A CA  1 
ATOM   298 C C   . ILE A 1 38 ? 5.055   5.727   -4.448  1.00 22.82 ? 61  ILE A C   1 
ATOM   299 O O   . ILE A 1 38 ? 5.897   6.520   -4.141  1.00 21.34 ? 61  ILE A O   1 
ATOM   300 C CB  . ILE A 1 38 ? 4.432   4.059   -2.623  1.00 20.36 ? 61  ILE A CB  1 
ATOM   301 C CG1 . ILE A 1 38 ? 3.630   3.848   -1.335  1.00 19.48 ? 61  ILE A CG1 1 
ATOM   302 C CG2 . ILE A 1 38 ? 5.944   4.062   -2.382  1.00 20.29 ? 61  ILE A CG2 1 
ATOM   303 C CD1 . ILE A 1 38 ? 3.583   2.425   -0.838  1.00 19.60 ? 61  ILE A CD1 1 
ATOM   304 N N   . MET A 1 39 ? 4.992   5.153   -5.657  1.00 26.12 ? 62  MET A N   1 
ATOM   305 C CA  . MET A 1 39 ? 5.836   5.563   -6.790  1.00 30.76 ? 62  MET A CA  1 
ATOM   306 C C   . MET A 1 39 ? 5.539   6.999   -7.208  1.00 30.59 ? 62  MET A C   1 
ATOM   307 O O   . MET A 1 39 ? 6.461   7.778   -7.296  1.00 28.78 ? 62  MET A O   1 
ATOM   308 C CB  . MET A 1 39 ? 5.600   4.697   -8.023  1.00 36.65 ? 62  MET A CB  1 
ATOM   309 C CG  . MET A 1 39 ? 6.300   3.418   -7.918  1.00 43.18 ? 62  MET A CG  1 
ATOM   310 S SD  . MET A 1 39 ? 6.493   2.617   -9.480  1.00 56.48 ? 62  MET A SD  1 
ATOM   311 C CE  . MET A 1 39 ? 4.910   1.765   -9.543  1.00 51.17 ? 62  MET A CE  1 
ATOM   312 N N   . THR A 1 40 ? 4.256   7.262   -7.517  1.00 31.58 ? 63  THR A N   1 
ATOM   313 C CA  . THR A 1 40 ? 3.629   8.584   -7.795  1.00 33.56 ? 63  THR A CA  1 
ATOM   314 C C   . THR A 1 40 ? 4.227   9.672   -6.873  1.00 34.46 ? 63  THR A C   1 
ATOM   315 O O   . THR A 1 40 ? 4.877   10.621  -7.331  1.00 34.04 ? 63  THR A O   1 
ATOM   316 C CB  . THR A 1 40 ? 2.103   8.388   -7.683  1.00 36.02 ? 63  THR A CB  1 
ATOM   317 O OG1 . THR A 1 40 ? 1.662   7.916   -8.964  1.00 39.81 ? 63  THR A OG1 1 
ATOM   318 C CG2 . THR A 1 40 ? 1.301   9.601   -7.261  1.00 36.58 ? 63  THR A CG2 1 
ATOM   319 N N   . LYS A 1 41 ? 4.010   9.518   -5.560  1.00 32.95 ? 64  LYS A N   1 
ATOM   320 C CA  . LYS A 1 41 ? 4.417   10.486  -4.563  1.00 34.63 ? 64  LYS A CA  1 
ATOM   321 C C   . LYS A 1 41 ? 5.929   10.396  -4.266  1.00 33.58 ? 64  LYS A C   1 
ATOM   322 O O   . LYS A 1 41 ? 6.452   11.238  -3.592  1.00 32.83 ? 64  LYS A O   1 
ATOM   323 C CB  . LYS A 1 41 ? 3.571   10.298  -3.302  1.00 33.67 ? 64  LYS A CB  1 
ATOM   324 C CG  . LYS A 1 41 ? 2.092   10.572  -3.492  1.00 33.80 ? 64  LYS A CG  1 
ATOM   325 C CD  . LYS A 1 41 ? 1.386   10.781  -2.191  1.00 34.71 ? 64  LYS A CD  1 
ATOM   326 C CE  . LYS A 1 41 ? 1.717   12.086  -1.517  1.00 36.07 ? 64  LYS A CE  1 
ATOM   327 N NZ  . LYS A 1 41 ? 0.514   12.927  -1.352  1.00 40.25 ? 64  LYS A NZ  1 
ATOM   328 N N   . ARG A 1 42 ? 6.610   9.351   -4.753  1.00 33.94 ? 65  ARG A N   1 
ATOM   329 C CA  . ARG A 1 42 ? 8.052   9.266   -4.730  1.00 33.32 ? 65  ARG A CA  1 
ATOM   330 C C   . ARG A 1 42 ? 8.507   9.125   -3.261  1.00 29.96 ? 65  ARG A C   1 
ATOM   331 O O   . ARG A 1 42 ? 9.543   9.679   -2.841  1.00 29.67 ? 65  ARG A O   1 
ATOM   332 C CB  . ARG A 1 42 ? 8.521   10.524  -5.481  1.00 39.46 ? 65  ARG A CB  1 
ATOM   333 C CG  . ARG A 1 42 ? 9.865   10.493  -6.198  1.00 42.83 ? 65  ARG A CG  1 
ATOM   334 C CD  . ARG A 1 42 ? 10.156  11.919  -6.729  1.00 47.20 ? 65  ARG A CD  1 
ATOM   335 N NE  . ARG A 1 42 ? 9.946   12.998  -5.734  1.00 48.79 ? 65  ARG A NE  1 
ATOM   336 C CZ  . ARG A 1 42 ? 9.690   14.281  -5.999  1.00 48.99 ? 65  ARG A CZ  1 
ATOM   337 N NH1 . ARG A 1 42 ? 9.344   15.104  -5.024  1.00 49.92 ? 65  ARG A NH1 1 
ATOM   338 N NH2 . ARG A 1 42 ? 9.768   14.748  -7.229  1.00 51.00 ? 65  ARG A NH2 1 
ATOM   339 N N   . LEU A 1 43 ? 7.747   8.342   -2.481  1.00 26.57 ? 66  LEU A N   1 
ATOM   340 C CA  . LEU A 1 43 ? 7.946   8.164   -1.056  1.00 23.43 ? 66  LEU A CA  1 
ATOM   341 C C   . LEU A 1 43 ? 9.057   7.175   -0.747  1.00 23.07 ? 66  LEU A C   1 
ATOM   342 O O   . LEU A 1 43 ? 9.523   7.158   0.374   1.00 24.67 ? 66  LEU A O   1 
ATOM   343 C CB  . LEU A 1 43 ? 6.668   7.638   -0.420  1.00 22.52 ? 66  LEU A CB  1 
ATOM   344 C CG  . LEU A 1 43 ? 5.462   8.564   -0.467  1.00 22.70 ? 66  LEU A CG  1 
ATOM   345 C CD1 . LEU A 1 43 ? 4.381   8.020   0.431   1.00 22.93 ? 66  LEU A CD1 1 
ATOM   346 C CD2 . LEU A 1 43 ? 5.782   10.008  -0.091  1.00 22.63 ? 66  LEU A CD2 1 
ATOM   347 N N   . TYR A 1 44 ? 9.441   6.336   -1.707  1.00 21.77 ? 67  TYR A N   1 
ATOM   348 C CA  . TYR A 1 44 ? 10.518  5.325   -1.467  1.00 21.78 ? 67  TYR A CA  1 
ATOM   349 C C   . TYR A 1 44 ? 11.899  6.018   -1.422  1.00 21.52 ? 67  TYR A C   1 
ATOM   350 O O   . TYR A 1 44 ? 12.113  6.994   -2.071  1.00 21.54 ? 67  TYR A O   1 
ATOM   351 C CB  . TYR A 1 44 ? 10.465  4.220   -2.539  1.00 21.56 ? 67  TYR A CB  1 
ATOM   352 C CG  . TYR A 1 44 ? 10.733  4.708   -3.943  1.00 21.94 ? 67  TYR A CG  1 
ATOM   353 C CD1 . TYR A 1 44 ? 12.032  4.809   -4.413  1.00 23.60 ? 67  TYR A CD1 1 
ATOM   354 C CD2 . TYR A 1 44 ? 9.716   5.140   -4.781  1.00 22.42 ? 67  TYR A CD2 1 
ATOM   355 C CE1 . TYR A 1 44 ? 12.319  5.268   -5.692  1.00 23.55 ? 67  TYR A CE1 1 
ATOM   356 C CE2 . TYR A 1 44 ? 9.983   5.624   -6.056  1.00 22.81 ? 67  TYR A CE2 1 
ATOM   357 C CZ  . TYR A 1 44 ? 11.287  5.680   -6.499  1.00 23.24 ? 67  TYR A CZ  1 
ATOM   358 O OH  . TYR A 1 44 ? 11.600  6.129   -7.731  1.00 27.61 ? 67  TYR A OH  1 
ATOM   359 N N   . ASP A 1 45 ? 12.846  5.414   -0.713  1.00 21.47 ? 68  ASP A N   1 
ATOM   360 C CA  . ASP A 1 45 ? 14.190  5.886   -0.585  1.00 22.92 ? 68  ASP A CA  1 
ATOM   361 C C   . ASP A 1 45 ? 14.898  5.581   -1.908  1.00 24.28 ? 68  ASP A C   1 
ATOM   362 O O   . ASP A 1 45 ? 14.731  4.457   -2.400  1.00 22.84 ? 68  ASP A O   1 
ATOM   363 C CB  . ASP A 1 45 ? 14.870  5.198   0.617   1.00 23.00 ? 68  ASP A CB  1 
ATOM   364 C CG  . ASP A 1 45 ? 16.279  5.660   0.993   1.00 23.44 ? 68  ASP A CG  1 
ATOM   365 O OD1 . ASP A 1 45 ? 17.241  5.364   0.233   1.00 23.56 ? 68  ASP A OD1 1 
ATOM   366 O OD2 . ASP A 1 45 ? 16.413  6.290   2.043   1.00 23.40 ? 68  ASP A OD2 1 
ATOM   367 N N   . GLU A 1 46 ? 15.676  6.549   -2.430  1.00 25.40 ? 69  GLU A N   1 
ATOM   368 C CA  . GLU A 1 46 ? 16.409  6.424   -3.727  1.00 29.15 ? 69  GLU A CA  1 
ATOM   369 C C   . GLU A 1 46 ? 17.424  5.274   -3.714  1.00 31.18 ? 69  GLU A C   1 
ATOM   370 O O   . GLU A 1 46 ? 17.457  4.492   -4.650  1.00 32.41 ? 69  GLU A O   1 
ATOM   371 C CB  . GLU A 1 46 ? 17.245  7.655   -4.064  1.00 29.86 ? 69  GLU A CB  1 
ATOM   372 C CG  . GLU A 1 46 ? 16.535  8.729   -4.840  1.00 31.15 ? 69  GLU A CG  1 
ATOM   373 C CD  . GLU A 1 46 ? 17.343  10.027  -4.798  1.00 35.19 ? 69  GLU A CD  1 
ATOM   374 O OE1 . GLU A 1 46 ? 18.321  10.142  -5.564  1.00 38.65 ? 69  GLU A OE1 1 
ATOM   375 O OE2 . GLU A 1 46 ? 17.056  10.908  -3.948  1.00 36.03 ? 69  GLU A OE2 1 
ATOM   376 N N   . LYS A 1 47 ? 18.250  5.220   -2.658  1.00 34.38 ? 70  LYS A N   1 
ATOM   377 C CA  . LYS A 1 47 ? 19.402  4.300   -2.516  1.00 37.47 ? 70  LYS A CA  1 
ATOM   378 C C   . LYS A 1 47 ? 18.972  2.911   -2.016  1.00 35.81 ? 70  LYS A C   1 
ATOM   379 O O   . LYS A 1 47 ? 19.601  1.907   -2.293  1.00 36.22 ? 70  LYS A O   1 
ATOM   380 C CB  . LYS A 1 47 ? 20.434  4.902   -1.550  1.00 41.33 ? 70  LYS A CB  1 
ATOM   381 C CG  . LYS A 1 47 ? 21.598  3.985   -1.190  1.00 47.21 ? 70  LYS A CG  1 
ATOM   382 C CD  . LYS A 1 47 ? 22.745  4.656   -0.439  1.00 51.98 ? 70  LYS A CD  1 
ATOM   383 C CE  . LYS A 1 47 ? 23.914  3.716   -0.194  1.00 55.63 ? 70  LYS A CE  1 
ATOM   384 N NZ  . LYS A 1 47 ? 24.948  4.342   0.671   1.00 57.27 ? 70  LYS A NZ  1 
ATOM   385 N N   . GLN A 1 48 ? 17.912  2.877   -1.224  1.00 34.30 ? 71  GLN A N   1 
ATOM   386 C CA  . GLN A 1 48 ? 17.479  1.704   -0.558  1.00 33.24 ? 71  GLN A CA  1 
ATOM   387 C C   . GLN A 1 48 ? 15.982  1.615   -0.832  1.00 29.43 ? 71  GLN A C   1 
ATOM   388 O O   . GLN A 1 48 ? 15.183  2.069   -0.073  1.00 28.04 ? 71  GLN A O   1 
ATOM   389 C CB  . GLN A 1 48 ? 17.819  1.803   0.926   1.00 35.36 ? 71  GLN A CB  1 
ATOM   390 C CG  . GLN A 1 48 ? 19.209  1.291   1.260   1.00 40.67 ? 71  GLN A CG  1 
ATOM   391 C CD  . GLN A 1 48 ? 19.451  1.395   2.746   1.00 44.20 ? 71  GLN A CD  1 
ATOM   392 O OE1 . GLN A 1 48 ? 19.461  0.386   3.466   1.00 47.21 ? 71  GLN A OE1 1 
ATOM   393 N NE2 . GLN A 1 48 ? 19.562  2.631   3.226   1.00 43.11 ? 71  GLN A NE2 1 
ATOM   394 N N   . GLN A 1 49 ? 15.630  1.071   -1.984  1.00 26.55 ? 72  GLN A N   1 
ATOM   395 C CA  . GLN A 1 49 ? 14.356  1.398   -2.560  1.00 25.52 ? 72  GLN A CA  1 
ATOM   396 C C   . GLN A 1 49 ? 13.196  0.604   -1.935  1.00 23.85 ? 72  GLN A C   1 
ATOM   397 O O   . GLN A 1 49 ? 12.031  0.929   -2.196  1.00 23.32 ? 72  GLN A O   1 
ATOM   398 C CB  . GLN A 1 49 ? 14.478  1.261   -4.072  1.00 26.70 ? 72  GLN A CB  1 
ATOM   399 C CG  . GLN A 1 49 ? 14.849  2.587   -4.679  1.00 26.51 ? 72  GLN A CG  1 
ATOM   400 C CD  . GLN A 1 49 ? 14.884  2.628   -6.173  1.00 25.59 ? 72  GLN A CD  1 
ATOM   401 O OE1 . GLN A 1 49 ? 14.079  1.977   -6.855  1.00 24.77 ? 72  GLN A OE1 1 
ATOM   402 N NE2 . GLN A 1 49 ? 15.706  3.546   -6.645  1.00 24.08 ? 72  GLN A NE2 1 
ATOM   403 N N   . HIS A 1 50 ? 13.526  -0.387  -1.096  1.00 22.41 ? 73  HIS A N   1 
ATOM   404 C CA  . HIS A 1 50 ? 12.601  -1.063  -0.207  1.00 20.70 ? 73  HIS A CA  1 
ATOM   405 C C   . HIS A 1 50 ? 12.192  -0.192  0.993   1.00 19.43 ? 73  HIS A C   1 
ATOM   406 O O   . HIS A 1 50 ? 11.251  -0.498  1.649   1.00 18.63 ? 73  HIS A O   1 
ATOM   407 C CB  . HIS A 1 50 ? 13.206  -2.378  0.262   1.00 21.64 ? 73  HIS A CB  1 
ATOM   408 C CG  . HIS A 1 50 ? 14.426  -2.212  1.105   1.00 21.72 ? 73  HIS A CG  1 
ATOM   409 N ND1 . HIS A 1 50 ? 14.377  -2.240  2.464   1.00 22.76 ? 73  HIS A ND1 1 
ATOM   410 C CD2 . HIS A 1 50 ? 15.714  -2.018  0.789   1.00 22.86 ? 73  HIS A CD2 1 
ATOM   411 C CE1 . HIS A 1 50 ? 15.592  -2.052  2.964   1.00 23.76 ? 73  HIS A CE1 1 
ATOM   412 N NE2 . HIS A 1 50 ? 16.431  -1.931  1.961   1.00 23.74 ? 73  HIS A NE2 1 
ATOM   413 N N   . ILE A 1 51 ? 12.893  0.895   1.281   1.00 19.94 ? 74  ILE A N   1 
ATOM   414 C CA  . ILE A 1 51 ? 12.483  1.833   2.351   1.00 19.70 ? 74  ILE A CA  1 
ATOM   415 C C   . ILE A 1 51 ? 11.462  2.832   1.803   1.00 19.28 ? 74  ILE A C   1 
ATOM   416 O O   . ILE A 1 51 ? 11.730  3.460   0.788   1.00 18.79 ? 74  ILE A O   1 
ATOM   417 C CB  . ILE A 1 51 ? 13.671  2.591   2.947   1.00 19.89 ? 74  ILE A CB  1 
ATOM   418 C CG1 . ILE A 1 51 ? 14.766  1.644   3.434   1.00 20.92 ? 74  ILE A CG1 1 
ATOM   419 C CG2 . ILE A 1 51 ? 13.188  3.516   4.060   1.00 20.00 ? 74  ILE A CG2 1 
ATOM   420 C CD1 . ILE A 1 51 ? 14.270  0.574   4.394   1.00 21.54 ? 74  ILE A CD1 1 
ATOM   421 N N   . VAL A 1 52 ? 10.329  2.949   2.520   1.00 19.19 ? 75  VAL A N   1 
ATOM   422 C CA  . VAL A 1 52 ? 9.207   3.873   2.259   1.00 19.03 ? 75  VAL A CA  1 
ATOM   423 C C   . VAL A 1 52 ? 9.026   4.801   3.484   1.00 19.25 ? 75  VAL A C   1 
ATOM   424 O O   . VAL A 1 52 ? 8.743   4.361   4.546   1.00 19.51 ? 75  VAL A O   1 
ATOM   425 C CB  . VAL A 1 52 ? 7.888   3.143   1.903   1.00 18.10 ? 75  VAL A CB  1 
ATOM   426 C CG1 . VAL A 1 52 ? 6.754   4.128   1.630   1.00 17.75 ? 75  VAL A CG1 1 
ATOM   427 C CG2 . VAL A 1 52 ? 8.023   2.163   0.719   1.00 18.06 ? 75  VAL A CG2 1 
ATOM   428 N N   . TYR A 1 53 ? 9.137   6.117   3.273   1.00 19.59 ? 76  TYR A N   1 
ATOM   429 C CA  . TYR A 1 53 ? 8.925   7.135   4.283   1.00 20.14 ? 76  TYR A CA  1 
ATOM   430 C C   . TYR A 1 53 ? 7.493   7.657   4.144   1.00 20.25 ? 76  TYR A C   1 
ATOM   431 O O   . TYR A 1 53 ? 7.187   8.244   3.131   1.00 20.92 ? 76  TYR A O   1 
ATOM   432 C CB  . TYR A 1 53 ? 9.956   8.253   4.103   1.00 20.83 ? 76  TYR A CB  1 
ATOM   433 C CG  . TYR A 1 53 ? 11.391  7.787   4.196   1.00 21.38 ? 76  TYR A CG  1 
ATOM   434 C CD1 . TYR A 1 53 ? 11.926  7.339   5.385   1.00 21.92 ? 76  TYR A CD1 1 
ATOM   435 C CD2 . TYR A 1 53 ? 12.197  7.739   3.074   1.00 22.00 ? 76  TYR A CD2 1 
ATOM   436 C CE1 . TYR A 1 53 ? 13.252  6.946   5.474   1.00 23.30 ? 76  TYR A CE1 1 
ATOM   437 C CE2 . TYR A 1 53 ? 13.520  7.341   3.136   1.00 22.66 ? 76  TYR A CE2 1 
ATOM   438 C CZ  . TYR A 1 53 ? 14.056  6.928   4.340   1.00 23.60 ? 76  TYR A CZ  1 
ATOM   439 O OH  . TYR A 1 53 ? 15.356  6.482   4.393   1.00 24.00 ? 76  TYR A OH  1 
ATOM   440 N N   . CYS A 1 54 ? 6.631   7.392   5.134   1.00 20.05 ? 77  CYS A N   1 
ATOM   441 C CA  . CYS A 1 54 ? 5.225   7.734   5.054   1.00 20.15 ? 77  CYS A CA  1 
ATOM   442 C C   . CYS A 1 54 ? 4.814   8.682   6.178   1.00 20.95 ? 77  CYS A C   1 
ATOM   443 O O   . CYS A 1 54 ? 3.609   9.057   6.262   1.00 19.91 ? 77  CYS A O   1 
ATOM   444 C CB  . CYS A 1 54 ? 4.329   6.495   5.068   1.00 19.68 ? 77  CYS A CB  1 
ATOM   445 S SG  . CYS A 1 54 ? 4.753   5.237   6.301   1.00 19.12 ? 77  CYS A SG  1 
ATOM   446 N N   . SER A 1 55 ? 5.763   9.084   7.038   1.00 22.06 ? 78  SER A N   1 
ATOM   447 C CA  . SER A 1 55 ? 5.366   10.100  8.019   1.00 23.58 ? 78  SER A CA  1 
ATOM   448 C C   . SER A 1 55 ? 4.790   11.312  7.270   1.00 22.95 ? 78  SER A C   1 
ATOM   449 O O   . SER A 1 55 ? 5.190   11.657  6.189   1.00 22.02 ? 78  SER A O   1 
ATOM   450 C CB  . SER A 1 55 ? 6.449   10.530  8.946   1.00 24.45 ? 78  SER A CB  1 
ATOM   451 O OG  . SER A 1 55 ? 5.881   11.307  9.990   1.00 25.31 ? 78  SER A OG  1 
ATOM   452 N N   . ASN A 1 56 ? 3.762   11.898  7.855   1.00 23.86 ? 79  ASN A N   1 
ATOM   453 C CA  . ASN A 1 56 ? 3.229   13.168  7.391   1.00 24.62 ? 79  ASN A CA  1 
ATOM   454 C C   . ASN A 1 56 ? 2.501   12.973  6.052   1.00 23.29 ? 79  ASN A C   1 
ATOM   455 O O   . ASN A 1 56 ? 2.595   13.765  5.108   1.00 22.07 ? 79  ASN A O   1 
ATOM   456 C CB  . ASN A 1 56 ? 4.324   14.238  7.424   1.00 24.75 ? 79  ASN A CB  1 
ATOM   457 C CG  . ASN A 1 56 ? 3.703   15.524  7.911   1.00 26.28 ? 79  ASN A CG  1 
ATOM   458 O OD1 . ASN A 1 56 ? 2.495   15.703  7.709   1.00 25.65 ? 79  ASN A OD1 1 
ATOM   459 N ND2 . ASN A 1 56 ? 4.495   16.374  8.550   1.00 26.17 ? 79  ASN A ND2 1 
ATOM   460 N N   . ASP A 1 57 ? 1.701   11.912  6.030   1.00 23.09 ? 80  ASP A N   1 
ATOM   461 C CA  . ASP A 1 57 ? 1.003   11.458  4.835   1.00 23.57 ? 80  ASP A CA  1 
ATOM   462 C C   . ASP A 1 57 ? -0.168  10.555  5.256   1.00 23.06 ? 80  ASP A C   1 
ATOM   463 O O   . ASP A 1 57 ? -0.110  9.835   6.269   1.00 22.27 ? 80  ASP A O   1 
ATOM   464 C CB  . ASP A 1 57 ? 1.970   10.716  3.906   1.00 23.45 ? 80  ASP A CB  1 
ATOM   465 C CG  . ASP A 1 57 ? 1.448   10.479  2.497   1.00 24.20 ? 80  ASP A CG  1 
ATOM   466 O OD1 . ASP A 1 57 ? 0.728   9.501   2.280   1.00 23.00 ? 80  ASP A OD1 1 
ATOM   467 O OD2 . ASP A 1 57 ? 1.803   11.278  1.623   1.00 28.27 ? 80  ASP A OD2 1 
ATOM   468 N N   . LEU A 1 58 ? -1.228  10.570  4.446   1.00 23.06 ? 81  LEU A N   1 
ATOM   469 C CA  . LEU A 1 58 ? -2.366  9.686   4.645   1.00 22.95 ? 81  LEU A CA  1 
ATOM   470 C C   . LEU A 1 58 ? -1.875  8.239   4.799   1.00 22.03 ? 81  LEU A C   1 
ATOM   471 O O   . LEU A 1 58 ? -2.469  7.488   5.573   1.00 21.67 ? 81  LEU A O   1 
ATOM   472 C CB  . LEU A 1 58 ? -3.349  9.833   3.474   1.00 23.27 ? 81  LEU A CB  1 
ATOM   473 C CG  . LEU A 1 58 ? -4.553  8.878   3.478   1.00 23.01 ? 81  LEU A CG  1 
ATOM   474 C CD1 . LEU A 1 58 ? -5.212  8.798   4.847   1.00 22.56 ? 81  LEU A CD1 1 
ATOM   475 C CD2 . LEU A 1 58 ? -5.578  9.285   2.426   1.00 23.71 ? 81  LEU A CD2 1 
ATOM   476 N N   . LEU A 1 59 ? -0.798  7.865   4.089   1.00 21.27 ? 82  LEU A N   1 
ATOM   477 C CA  . LEU A 1 59 ? -0.250  6.505   4.195   1.00 20.39 ? 82  LEU A CA  1 
ATOM   478 C C   . LEU A 1 59 ? 0.296   6.252   5.598   1.00 20.51 ? 82  LEU A C   1 
ATOM   479 O O   . LEU A 1 59 ? 0.222   5.153   6.091   1.00 20.69 ? 82  LEU A O   1 
ATOM   480 C CB  . LEU A 1 59 ? 0.846   6.277   3.152   1.00 19.28 ? 82  LEU A CB  1 
ATOM   481 C CG  . LEU A 1 59 ? 1.461   4.877   3.111   1.00 18.55 ? 82  LEU A CG  1 
ATOM   482 C CD1 . LEU A 1 59 ? 0.414   3.824   2.811   1.00 18.60 ? 82  LEU A CD1 1 
ATOM   483 C CD2 . LEU A 1 59 ? 2.530   4.806   2.052   1.00 18.77 ? 82  LEU A CD2 1 
ATOM   484 N N   . GLY A 1 60 ? 0.894   7.275   6.195   1.00 22.10 ? 83  GLY A N   1 
ATOM   485 C CA  . GLY A 1 60 ? 1.370   7.278   7.613   1.00 22.27 ? 83  GLY A CA  1 
ATOM   486 C C   . GLY A 1 60 ? 0.238   7.108   8.606   1.00 22.93 ? 83  GLY A C   1 
ATOM   487 O O   . GLY A 1 60 ? 0.342   6.339   9.560   1.00 22.45 ? 83  GLY A O   1 
ATOM   488 N N   . ASP A 1 61 ? -0.876  7.781   8.343   1.00 24.30 ? 84  ASP A N   1 
ATOM   489 C CA  . ASP A 1 61 ? -2.080  7.613   9.165   1.00 28.10 ? 84  ASP A CA  1 
ATOM   490 C C   . ASP A 1 61 ? -2.596  6.157   9.108   1.00 28.39 ? 84  ASP A C   1 
ATOM   491 O O   . ASP A 1 61 ? -2.986  5.591   10.169  1.00 26.66 ? 84  ASP A O   1 
ATOM   492 C CB  . ASP A 1 61 ? -3.143  8.649   8.803   1.00 29.21 ? 84  ASP A CB  1 
ATOM   493 C CG  . ASP A 1 61 ? -2.665  10.064  9.084   1.00 31.72 ? 84  ASP A CG  1 
ATOM   494 O OD1 . ASP A 1 61 ? -1.562  10.204  9.681   1.00 31.21 ? 84  ASP A OD1 1 
ATOM   495 O OD2 . ASP A 1 61 ? -3.385  11.016  8.684   1.00 34.47 ? 84  ASP A OD2 1 
ATOM   496 N N   . LEU A 1 62 ? -2.597  5.553   7.905   1.00 27.16 ? 85  LEU A N   1 
ATOM   497 C CA  . LEU A 1 62 ? -3.140  4.204   7.769   1.00 27.64 ? 85  LEU A CA  1 
ATOM   498 C C   . LEU A 1 62 ? -2.218  3.243   8.505   1.00 28.12 ? 85  LEU A C   1 
ATOM   499 O O   . LEU A 1 62 ? -2.687  2.338   9.132   1.00 29.74 ? 85  LEU A O   1 
ATOM   500 C CB  . LEU A 1 62 ? -3.280  3.786   6.304   1.00 27.01 ? 85  LEU A CB  1 
ATOM   501 C CG  . LEU A 1 62 ? -4.167  4.658   5.417   1.00 26.73 ? 85  LEU A CG  1 
ATOM   502 C CD1 . LEU A 1 62 ? -3.810  4.412   3.971   1.00 27.38 ? 85  LEU A CD1 1 
ATOM   503 C CD2 . LEU A 1 62 ? -5.645  4.387   5.608   1.00 27.97 ? 85  LEU A CD2 1 
ATOM   504 N N   . PHE A 1 63 ? -0.908  3.491   8.444   1.00 30.17 ? 86  PHE A N   1 
ATOM   505 C CA  . PHE A 1 63 ? 0.082   2.491   8.835   1.00 31.08 ? 86  PHE A CA  1 
ATOM   506 C C   . PHE A 1 63 ? 0.473   2.658   10.310  1.00 31.62 ? 86  PHE A C   1 
ATOM   507 O O   . PHE A 1 63 ? 0.741   1.671   10.961  1.00 32.59 ? 86  PHE A O   1 
ATOM   508 C CB  . PHE A 1 63 ? 1.259   2.523   7.854   1.00 33.22 ? 86  PHE A CB  1 
ATOM   509 C CG  . PHE A 1 63 ? 1.114   1.673   6.600   1.00 34.79 ? 86  PHE A CG  1 
ATOM   510 C CD1 . PHE A 1 63 ? -0.124  1.341   6.059   1.00 38.19 ? 86  PHE A CD1 1 
ATOM   511 C CD2 . PHE A 1 63 ? 2.232   1.218   5.931   1.00 35.27 ? 86  PHE A CD2 1 
ATOM   512 C CE1 . PHE A 1 63 ? -0.224  0.532   4.921   1.00 39.27 ? 86  PHE A CE1 1 
ATOM   513 C CE2 . PHE A 1 63 ? 2.135   0.463   4.774   1.00 34.97 ? 86  PHE A CE2 1 
ATOM   514 C CZ  . PHE A 1 63 ? 0.909   0.098   4.283   1.00 38.30 ? 86  PHE A CZ  1 
ATOM   515 N N   . GLY A 1 64 ? 0.504   3.902   10.821  1.00 30.61 ? 87  GLY A N   1 
ATOM   516 C CA  . GLY A 1 64 ? 0.810   4.176   12.203  1.00 29.73 ? 87  GLY A CA  1 
ATOM   517 C C   . GLY A 1 64 ? 2.307   4.169   12.476  1.00 29.85 ? 87  GLY A C   1 
ATOM   518 O O   . GLY A 1 64 ? 2.703   3.975   13.658  1.00 28.75 ? 87  GLY A O   1 
ATOM   519 N N   . VAL A 1 65 ? 3.112   4.358   11.401  1.00 28.34 ? 88  VAL A N   1 
ATOM   520 C CA  . VAL A 1 65 ? 4.608   4.371   11.421  1.00 28.03 ? 88  VAL A CA  1 
ATOM   521 C C   . VAL A 1 65 ? 5.117   5.464   10.483  1.00 25.43 ? 88  VAL A C   1 
ATOM   522 O O   . VAL A 1 65 ? 4.397   5.885   9.581   1.00 23.19 ? 88  VAL A O   1 
ATOM   523 C CB  . VAL A 1 65 ? 5.260   3.011   11.052  1.00 30.60 ? 88  VAL A CB  1 
ATOM   524 C CG1 . VAL A 1 65 ? 4.952   1.924   12.071  1.00 31.81 ? 88  VAL A CG1 1 
ATOM   525 C CG2 . VAL A 1 65 ? 4.915   2.510   9.653   1.00 29.78 ? 88  VAL A CG2 1 
ATOM   526 N N   . PRO A 1 66 ? 6.340   6.006   10.731  1.00 25.27 ? 89  PRO A N   1 
ATOM   527 C CA  . PRO A 1 66 ? 6.942   7.021   9.863   1.00 24.91 ? 89  PRO A CA  1 
ATOM   528 C C   . PRO A 1 66 ? 7.648   6.422   8.640   1.00 24.68 ? 89  PRO A C   1 
ATOM   529 O O   . PRO A 1 66 ? 7.907   7.139   7.666   1.00 26.03 ? 89  PRO A O   1 
ATOM   530 C CB  . PRO A 1 66 ? 7.947   7.722   10.777  1.00 24.94 ? 89  PRO A CB  1 
ATOM   531 C CG  . PRO A 1 66 ? 8.405   6.617   11.697  1.00 25.65 ? 89  PRO A CG  1 
ATOM   532 C CD  . PRO A 1 66 ? 7.176   5.755   11.924  1.00 25.81 ? 89  PRO A CD  1 
ATOM   533 N N   . SER A 1 67 ? 7.975   5.123   8.719   1.00 24.91 ? 90  SER A N   1 
ATOM   534 C CA  . SER A 1 67 ? 8.585   4.401   7.646   1.00 22.72 ? 90  SER A CA  1 
ATOM   535 C C   . SER A 1 67 ? 8.407   2.884   7.815   1.00 22.53 ? 90  SER A C   1 
ATOM   536 O O   . SER A 1 67 ? 8.020   2.376   8.867   1.00 22.44 ? 90  SER A O   1 
ATOM   537 C CB  . SER A 1 67 ? 10.046  4.787   7.527   1.00 22.79 ? 90  SER A CB  1 
ATOM   538 O OG  . SER A 1 67 ? 10.804  4.321   8.617   1.00 21.90 ? 90  SER A OG  1 
ATOM   539 N N   . PHE A 1 68 ? 8.698   2.165   6.726   1.00 21.19 ? 91  PHE A N   1 
ATOM   540 C CA  . PHE A 1 68 ? 8.662   0.740   6.711   1.00 20.85 ? 91  PHE A CA  1 
ATOM   541 C C   . PHE A 1 68 ? 9.436   0.209   5.501   1.00 21.00 ? 91  PHE A C   1 
ATOM   542 O O   . PHE A 1 68 ? 9.687   0.957   4.525   1.00 19.64 ? 91  PHE A O   1 
ATOM   543 C CB  . PHE A 1 68 ? 7.215   0.248   6.659   1.00 20.46 ? 91  PHE A CB  1 
ATOM   544 C CG  . PHE A 1 68 ? 6.456   0.566   5.389   1.00 19.30 ? 91  PHE A CG  1 
ATOM   545 C CD1 . PHE A 1 68 ? 5.710   1.733   5.280   1.00 18.51 ? 91  PHE A CD1 1 
ATOM   546 C CD2 . PHE A 1 68 ? 6.451   -0.332  4.327   1.00 18.60 ? 91  PHE A CD2 1 
ATOM   547 C CE1 . PHE A 1 68 ? 4.991   2.007   4.127   1.00 17.84 ? 91  PHE A CE1 1 
ATOM   548 C CE2 . PHE A 1 68 ? 5.725   -0.064  3.183   1.00 17.82 ? 91  PHE A CE2 1 
ATOM   549 C CZ  . PHE A 1 68 ? 5.009   1.108   3.081   1.00 18.15 ? 91  PHE A CZ  1 
ATOM   550 N N   . SER A 1 69 ? 9.770   -1.090  5.561   1.00 21.91 ? 92  SER A N   1 
ATOM   551 C CA  . SER A 1 69 ? 10.391  -1.818  4.448   1.00 22.07 ? 92  SER A CA  1 
ATOM   552 C C   . SER A 1 69 ? 9.330   -2.622  3.688   1.00 21.54 ? 92  SER A C   1 
ATOM   553 O O   . SER A 1 69 ? 8.507   -3.303  4.276   1.00 20.76 ? 92  SER A O   1 
ATOM   554 C CB  . SER A 1 69 ? 11.530  -2.700  4.929   1.00 22.69 ? 92  SER A CB  1 
ATOM   555 O OG  . SER A 1 69 ? 12.152  -3.377  3.828   1.00 23.08 ? 92  SER A OG  1 
ATOM   556 N N   . VAL A 1 70 ? 9.416   -2.555  2.361   1.00 22.29 ? 93  VAL A N   1 
ATOM   557 C CA  . VAL A 1 70 ? 8.635   -3.371  1.438   1.00 22.97 ? 93  VAL A CA  1 
ATOM   558 C C   . VAL A 1 70 ? 9.007   -4.854  1.580   1.00 24.41 ? 93  VAL A C   1 
ATOM   559 O O   . VAL A 1 70 ? 8.309   -5.696  1.050   1.00 24.75 ? 93  VAL A O   1 
ATOM   560 C CB  . VAL A 1 70 ? 8.822   -2.881  -0.011  1.00 22.74 ? 93  VAL A CB  1 
ATOM   561 C CG1 . VAL A 1 70 ? 8.116   -3.761  -1.030  1.00 22.53 ? 93  VAL A CG1 1 
ATOM   562 C CG2 . VAL A 1 70 ? 8.374   -1.439  -0.159  1.00 22.20 ? 93  VAL A CG2 1 
ATOM   563 N N   . LYS A 1 71 ? 10.083  -5.186  2.299   1.00 26.37 ? 94  LYS A N   1 
ATOM   564 C CA  . LYS A 1 71 ? 10.378  -6.597  2.634   1.00 27.69 ? 94  LYS A CA  1 
ATOM   565 C C   . LYS A 1 71 ? 9.494   -7.108  3.792   1.00 27.16 ? 94  LYS A C   1 
ATOM   566 O O   . LYS A 1 71 ? 9.198   -8.306  3.885   1.00 25.35 ? 94  LYS A O   1 
ATOM   567 C CB  . LYS A 1 71 ? 11.852  -6.780  2.991   1.00 30.53 ? 94  LYS A CB  1 
ATOM   568 C CG  . LYS A 1 71 ? 12.841  -6.347  1.920   1.00 33.06 ? 94  LYS A CG  1 
ATOM   569 C CD  . LYS A 1 71 ? 14.200  -6.169  2.513   1.00 35.67 ? 94  LYS A CD  1 
ATOM   570 C CE  . LYS A 1 71 ? 15.300  -6.148  1.470   1.00 38.77 ? 94  LYS A CE  1 
ATOM   571 N NZ  . LYS A 1 71 ? 16.633  -6.412  2.075   1.00 40.68 ? 94  LYS A NZ  1 
ATOM   572 N N   . GLU A 1 72 ? 9.063   -6.228  4.686   1.00 26.73 ? 95  GLU A N   1 
ATOM   573 C CA  . GLU A 1 72 ? 8.161   -6.649  5.768   1.00 28.24 ? 95  GLU A CA  1 
ATOM   574 C C   . GLU A 1 72 ? 6.765   -6.960  5.187   1.00 25.65 ? 95  GLU A C   1 
ATOM   575 O O   . GLU A 1 72 ? 5.816   -6.219  5.412   1.00 23.33 ? 95  GLU A O   1 
ATOM   576 C CB  . GLU A 1 72 ? 8.087   -5.563  6.835   1.00 30.27 ? 95  GLU A CB  1 
ATOM   577 C CG  . GLU A 1 72 ? 9.381   -4.799  7.001   1.00 33.00 ? 95  GLU A CG  1 
ATOM   578 C CD  . GLU A 1 72 ? 9.359   -3.966  8.267   1.00 36.46 ? 95  GLU A CD  1 
ATOM   579 O OE1 . GLU A 1 72 ? 9.208   -2.695  8.200   1.00 35.20 ? 95  GLU A OE1 1 
ATOM   580 O OE2 . GLU A 1 72 ? 9.447   -4.603  9.330   1.00 40.88 ? 95  GLU A OE2 1 
ATOM   581 N N   . HIS A 1 73 ? 6.659   -8.076  4.453   1.00 24.46 ? 96  HIS A N   1 
ATOM   582 C CA  . HIS A 1 73 ? 5.443   -8.495  3.752   1.00 24.04 ? 96  HIS A CA  1 
ATOM   583 C C   . HIS A 1 73 ? 4.269   -8.589  4.727   1.00 24.28 ? 96  HIS A C   1 
ATOM   584 O O   . HIS A 1 73 ? 3.199   -8.056  4.463   1.00 23.31 ? 96  HIS A O   1 
ATOM   585 C CB  . HIS A 1 73 ? 5.598   -9.845  3.033   1.00 24.46 ? 96  HIS A CB  1 
ATOM   586 C CG  . HIS A 1 73 ? 6.622   -9.849  1.965   1.00 24.39 ? 96  HIS A CG  1 
ATOM   587 N ND1 . HIS A 1 73 ? 7.097   -11.018 1.406   1.00 26.12 ? 96  HIS A ND1 1 
ATOM   588 C CD2 . HIS A 1 73 ? 7.277   -8.834  1.364   1.00 23.96 ? 96  HIS A CD2 1 
ATOM   589 C CE1 . HIS A 1 73 ? 8.017   -10.723 0.503   1.00 25.89 ? 96  HIS A CE1 1 
ATOM   590 N NE2 . HIS A 1 73 ? 8.135   -9.376  0.456   1.00 24.78 ? 96  HIS A NE2 1 
ATOM   591 N N   . ARG A 1 74 ? 4.464   -9.291  5.839   1.00 24.92 ? 97  ARG A N   1 
ATOM   592 C CA  . ARG A 1 74 ? 3.365   -9.520  6.738   1.00 26.06 ? 97  ARG A CA  1 
ATOM   593 C C   . ARG A 1 74 ? 2.893   -8.196  7.349   1.00 26.25 ? 97  ARG A C   1 
ATOM   594 O O   . ARG A 1 74 ? 1.693   -7.929  7.511   1.00 24.80 ? 97  ARG A O   1 
ATOM   595 C CB  . ARG A 1 74 ? 3.806   -10.497 7.817   1.00 28.09 ? 97  ARG A CB  1 
ATOM   596 C CG  . ARG A 1 74 ? 2.909   -10.558 9.040   1.00 29.01 ? 97  ARG A CG  1 
ATOM   597 C CD  . ARG A 1 74 ? 3.779   -10.836 10.238  1.00 31.70 ? 97  ARG A CD  1 
ATOM   598 N NE  . ARG A 1 74 ? 2.874   -10.715 11.346  1.00 35.13 ? 97  ARG A NE  1 
ATOM   599 C CZ  . ARG A 1 74 ? 2.780   -9.649  12.116  1.00 36.36 ? 97  ARG A CZ  1 
ATOM   600 N NH1 . ARG A 1 74 ? 1.729   -9.497  12.910  1.00 38.46 ? 97  ARG A NH1 1 
ATOM   601 N NH2 . ARG A 1 74 ? 3.741   -8.751  12.074  1.00 36.55 ? 97  ARG A NH2 1 
ATOM   602 N N   . LYS A 1 75 ? 3.857   -7.364  7.707   1.00 28.00 ? 98  LYS A N   1 
ATOM   603 C CA  . LYS A 1 75 ? 3.574   -6.120  8.364   1.00 29.01 ? 98  LYS A CA  1 
ATOM   604 C C   . LYS A 1 75 ? 2.682   -5.289  7.449   1.00 25.93 ? 98  LYS A C   1 
ATOM   605 O O   . LYS A 1 75 ? 1.692   -4.765  7.874   1.00 24.64 ? 98  LYS A O   1 
ATOM   606 C CB  . LYS A 1 75 ? 4.880   -5.407  8.712   1.00 32.52 ? 98  LYS A CB  1 
ATOM   607 C CG  . LYS A 1 75 ? 4.727   -4.230  9.660   1.00 37.49 ? 98  LYS A CG  1 
ATOM   608 C CD  . LYS A 1 75 ? 5.993   -3.395  9.714   1.00 42.62 ? 98  LYS A CD  1 
ATOM   609 C CE  . LYS A 1 75 ? 5.789   -1.922  10.000  1.00 45.46 ? 98  LYS A CE  1 
ATOM   610 N NZ  . LYS A 1 75 ? 7.089   -1.196  9.974   1.00 49.91 ? 98  LYS A NZ  1 
ATOM   611 N N   . ILE A 1 76 ? 3.042   -5.215  6.173   1.00 24.07 ? 99  ILE A N   1 
ATOM   612 C CA  . ILE A 1 76 ? 2.280   -4.452  5.247   1.00 22.79 ? 99  ILE A CA  1 
ATOM   613 C C   . ILE A 1 76 ? 0.870   -5.018  5.093   1.00 22.15 ? 99  ILE A C   1 
ATOM   614 O O   . ILE A 1 76 ? -0.066  -4.260  5.125   1.00 22.37 ? 99  ILE A O   1 
ATOM   615 C CB  . ILE A 1 76 ? 2.968   -4.381  3.881   1.00 22.07 ? 99  ILE A CB  1 
ATOM   616 C CG1 . ILE A 1 76 ? 4.237   -3.547  3.962   1.00 21.78 ? 99  ILE A CG1 1 
ATOM   617 C CG2 . ILE A 1 76 ? 2.012   -3.865  2.813   1.00 21.50 ? 99  ILE A CG2 1 
ATOM   618 C CD1 . ILE A 1 76 ? 5.082   -3.626  2.708   1.00 21.52 ? 99  ILE A CD1 1 
ATOM   619 N N   . TYR A 1 77 ? 0.732   -6.320  4.832   1.00 22.17 ? 100 TYR A N   1 
ATOM   620 C CA  . TYR A 1 77 ? -0.608  -6.947  4.693   1.00 22.16 ? 100 TYR A CA  1 
ATOM   621 C C   . TYR A 1 77 ? -1.434  -6.745  5.967   1.00 23.53 ? 100 TYR A C   1 
ATOM   622 O O   . TYR A 1 77 ? -2.647  -6.614  5.925   1.00 23.99 ? 100 TYR A O   1 
ATOM   623 C CB  . TYR A 1 77 ? -0.530  -8.456  4.445   1.00 21.61 ? 100 TYR A CB  1 
ATOM   624 C CG  . TYR A 1 77 ? -0.359  -8.825  3.004   1.00 20.25 ? 100 TYR A CG  1 
ATOM   625 C CD1 . TYR A 1 77 ? 0.767   -8.437  2.312   1.00 19.71 ? 100 TYR A CD1 1 
ATOM   626 C CD2 . TYR A 1 77 ? -1.318  -9.557  2.337   1.00 20.01 ? 100 TYR A CD2 1 
ATOM   627 C CE1 . TYR A 1 77 ? 0.952   -8.796  0.991   1.00 19.50 ? 100 TYR A CE1 1 
ATOM   628 C CE2 . TYR A 1 77 ? -1.149  -9.926  1.017   1.00 19.76 ? 100 TYR A CE2 1 
ATOM   629 C CZ  . TYR A 1 77 ? -0.030  -9.502  0.334   1.00 19.36 ? 100 TYR A CZ  1 
ATOM   630 O OH  . TYR A 1 77 ? 0.138   -9.816  -0.978  1.00 19.60 ? 100 TYR A OH  1 
ATOM   631 N N   . THR A 1 78 ? -0.766  -6.792  7.110   1.00 26.27 ? 101 THR A N   1 
ATOM   632 C CA  . THR A 1 78 ? -1.424  -6.577  8.392   1.00 28.86 ? 101 THR A CA  1 
ATOM   633 C C   . THR A 1 78 ? -2.052  -5.177  8.430   1.00 29.89 ? 101 THR A C   1 
ATOM   634 O O   . THR A 1 78 ? -3.196  -5.048  8.841   1.00 31.44 ? 101 THR A O   1 
ATOM   635 C CB  . THR A 1 78 ? -0.477  -6.869  9.567   1.00 27.86 ? 101 THR A CB  1 
ATOM   636 O OG1 . THR A 1 78 ? -0.197  -8.259  9.437   1.00 27.54 ? 101 THR A OG1 1 
ATOM   637 C CG2 . THR A 1 78 ? -1.082  -6.575  10.920  1.00 27.60 ? 101 THR A CG2 1 
ATOM   638 N N   . MET A 1 79 ? -1.308  -4.153  8.011   1.00 32.45 ? 102 MET A N   1 
ATOM   639 C CA  . MET A 1 79 ? -1.798  -2.774  8.015   1.00 35.59 ? 102 MET A CA  1 
ATOM   640 C C   . MET A 1 79 ? -3.054  -2.708  7.148   1.00 33.37 ? 102 MET A C   1 
ATOM   641 O O   . MET A 1 79 ? -4.060  -2.154  7.539   1.00 32.46 ? 102 MET A O   1 
ATOM   642 C CB  . MET A 1 79 ? -0.773  -1.766  7.469   1.00 40.71 ? 102 MET A CB  1 
ATOM   643 C CG  . MET A 1 79 ? 0.542   -1.653  8.277   1.00 48.59 ? 102 MET A CG  1 
ATOM   644 S SD  . MET A 1 79 ? 0.410   -1.579  10.101  1.00 64.12 ? 102 MET A SD  1 
ATOM   645 C CE  . MET A 1 79 ? 0.831   -3.262  10.567  1.00 61.61 ? 102 MET A CE  1 
ATOM   646 N N   . ILE A 1 80 ? -2.988  -3.321  5.971   1.00 30.37 ? 103 ILE A N   1 
ATOM   647 C CA  . ILE A 1 80 ? -4.090  -3.261  5.065   1.00 31.31 ? 103 ILE A CA  1 
ATOM   648 C C   . ILE A 1 80 ? -5.310  -3.898  5.726   1.00 31.53 ? 103 ILE A C   1 
ATOM   649 O O   . ILE A 1 80 ? -6.369  -3.332  5.667   1.00 29.03 ? 103 ILE A O   1 
ATOM   650 C CB  . ILE A 1 80 ? -3.746  -3.964  3.738   1.00 30.73 ? 103 ILE A CB  1 
ATOM   651 C CG1 . ILE A 1 80 ? -2.675  -3.180  2.978   1.00 30.64 ? 103 ILE A CG1 1 
ATOM   652 C CG2 . ILE A 1 80 ? -5.012  -4.211  2.917   1.00 30.18 ? 103 ILE A CG2 1 
ATOM   653 C CD1 . ILE A 1 80 ? -2.019  -3.973  1.891   1.00 31.01 ? 103 ILE A CD1 1 
ATOM   654 N N   . TYR A 1 81 ? -5.119  -5.102  6.281   1.00 33.41 ? 104 TYR A N   1 
ATOM   655 C CA  . TYR A 1 81 ? -6.167  -5.893  6.827   1.00 37.55 ? 104 TYR A CA  1 
ATOM   656 C C   . TYR A 1 81 ? -6.714  -5.251  8.119   1.00 34.52 ? 104 TYR A C   1 
ATOM   657 O O   . TYR A 1 81 ? -7.782  -5.611  8.537   1.00 34.90 ? 104 TYR A O   1 
ATOM   658 C CB  . TYR A 1 81 ? -5.718  -7.350  6.995   1.00 45.09 ? 104 TYR A CB  1 
ATOM   659 C CG  . TYR A 1 81 ? -6.748  -8.222  7.680   1.00 56.05 ? 104 TYR A CG  1 
ATOM   660 C CD1 . TYR A 1 81 ? -7.705  -8.945  6.968   1.00 57.17 ? 104 TYR A CD1 1 
ATOM   661 C CD2 . TYR A 1 81 ? -6.786  -8.301  9.069   1.00 65.12 ? 104 TYR A CD2 1 
ATOM   662 C CE1 . TYR A 1 81 ? -8.655  -9.725  7.613   1.00 59.30 ? 104 TYR A CE1 1 
ATOM   663 C CE2 . TYR A 1 81 ? -7.733  -9.072  9.728   1.00 68.11 ? 104 TYR A CE2 1 
ATOM   664 C CZ  . TYR A 1 81 ? -8.668  -9.782  8.998   1.00 65.28 ? 104 TYR A CZ  1 
ATOM   665 O OH  . TYR A 1 81 ? -9.565  -10.526 9.699   1.00 67.81 ? 104 TYR A OH  1 
ATOM   666 N N   . ARG A 1 82 ? -6.018  -4.275  8.713   1.00 32.70 ? 105 ARG A N   1 
ATOM   667 C CA  . ARG A 1 82 ? -6.553  -3.505  9.833   1.00 33.44 ? 105 ARG A CA  1 
ATOM   668 C C   . ARG A 1 82 ? -7.494  -2.407  9.321   1.00 30.43 ? 105 ARG A C   1 
ATOM   669 O O   . ARG A 1 82 ? -8.270  -1.832  10.084  1.00 28.24 ? 105 ARG A O   1 
ATOM   670 C CB  . ARG A 1 82 ? -5.424  -2.915  10.680  1.00 36.05 ? 105 ARG A CB  1 
ATOM   671 C CG  . ARG A 1 82 ? -4.717  -3.944  11.556  1.00 40.31 ? 105 ARG A CG  1 
ATOM   672 C CD  . ARG A 1 82 ? -3.682  -3.295  12.489  1.00 44.43 ? 105 ARG A CD  1 
ATOM   673 N NE  . ARG A 1 82 ? -3.073  -4.235  13.439  1.00 47.75 ? 105 ARG A NE  1 
ATOM   674 C CZ  . ARG A 1 82 ? -1.754  -4.417  13.591  1.00 49.48 ? 105 ARG A CZ  1 
ATOM   675 N NH1 . ARG A 1 82 ? -0.905  -3.505  13.140  1.00 49.52 ? 105 ARG A NH1 1 
ATOM   676 N NH2 . ARG A 1 82 ? -1.288  -5.520  14.158  1.00 46.40 ? 105 ARG A NH2 1 
ATOM   677 N N   . ASN A 1 83 ? -7.467  -2.178  8.005   1.00 28.10 ? 106 ASN A N   1 
ATOM   678 C CA  . ASN A 1 83 ? -8.140  -1.078  7.342   1.00 26.05 ? 106 ASN A CA  1 
ATOM   679 C C   . ASN A 1 83 ? -9.156  -1.629  6.331   1.00 24.47 ? 106 ASN A C   1 
ATOM   680 O O   . ASN A 1 83 ? -9.366  -1.010  5.286   1.00 22.92 ? 106 ASN A O   1 
ATOM   681 C CB  . ASN A 1 83 ? -7.104  -0.153  6.698   1.00 25.20 ? 106 ASN A CB  1 
ATOM   682 C CG  . ASN A 1 83 ? -6.524  0.861   7.659   1.00 24.87 ? 106 ASN A CG  1 
ATOM   683 O OD1 . ASN A 1 83 ? -7.236  1.748   8.077   1.00 25.02 ? 106 ASN A OD1 1 
ATOM   684 N ND2 . ASN A 1 83 ? -5.249  0.764   8.005   1.00 24.26 ? 106 ASN A ND2 1 
ATOM   685 N N   . LEU A 1 84 ? -9.806  -2.748  6.680   1.00 24.27 ? 107 LEU A N   1 
ATOM   686 C CA  . LEU A 1 84 ? -10.890 -3.386  5.879   1.00 25.22 ? 107 LEU A CA  1 
ATOM   687 C C   . LEU A 1 84 ? -12.187 -3.499  6.683   1.00 27.28 ? 107 LEU A C   1 
ATOM   688 O O   . LEU A 1 84 ? -12.169 -3.831  7.863   1.00 29.29 ? 107 LEU A O   1 
ATOM   689 C CB  . LEU A 1 84 ? -10.454 -4.791  5.473   1.00 24.24 ? 107 LEU A CB  1 
ATOM   690 C CG  . LEU A 1 84 ? -9.204  -4.842  4.610   1.00 23.36 ? 107 LEU A CG  1 
ATOM   691 C CD1 . LEU A 1 84 ? -8.902  -6.283  4.211   1.00 24.16 ? 107 LEU A CD1 1 
ATOM   692 C CD2 . LEU A 1 84 ? -9.361  -3.960  3.387   1.00 22.16 ? 107 LEU A CD2 1 
ATOM   693 N N   . VAL A 1 85 ? -13.322 -3.238  6.025   1.00 28.69 ? 108 VAL A N   1 
ATOM   694 C CA  . VAL A 1 85 ? -14.622 -3.522  6.596   1.00 30.26 ? 108 VAL A CA  1 
ATOM   695 C C   . VAL A 1 85 ? -14.785 -5.041  6.611   1.00 32.58 ? 108 VAL A C   1 
ATOM   696 O O   . VAL A 1 85 ? -14.580 -5.697  5.594   1.00 31.79 ? 108 VAL A O   1 
ATOM   697 C CB  . VAL A 1 85 ? -15.778 -2.883  5.806   1.00 29.22 ? 108 VAL A CB  1 
ATOM   698 C CG1 . VAL A 1 85 ? -17.129 -3.362  6.316   1.00 29.57 ? 108 VAL A CG1 1 
ATOM   699 C CG2 . VAL A 1 85 ? -15.702 -1.378  5.808   1.00 27.89 ? 108 VAL A CG2 1 
ATOM   700 N N   . VAL A 1 86 ? -15.191 -5.576  7.763   1.00 38.22 ? 109 VAL A N   1 
ATOM   701 C CA  . VAL A 1 86 ? -15.385 -7.003  7.944   1.00 43.54 ? 109 VAL A CA  1 
ATOM   702 C C   . VAL A 1 86 ? -16.630 -7.196  8.804   1.00 48.10 ? 109 VAL A C   1 
ATOM   703 O O   . VAL A 1 86 ? -16.855 -6.493  9.791   1.00 55.71 ? 109 VAL A O   1 
ATOM   704 C CB  . VAL A 1 86 ? -14.138 -7.687  8.544   1.00 45.62 ? 109 VAL A CB  1 
ATOM   705 C CG1 . VAL A 1 86 ? -12.971 -7.638  7.570   1.00 47.50 ? 109 VAL A CG1 1 
ATOM   706 C CG2 . VAL A 1 86 ? -13.712 -7.095  9.884   1.00 47.08 ? 109 VAL A CG2 1 
ATOM   707 O OXT . VAL A 1 86 ? -17.427 -8.058  8.502   1.00 53.31 ? 109 VAL A OXT 1 
ATOM   708 N N   . LEU B 2 1  ? 12.302  -0.062  -11.739 1.00 49.98 ? 1   LEU B N   1 
ATOM   709 C CA  . LEU B 2 1  ? 13.223  0.323   -10.637 1.00 43.82 ? 1   LEU B CA  1 
ATOM   710 C C   . LEU B 2 1  ? 13.176  -0.758  -9.551  1.00 37.85 ? 1   LEU B C   1 
ATOM   711 O O   . LEU B 2 1  ? 12.352  -1.691  -9.636  1.00 36.67 ? 1   LEU B O   1 
ATOM   712 C CB  . LEU B 2 1  ? 12.854  1.722   -10.111 1.00 43.51 ? 1   LEU B CB  1 
ATOM   713 C CG  . LEU B 2 1  ? 11.399  1.959   -9.706  1.00 43.69 ? 1   LEU B CG  1 
ATOM   714 C CD1 . LEU B 2 1  ? 11.106  1.292   -8.404  1.00 41.31 ? 1   LEU B CD1 1 
ATOM   715 C CD2 . LEU B 2 1  ? 11.099  3.446   -9.562  1.00 45.67 ? 1   LEU B CD2 1 
ATOM   716 N N   . THR B 2 2  ? 14.063  -0.615  -8.554  1.00 32.63 ? 2   THR B N   1 
ATOM   717 C CA  . THR B 2 2  ? 14.218  -1.571  -7.461  1.00 29.61 ? 2   THR B CA  1 
ATOM   718 C C   . THR B 2 2  ? 12.950  -1.627  -6.623  1.00 27.16 ? 2   THR B C   1 
ATOM   719 O O   . THR B 2 2  ? 12.524  -2.707  -6.245  1.00 28.63 ? 2   THR B O   1 
ATOM   720 C CB  . THR B 2 2  ? 15.442  -1.256  -6.602  1.00 28.61 ? 2   THR B CB  1 
ATOM   721 O OG1 . THR B 2 2  ? 16.530  -1.238  -7.523  1.00 31.63 ? 2   THR B OG1 1 
ATOM   722 C CG2 . THR B 2 2  ? 15.757  -2.279  -5.536  1.00 28.79 ? 2   THR B CG2 1 
ATOM   723 N N   . PHE B 2 3  ? 12.354  -0.471  -6.330  1.00 24.59 ? 3   PHE B N   1 
ATOM   724 C CA  . PHE B 2 3  ? 11.090  -0.445  -5.593  1.00 24.00 ? 3   PHE B CA  1 
ATOM   725 C C   . PHE B 2 3  ? 9.981   -1.269  -6.294  1.00 25.36 ? 3   PHE B C   1 
ATOM   726 O O   . PHE B 2 3  ? 9.158   -1.878  -5.635  1.00 24.77 ? 3   PHE B O   1 
ATOM   727 C CB  . PHE B 2 3  ? 10.617  0.988   -5.324  1.00 22.71 ? 3   PHE B CB  1 
ATOM   728 C CG  . PHE B 2 3  ? 9.194   1.057   -4.873  1.00 20.87 ? 3   PHE B CG  1 
ATOM   729 C CD1 . PHE B 2 3  ? 8.886   0.832   -3.547  1.00 19.70 ? 3   PHE B CD1 1 
ATOM   730 C CD2 . PHE B 2 3  ? 8.168   1.304   -5.780  1.00 22.02 ? 3   PHE B CD2 1 
ATOM   731 C CE1 . PHE B 2 3  ? 7.568   0.818   -3.120  1.00 20.00 ? 3   PHE B CE1 1 
ATOM   732 C CE2 . PHE B 2 3  ? 6.851   1.343   -5.343  1.00 22.31 ? 3   PHE B CE2 1 
ATOM   733 C CZ  . PHE B 2 3  ? 6.556   1.073   -4.021  1.00 21.30 ? 3   PHE B CZ  1 
ATOM   734 N N   . GLU B 2 4  ? 9.949   -1.301  -7.623  1.00 27.93 ? 4   GLU B N   1 
ATOM   735 C CA  . GLU B 2 4  ? 8.896   -1.978  -8.290  1.00 30.31 ? 4   GLU B CA  1 
ATOM   736 C C   . GLU B 2 4  ? 9.104   -3.475  -8.117  1.00 29.96 ? 4   GLU B C   1 
ATOM   737 O O   . GLU B 2 4  ? 8.153   -4.199  -8.060  1.00 31.02 ? 4   GLU B O   1 
ATOM   738 C CB  . GLU B 2 4  ? 8.810   -1.612  -9.772  1.00 33.39 ? 4   GLU B CB  1 
ATOM   739 C CG  . GLU B 2 4  ? 7.899   -0.429  -10.037 1.00 35.42 ? 4   GLU B CG  1 
ATOM   740 C CD  . GLU B 2 4  ? 7.964   0.089   -11.460 1.00 39.34 ? 4   GLU B CD  1 
ATOM   741 O OE1 . GLU B 2 4  ? 6.889   0.302   -12.065 1.00 41.96 ? 4   GLU B OE1 1 
ATOM   742 O OE2 . GLU B 2 4  ? 9.101   0.251   -11.963 1.00 40.82 ? 4   GLU B OE2 1 
ATOM   743 N N   . GLN B 2 5  ? 10.358  -3.907  -8.026  1.00 30.61 ? 5   GLN B N   1 
ATOM   744 C CA  . GLN B 2 5  ? 10.660  -5.336  -7.913  1.00 32.50 ? 5   GLN B CA  1 
ATOM   745 C C   . GLN B 2 5  ? 10.581  -5.828  -6.459  1.00 29.05 ? 5   GLN B C   1 
ATOM   746 O O   . GLN B 2 5  ? 10.345  -6.986  -6.251  1.00 29.86 ? 5   GLN B O   1 
ATOM   747 C CB  . GLN B 2 5  ? 11.991  -5.640  -8.593  1.00 36.29 ? 5   GLN B CB  1 
ATOM   748 C CG  . GLN B 2 5  ? 11.981  -5.169  -10.046 1.00 41.72 ? 5   GLN B CG  1 
ATOM   749 C CD  . GLN B 2 5  ? 13.001  -5.848  -10.923 1.00 48.45 ? 5   GLN B CD  1 
ATOM   750 O OE1 . GLN B 2 5  ? 13.928  -6.506  -10.441 1.00 54.38 ? 5   GLN B OE1 1 
ATOM   751 N NE2 . GLN B 2 5  ? 12.817  -5.721  -12.230 1.00 52.38 ? 5   GLN B NE2 1 
ATOM   752 N N   . TYR B 2 6  ? 10.765  -4.965  -5.461  1.00 26.47 ? 6   TYR B N   1 
ATOM   753 C CA  . TYR B 2 6  ? 10.418  -5.322  -4.095  1.00 25.58 ? 6   TYR B CA  1 
ATOM   754 C C   . TYR B 2 6  ? 8.892   -5.417  -3.967  1.00 24.06 ? 6   TYR B C   1 
ATOM   755 O O   . TYR B 2 6  ? 8.395   -6.332  -3.353  1.00 21.21 ? 6   TYR B O   1 
ATOM   756 C CB  . TYR B 2 6  ? 11.019  -4.345  -3.080  1.00 26.57 ? 6   TYR B CB  1 
ATOM   757 C CG  . TYR B 2 6  ? 12.447  -4.673  -2.740  1.00 28.41 ? 6   TYR B CG  1 
ATOM   758 C CD1 . TYR B 2 6  ? 12.743  -5.845  -2.069  1.00 29.70 ? 6   TYR B CD1 1 
ATOM   759 C CD2 . TYR B 2 6  ? 13.497  -3.855  -3.123  1.00 29.76 ? 6   TYR B CD2 1 
ATOM   760 C CE1 . TYR B 2 6  ? 14.046  -6.201  -1.771  1.00 32.56 ? 6   TYR B CE1 1 
ATOM   761 C CE2 . TYR B 2 6  ? 14.810  -4.184  -2.802  1.00 32.33 ? 6   TYR B CE2 1 
ATOM   762 C CZ  . TYR B 2 6  ? 15.091  -5.369  -2.132  1.00 34.73 ? 6   TYR B CZ  1 
ATOM   763 O OH  . TYR B 2 6  ? 16.381  -5.770  -1.855  1.00 39.22 ? 6   TYR B OH  1 
ATOM   764 N N   . TRP B 2 7  ? 8.169   -4.498  -4.621  1.00 23.49 ? 7   TRP B N   1 
ATOM   765 C CA  . TRP B 2 7  ? 6.728   -4.443  -4.528  1.00 23.77 ? 7   TRP B CA  1 
ATOM   766 C C   . TRP B 2 7  ? 6.043   -5.598  -5.274  1.00 25.59 ? 7   TRP B C   1 
ATOM   767 O O   . TRP B 2 7  ? 4.957   -6.010  -4.898  1.00 23.81 ? 7   TRP B O   1 
ATOM   768 C CB  . TRP B 2 7  ? 6.229   -3.120  -5.069  1.00 23.46 ? 7   TRP B CB  1 
ATOM   769 C CG  . TRP B 2 7  ? 4.850   -2.838  -4.581  1.00 23.25 ? 7   TRP B CG  1 
ATOM   770 C CD1 . TRP B 2 7  ? 3.693   -3.072  -5.265  1.00 24.66 ? 7   TRP B CD1 1 
ATOM   771 C CD2 . TRP B 2 7  ? 4.475   -2.228  -3.332  1.00 21.87 ? 7   TRP B CD2 1 
ATOM   772 N NE1 . TRP B 2 7  ? 2.618   -2.701  -4.505  1.00 25.23 ? 7   TRP B NE1 1 
ATOM   773 C CE2 . TRP B 2 7  ? 3.068   -2.153  -3.320  1.00 24.07 ? 7   TRP B CE2 1 
ATOM   774 C CE3 . TRP B 2 7  ? 5.167   -1.746  -2.231  1.00 20.87 ? 7   TRP B CE3 1 
ATOM   775 C CZ2 . TRP B 2 7  ? 2.355   -1.624  -2.239  1.00 23.84 ? 7   TRP B CZ2 1 
ATOM   776 C CZ3 . TRP B 2 7  ? 4.463   -1.210  -1.176  1.00 22.20 ? 7   TRP B CZ3 1 
ATOM   777 C CH2 . TRP B 2 7  ? 3.073   -1.149  -1.178  1.00 23.26 ? 7   TRP B CH2 1 
ATOM   778 N N   . ALA B 2 8  ? 6.657   -6.026  -6.382  1.00 28.22 ? 8   ALA B N   1 
ATOM   779 C CA  . ALA B 2 8  ? 6.179   -7.113  -7.211  1.00 30.66 ? 8   ALA B CA  1 
ATOM   780 C C   . ALA B 2 8  ? 6.213   -8.391  -6.371  1.00 31.16 ? 8   ALA B C   1 
ATOM   781 O O   . ALA B 2 8  ? 5.252   -9.098  -6.364  1.00 32.12 ? 8   ALA B O   1 
ATOM   782 C CB  . ALA B 2 8  ? 7.001   -7.246  -8.490  1.00 31.87 ? 8   ALA B CB  1 
ATOM   783 N N   . GLN B 2 9  ? 7.347   -8.658  -5.710  1.00 32.19 ? 9   GLN B N   1 
ATOM   784 C CA  . GLN B 2 9  ? 7.533   -9.684  -4.646  1.00 33.83 ? 9   GLN B CA  1 
ATOM   785 C C   . GLN B 2 9  ? 6.309   -9.744  -3.729  1.00 30.52 ? 9   GLN B C   1 
ATOM   786 O O   . GLN B 2 9  ? 5.809   -10.799 -3.450  1.00 29.40 ? 9   GLN B O   1 
ATOM   787 C CB  . GLN B 2 9  ? 8.719   -9.243  -3.786  1.00 37.97 ? 9   GLN B CB  1 
ATOM   788 C CG  . GLN B 2 9  ? 9.649   -10.295 -3.208  1.00 42.63 ? 9   GLN B CG  1 
ATOM   789 C CD  . GLN B 2 9  ? 10.853  -9.578  -2.600  1.00 49.17 ? 9   GLN B CD  1 
ATOM   790 O OE1 . GLN B 2 9  ? 11.789  -9.174  -3.311  1.00 51.76 ? 9   GLN B OE1 1 
ATOM   791 N NE2 . GLN B 2 9  ? 10.853  -9.378  -1.275  1.00 47.60 ? 9   GLN B NE2 1 
ATOM   792 N N   . LEU B 2 10 ? 5.886   -8.567  -3.252  1.00 29.27 ? 10  LEU B N   1 
ATOM   793 C CA  . LEU B 2 10 ? 4.762   -8.343  -2.292  1.00 30.32 ? 10  LEU B CA  1 
ATOM   794 C C   . LEU B 2 10 ? 3.438   -8.854  -2.853  1.00 31.85 ? 10  LEU B C   1 
ATOM   795 O O   . LEU B 2 10 ? 2.614   -9.395  -2.124  1.00 34.79 ? 10  LEU B O   1 
ATOM   796 C CB  . LEU B 2 10 ? 4.656   -6.840  -1.998  1.00 28.09 ? 10  LEU B CB  1 
ATOM   797 C CG  . LEU B 2 10 ? 3.842   -6.435  -0.781  1.00 27.76 ? 10  LEU B CG  1 
ATOM   798 C CD1 . LEU B 2 10 ? 4.452   -6.955  0.519   1.00 27.87 ? 10  LEU B CD1 1 
ATOM   799 C CD2 . LEU B 2 10 ? 3.700   -4.922  -0.749  1.00 27.75 ? 10  LEU B CD2 1 
ATOM   800 N N   . GLU B 2 11 ? 3.244   -8.687  -4.157  1.00 35.02 ? 11  GLU B N   1 
ATOM   801 C CA  . GLU B 2 11 ? 1.996   -9.045  -4.818  1.00 37.36 ? 11  GLU B CA  1 
ATOM   802 C C   . GLU B 2 11 ? 1.852   -10.561 -4.896  1.00 35.63 ? 11  GLU B C   1 
ATOM   803 O O   . GLU B 2 11 ? 0.729   -11.047 -5.056  1.00 37.45 ? 11  GLU B O   1 
ATOM   804 C CB  . GLU B 2 11 ? 1.872   -8.410  -6.216  1.00 42.40 ? 11  GLU B CB  1 
ATOM   805 C CG  . GLU B 2 11 ? 1.733   -6.871  -6.201  1.00 46.91 ? 11  GLU B CG  1 
ATOM   806 C CD  . GLU B 2 11 ? 0.751   -6.196  -7.178  1.00 52.19 ? 11  GLU B CD  1 
ATOM   807 O OE1 . GLU B 2 11 ? 0.941   -4.966  -7.462  1.00 53.69 ? 11  GLU B OE1 1 
ATOM   808 O OE2 . GLU B 2 11 ? -0.215  -6.871  -7.650  1.00 51.54 ? 11  GLU B OE2 1 
ATOM   809 N N   . SER B 2 12 ? 2.962   -11.308 -4.814  1.00 34.61 ? 12  SER B N   1 
ATOM   810 C CA  . SER B 2 12 ? 2.918   -12.822 -4.969  1.00 34.99 ? 12  SER B CA  1 
ATOM   811 C C   . SER B 2 12 ? 2.123   -13.486 -3.822  1.00 32.15 ? 12  SER B C   1 
ATOM   812 O O   . SER B 2 12 ? 1.580   -14.573 -4.008  1.00 31.39 ? 12  SER B O   1 
ATOM   813 C CB  . SER B 2 12 ? 4.311   -13.450 -5.072  1.00 36.15 ? 12  SER B CB  1 
ATOM   814 O OG  . SER B 2 12 ? 5.238   -12.609 -5.741  1.00 35.66 ? 12  SER B OG  1 
ATOM   815 N N   . ALA B 2 13 ? 2.042   -12.815 -2.655  1.00 29.28 ? 13  ALA B N   1 
ATOM   816 C CA  . ALA B 2 13 ? 1.331   -13.348 -1.488  1.00 28.22 ? 13  ALA B CA  1 
ATOM   817 C C   . ALA B 2 13 ? -0.200  -13.211 -1.606  1.00 27.15 ? 13  ALA B C   1 
ATOM   818 O O   . ALA B 2 13 ? -0.934  -13.875 -0.856  1.00 27.91 ? 13  ALA B O   1 
ATOM   819 C CB  . ALA B 2 13 ? 1.876   -12.670 -0.264  1.00 27.99 ? 13  ALA B CB  1 
ATOM   820 N N   . ALA B 2 14 ? -0.695  -12.449 -2.602  1.00 26.27 ? 14  ALA B N   1 
ATOM   821 C CA  . ALA B 2 14 ? -2.121  -11.985 -2.709  1.00 25.89 ? 14  ALA B CA  1 
ATOM   822 C C   . ALA B 2 14 ? -2.985  -12.912 -3.585  1.00 25.85 ? 14  ALA B C   1 
ATOM   823 O O   . ALA B 2 14 ? -2.506  -13.406 -4.576  1.00 26.78 ? 14  ALA B O   1 
ATOM   824 C CB  . ALA B 2 14 ? -2.155  -10.578 -3.243  1.00 25.18 ? 14  ALA B CB  1 
HETATM 825 O O   . HOH C 3 .  ? 0.200   9.647   10.995  1.00 33.25 ? 201 HOH A O   1 
HETATM 826 O O   . HOH C 3 .  ? -8.105  -10.979 -2.842  1.00 13.20 ? 202 HOH A O   1 
HETATM 827 O O   . HOH C 3 .  ? -10.887 0.780   -9.432  1.00 13.90 ? 203 HOH A O   1 
HETATM 828 O O   . HOH C 3 .  ? -11.017 -8.009  -10.105 1.00 29.49 ? 204 HOH A O   1 
HETATM 829 O O   . HOH C 3 .  ? -8.178  10.195  10.193  1.00 13.86 ? 205 HOH A O   1 
HETATM 830 O O   . HOH C 3 .  ? 5.569   13.502  -2.985  1.00 30.55 ? 206 HOH A O   1 
HETATM 831 O O   . HOH C 3 .  ? 16.785  4.962   5.804   1.00 40.04 ? 207 HOH A O   1 
HETATM 832 O O   . HOH C 3 .  ? -8.990  2.827   6.443   1.00 22.89 ? 208 HOH A O   1 
HETATM 833 O O   . HOH C 3 .  ? -14.907 0.539   0.301   1.00 17.97 ? 209 HOH A O   1 
HETATM 834 O O   . HOH C 3 .  ? -1.399  12.650  2.635   1.00 13.07 ? 210 HOH A O   1 
HETATM 835 O O   . HOH C 3 .  ? 19.679  -1.890  1.836   1.00 35.80 ? 211 HOH A O   1 
HETATM 836 O O   . HOH C 3 .  ? 0.937   2.859   15.719  1.00 39.18 ? 212 HOH A O   1 
HETATM 837 O O   . HOH C 3 .  ? 17.492  -1.000  -2.919  1.00 32.57 ? 213 HOH A O   1 
HETATM 838 O O   . HOH C 3 .  ? -0.696  12.960  7.599   1.00 36.90 ? 214 HOH A O   1 
HETATM 839 O O   . HOH C 3 .  ? -5.635  -10.922 -5.123  1.00 23.91 ? 215 HOH A O   1 
HETATM 840 O O   . HOH C 3 .  ? -17.190 1.331   0.254   1.00 23.83 ? 216 HOH A O   1 
HETATM 841 O O   . HOH C 3 .  ? -4.607  3.608   11.930  1.00 22.02 ? 217 HOH A O   1 
HETATM 842 O O   . HOH C 3 .  ? 2.212   -0.703  -7.975  1.00 26.31 ? 218 HOH A O   1 
HETATM 843 O O   . HOH C 3 .  ? -1.986  5.833   13.188  1.00 23.26 ? 219 HOH A O   1 
HETATM 844 O O   . HOH C 3 .  ? -2.859  -0.180  5.090   1.00 21.05 ? 220 HOH A O   1 
HETATM 845 O O   . HOH C 3 .  ? -9.111  11.093  -3.479  1.00 41.52 ? 221 HOH A O   1 
HETATM 846 O O   . HOH C 3 .  ? -10.407 9.536   5.876   1.00 27.25 ? 222 HOH A O   1 
HETATM 847 O O   . HOH C 3 .  ? 4.571   -0.878  -8.345  1.00 22.28 ? 223 HOH A O   1 
HETATM 848 O O   . HOH D 3 .  ? 9.572   -7.317  -1.138  1.00 12.41 ? 101 HOH B O   1 
HETATM 849 O O   . HOH D 3 .  ? 5.034   -11.010 -8.529  1.00 27.11 ? 102 HOH B O   1 
# 
loop_
_atom_site_anisotrop.id 
_atom_site_anisotrop.type_symbol 
_atom_site_anisotrop.pdbx_label_atom_id 
_atom_site_anisotrop.pdbx_label_alt_id 
_atom_site_anisotrop.pdbx_label_comp_id 
_atom_site_anisotrop.pdbx_label_asym_id 
_atom_site_anisotrop.pdbx_label_seq_id 
_atom_site_anisotrop.pdbx_PDB_ins_code 
_atom_site_anisotrop.U[1][1] 
_atom_site_anisotrop.U[2][2] 
_atom_site_anisotrop.U[3][3] 
_atom_site_anisotrop.U[1][2] 
_atom_site_anisotrop.U[1][3] 
_atom_site_anisotrop.U[2][3] 
_atom_site_anisotrop.pdbx_auth_seq_id 
_atom_site_anisotrop.pdbx_auth_comp_id 
_atom_site_anisotrop.pdbx_auth_asym_id 
_atom_site_anisotrop.pdbx_auth_atom_id 
1   N N   . GLU A 2  ? 0.4693 0.4865 0.5810 -0.0015 -0.0274 -0.0678 25  GLU A N   
2   C CA  . GLU A 2  ? 0.4748 0.4944 0.5793 -0.0029 -0.0294 -0.0652 25  GLU A CA  
3   C C   . GLU A 2  ? 0.4132 0.4268 0.5211 -0.0030 -0.0297 -0.0515 25  GLU A C   
4   O O   . GLU A 2  ? 0.4062 0.4213 0.5142 -0.0042 -0.0313 -0.0494 25  GLU A O   
5   C CB  . GLU A 2  ? 0.5257 0.5504 0.6417 -0.0047 -0.0324 -0.0779 25  GLU A CB  
6   C CG  . GLU A 2  ? 0.5804 0.6124 0.6825 -0.0068 -0.0347 -0.0782 25  GLU A CG  
7   C CD  . GLU A 2  ? 0.6339 0.6710 0.7124 -0.0070 -0.0330 -0.0735 25  GLU A CD  
8   O OE1 . GLU A 2  ? 0.6202 0.6558 0.6902 -0.0065 -0.0334 -0.0625 25  GLU A OE1 
9   O OE2 . GLU A 2  ? 0.7084 0.7512 0.7790 -0.0077 -0.0307 -0.0808 25  GLU A OE2 
10  N N   . THR A 3  ? 0.3435 0.3519 0.4527 -0.0027 -0.0282 -0.0422 26  THR A N   
11  C CA  . THR A 3  ? 0.3218 0.3282 0.4255 -0.0039 -0.0266 -0.0298 26  THR A CA  
12  C C   . THR A 3  ? 0.2927 0.3018 0.3759 -0.0032 -0.0234 -0.0277 26  THR A C   
13  O O   . THR A 3  ? 0.2924 0.3022 0.3660 -0.0019 -0.0219 -0.0292 26  THR A O   
14  C CB  . THR A 3  ? 0.3064 0.3088 0.4172 -0.0052 -0.0268 -0.0202 26  THR A CB  
15  O OG1 . THR A 3  ? 0.3101 0.3097 0.4440 -0.0062 -0.0306 -0.0204 26  THR A OG1 
16  C CG2 . THR A 3  ? 0.3040 0.3071 0.4065 -0.0080 -0.0242 -0.0092 26  THR A CG2 
17  N N   . LEU A 4  ? 0.2682 0.2793 0.3486 -0.0038 -0.0228 -0.0248 27  LEU A N   
18  C CA  . LEU A 4  ? 0.2549 0.2682 0.3222 -0.0032 -0.0200 -0.0220 27  LEU A CA  
19  C C   . LEU A 4  ? 0.2403 0.2521 0.3044 -0.0046 -0.0156 -0.0146 27  LEU A C   
20  O O   . LEU A 4  ? 0.2187 0.2304 0.2907 -0.0070 -0.0146 -0.0104 27  LEU A O   
21  C CB  . LEU A 4  ? 0.2553 0.2722 0.3259 -0.0033 -0.0221 -0.0232 27  LEU A CB  
22  C CG  . LEU A 4  ? 0.2739 0.2956 0.3424 -0.0032 -0.0267 -0.0303 27  LEU A CG  
23  C CD1 . LEU A 4  ? 0.2719 0.2981 0.3437 -0.0039 -0.0300 -0.0291 27  LEU A CD1 
24  C CD2 . LEU A 4  ? 0.2819 0.3062 0.3366 -0.0024 -0.0259 -0.0322 27  LEU A CD2 
25  N N   . VAL A 5  ? 0.2267 0.2387 0.2796 -0.0039 -0.0126 -0.0136 28  VAL A N   
26  C CA  . VAL A 5  ? 0.2243 0.2369 0.2727 -0.0059 -0.0079 -0.0093 28  VAL A CA  
27  C C   . VAL A 5  ? 0.2240 0.2384 0.2692 -0.0047 -0.0050 -0.0108 28  VAL A C   
28  O O   . VAL A 5  ? 0.2188 0.2336 0.2624 -0.0024 -0.0073 -0.0127 28  VAL A O   
29  C CB  . VAL A 5  ? 0.2339 0.2451 0.2748 -0.0067 -0.0073 -0.0073 28  VAL A CB  
30  C CG1 . VAL A 5  ? 0.2279 0.2369 0.2765 -0.0078 -0.0111 -0.0046 28  VAL A CG1 
31  C CG2 . VAL A 5  ? 0.2265 0.2370 0.2593 -0.0038 -0.0075 -0.0109 28  VAL A CG2 
32  N N   . ARG A 6  ? 0.2330 0.2497 0.2781 -0.0069 0.0002  -0.0096 29  ARG A N   
33  C CA  . ARG A 6  ? 0.2309 0.2494 0.2792 -0.0061 0.0039  -0.0118 29  ARG A CA  
34  C C   . ARG A 6  ? 0.2196 0.2386 0.2598 -0.0076 0.0086  -0.0134 29  ARG A C   
35  O O   . ARG A 6  ? 0.2023 0.2247 0.2387 -0.0116 0.0129  -0.0132 29  ARG A O   
36  C CB  . ARG A 6  ? 0.2365 0.2587 0.2960 -0.0079 0.0073  -0.0123 29  ARG A CB  
37  C CG  . ARG A 6  ? 0.2404 0.2645 0.3090 -0.0065 0.0109  -0.0155 29  ARG A CG  
38  C CD  . ARG A 6  ? 0.2468 0.2752 0.3303 -0.0078 0.0141  -0.0169 29  ARG A CD  
39  N NE  . ARG A 6  ? 0.2473 0.2774 0.3448 -0.0061 0.0172  -0.0205 29  ARG A NE  
40  C CZ  . ARG A 6  ? 0.2523 0.2873 0.3654 -0.0073 0.0224  -0.0237 29  ARG A CZ  
41  N NH1 . ARG A 6  ? 0.2743 0.3104 0.4052 -0.0052 0.0242  -0.0271 29  ARG A NH1 
42  N NH2 . ARG A 6  ? 0.2475 0.2868 0.3604 -0.0111 0.0258  -0.0233 29  ARG A NH2 
43  N N   . PRO A 7  ? 0.2234 0.2404 0.2608 -0.0050 0.0077  -0.0146 30  PRO A N   
44  C CA  . PRO A 7  ? 0.2330 0.2503 0.2652 -0.0063 0.0117  -0.0171 30  PRO A CA  
45  C C   . PRO A 7  ? 0.2445 0.2657 0.2851 -0.0082 0.0183  -0.0221 30  PRO A C   
46  O O   . PRO A 7  ? 0.2378 0.2594 0.2915 -0.0062 0.0186  -0.0230 30  PRO A O   
47  C CB  . PRO A 7  ? 0.2329 0.2473 0.2648 -0.0031 0.0085  -0.0165 30  PRO A CB  
48  C CG  . PRO A 7  ? 0.2355 0.2489 0.2655 -0.0012 0.0026  -0.0135 30  PRO A CG  
49  C CD  . PRO A 7  ? 0.2320 0.2470 0.2698 -0.0018 0.0022  -0.0133 30  PRO A CD  
50  N N   . LYS A 8  ? 0.2613 0.2862 0.2953 -0.0123 0.0236  -0.0257 31  LYS A N   
51  C CA  . LYS A 8  ? 0.2685 0.2982 0.3106 -0.0145 0.0311  -0.0335 31  LYS A CA  
52  C C   . LYS A 8  ? 0.2640 0.2896 0.3163 -0.0106 0.0306  -0.0365 31  LYS A C   
53  O O   . LYS A 8  ? 0.2403 0.2609 0.2883 -0.0077 0.0249  -0.0315 31  LYS A O   
54  C CB  . LYS A 8  ? 0.2906 0.3273 0.3200 -0.0211 0.0362  -0.0371 31  LYS A CB  
55  C CG  . LYS A 8  ? 0.3049 0.3472 0.3272 -0.0259 0.0367  -0.0322 31  LYS A CG  
56  C CD  . LYS A 8  ? 0.3244 0.3779 0.3394 -0.0338 0.0443  -0.0374 31  LYS A CD  
57  C CE  . LYS A 8  ? 0.3369 0.3971 0.3475 -0.0392 0.0450  -0.0307 31  LYS A CE  
58  N NZ  . LYS A 8  ? 0.3559 0.4302 0.3566 -0.0487 0.0531  -0.0356 31  LYS A NZ  
59  N N   . PRO A 9  ? 0.2723 0.3008 0.3409 -0.0110 0.0366  -0.0443 32  PRO A N   
60  C CA  . PRO A 9  ? 0.2775 0.3016 0.3629 -0.0072 0.0355  -0.0459 32  PRO A CA  
61  C C   . PRO A 9  ? 0.2982 0.3181 0.3764 -0.0063 0.0326  -0.0442 32  PRO A C   
62  O O   . PRO A 9  ? 0.2774 0.2924 0.3641 -0.0027 0.0273  -0.0382 32  PRO A O   
63  C CB  . PRO A 9  ? 0.2731 0.3029 0.3760 -0.0095 0.0448  -0.0581 32  PRO A CB  
64  C CG  . PRO A 9  ? 0.2690 0.3052 0.3700 -0.0124 0.0487  -0.0593 32  PRO A CG  
65  C CD  . PRO A 9  ? 0.2714 0.3080 0.3463 -0.0151 0.0451  -0.0521 32  PRO A CD  
66  N N   . GLU A 10 ? 0.3105 0.3330 0.3740 -0.0102 0.0355  -0.0485 33  GLU A N   
67  C CA  . GLU A 10 ? 0.3351 0.3539 0.3944 -0.0095 0.0330  -0.0478 33  GLU A CA  
68  C C   . GLU A 10 ? 0.3027 0.3171 0.3502 -0.0069 0.0253  -0.0369 33  GLU A C   
69  O O   . GLU A 10 ? 0.2887 0.2991 0.3409 -0.0041 0.0216  -0.0325 33  GLU A O   
70  C CB  . GLU A 10 ? 0.3759 0.3997 0.4236 -0.0149 0.0374  -0.0554 33  GLU A CB  
71  C CG  . GLU A 10 ? 0.4162 0.4451 0.4771 -0.0181 0.0456  -0.0692 33  GLU A CG  
72  C CD  . GLU A 10 ? 0.5040 0.5376 0.5538 -0.0233 0.0480  -0.0767 33  GLU A CD  
73  O OE1 . GLU A 10 ? 0.5070 0.5462 0.5353 -0.0280 0.0467  -0.0737 33  GLU A OE1 
74  O OE2 . GLU A 10 ? 0.5207 0.5525 0.5847 -0.0229 0.0502  -0.0845 33  GLU A OE2 
75  N N   . LEU A 11 ? 0.2694 0.2854 0.3033 -0.0080 0.0232  -0.0331 34  LEU A N   
76  C CA  . LEU A 11 ? 0.2685 0.2813 0.2942 -0.0055 0.0168  -0.0255 34  LEU A CA  
77  C C   . LEU A 11 ? 0.2526 0.2632 0.2879 -0.0020 0.0130  -0.0210 34  LEU A C   
78  O O   . LEU A 11 ? 0.2625 0.2714 0.2955 -0.0003 0.0094  -0.0167 34  LEU A O   
79  C CB  . LEU A 11 ? 0.2603 0.2746 0.2764 -0.0072 0.0150  -0.0226 34  LEU A CB  
80  C CG  . LEU A 11 ? 0.2532 0.2649 0.2647 -0.0047 0.0093  -0.0176 34  LEU A CG  
81  C CD1 . LEU A 11 ? 0.2642 0.2744 0.2703 -0.0042 0.0078  -0.0170 34  LEU A CD1 
82  C CD2 . LEU A 11 ? 0.2452 0.2578 0.2527 -0.0062 0.0073  -0.0151 34  LEU A CD2 
83  N N   . LEU A 12 ? 0.2551 0.2669 0.3017 -0.0013 0.0140  -0.0216 35  LEU A N   
84  C CA  . LEU A 12 ? 0.2536 0.2648 0.3113 0.0014  0.0093  -0.0163 35  LEU A CA  
85  C C   . LEU A 12 ? 0.2496 0.2591 0.3174 0.0026  0.0075  -0.0130 35  LEU A C   
86  O O   . LEU A 12 ? 0.2481 0.2581 0.3163 0.0036  0.0019  -0.0056 35  LEU A O   
87  C CB  . LEU A 12 ? 0.2439 0.2572 0.3163 0.0015  0.0114  -0.0186 35  LEU A CB  
88  C CG  . LEU A 12 ? 0.2508 0.2647 0.3345 0.0036  0.0051  -0.0119 35  LEU A CG  
89  C CD1 . LEU A 12 ? 0.2358 0.2508 0.3053 0.0035  -0.0010 -0.0073 35  LEU A CD1 
90  C CD2 . LEU A 12 ? 0.2491 0.2652 0.3511 0.0038  0.0076  -0.0149 35  LEU A CD2 
91  N N   . LYS A 13 ? 0.2588 0.2671 0.3358 0.0020  0.0125  -0.0187 36  LYS A N   
92  C CA  . LYS A 13 ? 0.2704 0.2764 0.3616 0.0030  0.0109  -0.0158 36  LYS A CA  
93  C C   . LYS A 13 ? 0.2507 0.2558 0.3275 0.0026  0.0077  -0.0102 36  LYS A C   
94  O O   . LYS A 13 ? 0.2389 0.2437 0.3214 0.0031  0.0031  -0.0018 36  LYS A O   
95  C CB  . LYS A 13 ? 0.3007 0.3061 0.4071 0.0019  0.0177  -0.0259 36  LYS A CB  
96  C CG  . LYS A 13 ? 0.3613 0.3635 0.4882 0.0030  0.0162  -0.0231 36  LYS A CG  
97  C CD  . LYS A 13 ? 0.3981 0.3999 0.5411 0.0017  0.0233  -0.0359 36  LYS A CD  
98  C CE  . LYS A 13 ? 0.4371 0.4350 0.6093 0.0031  0.0213  -0.0329 36  LYS A CE  
99  N NZ  . LYS A 13 ? 0.4676 0.4660 0.6643 0.0022  0.0290  -0.0482 36  LYS A NZ  
100 N N   . LEU A 14 ? 0.2309 0.2362 0.2905 0.0011  0.0099  -0.0144 37  LEU A N   
101 C CA  . LEU A 14 ? 0.2317 0.2370 0.2790 0.0008  0.0075  -0.0105 37  LEU A CA  
102 C C   . LEU A 14 ? 0.2291 0.2370 0.2703 0.0016  0.0022  -0.0027 37  LEU A C   
103 O O   . LEU A 14 ? 0.2234 0.2329 0.2654 0.0012  -0.0008 0.0039  37  LEU A O   
104 C CB  . LEU A 14 ? 0.2290 0.2348 0.2615 -0.0008 0.0097  -0.0156 37  LEU A CB  
105 C CG  . LEU A 14 ? 0.2292 0.2353 0.2525 -0.0011 0.0082  -0.0133 37  LEU A CG  
106 C CD1 . LEU A 14 ? 0.2329 0.2390 0.2499 -0.0033 0.0105  -0.0186 37  LEU A CD1 
107 C CD2 . LEU A 14 ? 0.2317 0.2398 0.2451 -0.0003 0.0049  -0.0098 37  LEU A CD2 
108 N N   . LEU A 15 ? 0.2217 0.2313 0.2573 0.0019  0.0009  -0.0038 38  LEU A N   
109 C CA  . LEU A 15 ? 0.2284 0.2418 0.2573 0.0019  -0.0038 0.0010  38  LEU A CA  
110 C C   . LEU A 15 ? 0.2392 0.2552 0.2785 0.0016  -0.0083 0.0093  38  LEU A C   
111 O O   . LEU A 15 ? 0.2256 0.2466 0.2577 -0.0001 -0.0119 0.0149  38  LEU A O   
112 C CB  . LEU A 15 ? 0.2157 0.2300 0.2410 0.0021  -0.0046 -0.0022 38  LEU A CB  
113 C CG  . LEU A 15 ? 0.2116 0.2240 0.2295 0.0016  -0.0017 -0.0078 38  LEU A CG  
114 C CD1 . LEU A 15 ? 0.2122 0.2256 0.2290 0.0017  -0.0036 -0.0093 38  LEU A CD1 
115 C CD2 . LEU A 15 ? 0.2107 0.2232 0.2196 0.0013  -0.0014 -0.0086 38  LEU A CD2 
116 N N   . LYS A 16 ? 0.2526 0.2663 0.3096 0.0026  -0.0080 0.0100  39  LYS A N   
117 C CA  . LYS A 16 ? 0.2822 0.2983 0.3541 0.0023  -0.0136 0.0196  39  LYS A CA  
118 C C   . LYS A 16 ? 0.2589 0.2752 0.3357 0.0011  -0.0152 0.0272  39  LYS A C   
119 O O   . LYS A 16 ? 0.2386 0.2590 0.3213 -0.0005 -0.0213 0.0381  39  LYS A O   
120 C CB  . LYS A 16 ? 0.3263 0.3399 0.4214 0.0042  -0.0126 0.0178  39  LYS A CB  
121 C CG  . LYS A 16 ? 0.3714 0.3870 0.4665 0.0047  -0.0134 0.0148  39  LYS A CG  
122 C CD  . LYS A 16 ? 0.4086 0.4233 0.5301 0.0063  -0.0131 0.0143  39  LYS A CD  
123 C CE  . LYS A 16 ? 0.4428 0.4609 0.5658 0.0064  -0.0158 0.0142  39  LYS A CE  
124 N NZ  . LYS A 16 ? 0.4639 0.4874 0.5852 0.0050  -0.0260 0.0252  39  LYS A NZ  
125 N N   . SER A 17 ? 0.2571 0.2696 0.3312 0.0012  -0.0101 0.0220  40  SER A N   
126 C CA  . SER A 17 ? 0.2573 0.2698 0.3374 -0.0003 -0.0113 0.0290  40  SER A CA  
127 C C   . SER A 17 ? 0.2501 0.2694 0.3110 -0.0031 -0.0140 0.0355  40  SER A C   
128 O O   . SER A 17 ? 0.2681 0.2901 0.3323 -0.0055 -0.0161 0.0444  40  SER A O   
129 C CB  . SER A 17 ? 0.2542 0.2611 0.3392 0.0004  -0.0054 0.0207  40  SER A CB  
130 O OG  . SER A 17 ? 0.2598 0.2675 0.3244 -0.0003 -0.0022 0.0147  40  SER A OG  
131 N N   . VAL A 18 ? 0.2389 0.2617 0.2811 -0.0033 -0.0135 0.0303  41  VAL A N   
132 C CA  . VAL A 18 ? 0.2337 0.2652 0.2589 -0.0065 -0.0152 0.0338  41  VAL A CA  
133 C C   . VAL A 18 ? 0.2355 0.2739 0.2542 -0.0081 -0.0200 0.0359  41  VAL A C   
134 O O   . VAL A 18 ? 0.2400 0.2845 0.2433 -0.0099 -0.0196 0.0314  41  VAL A O   
135 C CB  . VAL A 18 ? 0.2221 0.2530 0.2339 -0.0061 -0.0100 0.0245  41  VAL A CB  
136 C CG1 . VAL A 18 ? 0.2265 0.2545 0.2431 -0.0064 -0.0069 0.0259  41  VAL A CG1 
137 C CG2 . VAL A 18 ? 0.2082 0.2335 0.2177 -0.0032 -0.0071 0.0140  41  VAL A CG2 
138 N N   . GLY A 19 ? 0.2389 0.2763 0.2715 -0.0074 -0.0246 0.0414  42  GLY A N   
139 C CA  . GLY A 19 ? 0.2482 0.2942 0.2781 -0.0102 -0.0316 0.0481  42  GLY A CA  
140 C C   . GLY A 19 ? 0.2463 0.2911 0.2743 -0.0083 -0.0320 0.0399  42  GLY A C   
141 O O   . GLY A 19 ? 0.2452 0.2972 0.2716 -0.0107 -0.0380 0.0442  42  GLY A O   
142 N N   . ALA A 20 ? 0.2526 0.2891 0.2831 -0.0045 -0.0260 0.0294  43  ALA A N   
143 C CA  . ALA A 20 ? 0.2443 0.2794 0.2738 -0.0031 -0.0257 0.0219  43  ALA A CA  
144 C C   . ALA A 20 ? 0.2553 0.2899 0.3029 -0.0020 -0.0296 0.0265  43  ALA A C   
145 O O   . ALA A 20 ? 0.2578 0.2881 0.3230 -0.0004 -0.0288 0.0300  43  ALA A O   
146 C CB  . ALA A 20 ? 0.2289 0.2569 0.2561 -0.0006 -0.0188 0.0123  43  ALA A CB  
147 N N   . GLN A 21 ? 0.2647 0.3040 0.3101 -0.0032 -0.0340 0.0257  44  GLN A N   
148 C CA  . GLN A 21 ? 0.2837 0.3257 0.3458 -0.0032 -0.0402 0.0323  44  GLN A CA  
149 C C   . GLN A 21 ? 0.2706 0.3094 0.3407 -0.0012 -0.0381 0.0249  44  GLN A C   
150 O O   . GLN A 21 ? 0.2542 0.2940 0.3417 -0.0006 -0.0418 0.0290  44  GLN A O   
151 C CB  . GLN A 21 ? 0.3104 0.3638 0.3645 -0.0078 -0.0495 0.0396  44  GLN A CB  
152 C CG  . GLN A 21 ? 0.3371 0.3970 0.3870 -0.0115 -0.0539 0.0515  44  GLN A CG  
153 C CD  . GLN A 21 ? 0.3718 0.4262 0.4439 -0.0096 -0.0547 0.0609  44  GLN A CD  
154 O OE1 . GLN A 21 ? 0.4116 0.4655 0.4817 -0.0107 -0.0532 0.0661  44  GLN A OE1 
155 N NE2 . GLN A 21 ? 0.3786 0.4293 0.4747 -0.0069 -0.0567 0.0629  44  GLN A NE2 
156 N N   . LYS A 22 ? 0.2686 0.3040 0.3279 -0.0003 -0.0326 0.0152  45  LYS A N   
157 C CA  . LYS A 22 ? 0.2695 0.3032 0.3334 0.0005  -0.0309 0.0090  45  LYS A CA  
158 C C   . LYS A 22 ? 0.2573 0.2845 0.3280 0.0024  -0.0226 0.0039  45  LYS A C   
159 O O   . LYS A 22 ? 0.2417 0.2653 0.3106 0.0031  -0.0179 0.0032  45  LYS A O   
160 C CB  . LYS A 22 ? 0.2870 0.3226 0.3364 -0.0009 -0.0312 0.0024  45  LYS A CB  
161 C CG  . LYS A 22 ? 0.3162 0.3607 0.3572 -0.0042 -0.0386 0.0039  45  LYS A CG  
162 C CD  . LYS A 22 ? 0.3336 0.3806 0.3644 -0.0056 -0.0383 -0.0053 45  LYS A CD  
163 C CE  . LYS A 22 ? 0.3567 0.4017 0.3759 -0.0053 -0.0331 -0.0094 45  LYS A CE  
164 N NZ  . LYS A 22 ? 0.3746 0.4181 0.3928 -0.0052 -0.0310 -0.0193 45  LYS A NZ  
165 N N   . ASP A 23 ? 0.2523 0.2790 0.3301 0.0026  -0.0208 0.0003  46  ASP A N   
166 C CA  . ASP A 23 ? 0.2418 0.2651 0.3228 0.0027  -0.0130 -0.0047 46  ASP A CA  
167 C C   . ASP A 23 ? 0.2321 0.2535 0.2991 0.0015  -0.0108 -0.0083 46  ASP A C   
168 O O   . ASP A 23 ? 0.2115 0.2310 0.2756 0.0006  -0.0047 -0.0108 46  ASP A O   
169 C CB  . ASP A 23 ? 0.2605 0.2858 0.3568 0.0024  -0.0120 -0.0060 46  ASP A CB  
170 C CG  . ASP A 23 ? 0.2599 0.2872 0.3773 0.0037  -0.0129 -0.0035 46  ASP A CG  
171 O OD1 . ASP A 23 ? 0.2740 0.2999 0.3986 0.0047  -0.0101 -0.0034 46  ASP A OD1 
172 O OD2 . ASP A 23 ? 0.2798 0.3102 0.4085 0.0035  -0.0168 -0.0020 46  ASP A OD2 
173 N N   . THR A 24 ? 0.2216 0.2446 0.2822 0.0009  -0.0160 -0.0088 47  THR A N   
174 C CA  . THR A 24 ? 0.2159 0.2371 0.2692 0.0001  -0.0151 -0.0121 47  THR A CA  
175 C C   . THR A 24 ? 0.2098 0.2325 0.2523 0.0002  -0.0185 -0.0141 47  THR A C   
176 O O   . THR A 24 ? 0.2086 0.2355 0.2480 -0.0002 -0.0222 -0.0126 47  THR A O   
177 C CB  . THR A 24 ? 0.2223 0.2441 0.2844 -0.0009 -0.0167 -0.0136 47  THR A CB  
178 O OG1 . THR A 24 ? 0.2307 0.2565 0.2948 -0.0011 -0.0232 -0.0147 47  THR A OG1 
179 C CG2 . THR A 24 ? 0.2164 0.2384 0.2897 -0.0017 -0.0125 -0.0120 47  THR A CG2 
180 N N   . TYR A 25 ? 0.2103 0.2304 0.2484 0.0000  -0.0168 -0.0171 48  TYR A N   
181 C CA  . TYR A 25 ? 0.2067 0.2277 0.2362 0.0001  -0.0171 -0.0200 48  TYR A CA  
182 C C   . TYR A 25 ? 0.2117 0.2301 0.2456 -0.0001 -0.0171 -0.0241 48  TYR A C   
183 O O   . TYR A 25 ? 0.2094 0.2243 0.2482 -0.0005 -0.0154 -0.0215 48  TYR A O   
184 C CB  . TYR A 25 ? 0.1984 0.2172 0.2212 0.0008  -0.0135 -0.0171 48  TYR A CB  
185 C CG  . TYR A 25 ? 0.1896 0.2102 0.2127 0.0010  -0.0138 -0.0126 48  TYR A CG  
186 C CD1 . TYR A 25 ? 0.1870 0.2123 0.2049 0.0004  -0.0169 -0.0107 48  TYR A CD1 
187 C CD2 . TYR A 25 ? 0.1811 0.1993 0.2119 0.0015  -0.0111 -0.0104 48  TYR A CD2 
188 C CE1 . TYR A 25 ? 0.1872 0.2141 0.2094 0.0003  -0.0185 -0.0044 48  TYR A CE1 
189 C CE2 . TYR A 25 ? 0.1796 0.1990 0.2166 0.0020  -0.0118 -0.0065 48  TYR A CE2 
190 C CZ  . TYR A 25 ? 0.1861 0.2093 0.2196 0.0016  -0.0162 -0.0026 48  TYR A CZ  
191 O OH  . TYR A 25 ? 0.1827 0.2068 0.2254 0.0018  -0.0180 0.0033  48  TYR A OH  
192 N N   . THR A 26 ? 0.2224 0.2436 0.2552 -0.0003 -0.0186 -0.0304 49  THR A N   
193 C CA  . THR A 26 ? 0.2262 0.2447 0.2659 0.0001  -0.0181 -0.0343 49  THR A CA  
194 C C   . THR A 26 ? 0.2317 0.2472 0.2654 0.0008  -0.0151 -0.0301 49  THR A C   
195 O O   . THR A 26 ? 0.2191 0.2363 0.2429 0.0010  -0.0134 -0.0275 49  THR A O   
196 C CB  . THR A 26 ? 0.2256 0.2493 0.2676 -0.0005 -0.0193 -0.0447 49  THR A CB  
197 O OG1 . THR A 26 ? 0.2238 0.2523 0.2536 -0.0008 -0.0173 -0.0462 49  THR A OG1 
198 C CG2 . THR A 26 ? 0.2264 0.2557 0.2702 -0.0022 -0.0228 -0.0497 49  THR A CG2 
199 N N   . MET A 27 ? 0.2416 0.2536 0.2832 0.0009  -0.0152 -0.0290 50  MET A N   
200 C CA  . MET A 27 ? 0.2486 0.2589 0.2865 0.0012  -0.0135 -0.0262 50  MET A CA  
201 C C   . MET A 27 ? 0.2388 0.2530 0.2712 0.0021  -0.0120 -0.0321 50  MET A C   
202 O O   . MET A 27 ? 0.2301 0.2447 0.2539 0.0022  -0.0100 -0.0294 50  MET A O   
203 C CB  . MET A 27 ? 0.2689 0.2758 0.3196 0.0006  -0.0157 -0.0233 50  MET A CB  
204 C CG  . MET A 27 ? 0.2790 0.2840 0.3298 -0.0020 -0.0164 -0.0137 50  MET A CG  
205 S SD  . MET A 27 ? 0.3178 0.3242 0.3514 -0.0036 -0.0126 -0.0090 50  MET A SD  
206 C CE  . MET A 27 ? 0.3232 0.3294 0.3555 -0.0029 -0.0133 -0.0089 50  MET A CE  
207 N N   . LYS A 28 ? 0.2408 0.2591 0.2781 0.0022  -0.0126 -0.0409 51  LYS A N   
208 C CA  . LYS A 28 ? 0.2492 0.2738 0.2800 0.0019  -0.0101 -0.0469 51  LYS A CA  
209 C C   . LYS A 28 ? 0.2473 0.2753 0.2624 0.0008  -0.0091 -0.0418 51  LYS A C   
210 O O   . LYS A 28 ? 0.2417 0.2726 0.2502 0.0005  -0.0066 -0.0410 51  LYS A O   
211 C CB  . LYS A 28 ? 0.2660 0.2974 0.3026 0.0008  -0.0100 -0.0591 51  LYS A CB  
212 C CG  . LYS A 28 ? 0.2832 0.3124 0.3396 0.0020  -0.0098 -0.0666 51  LYS A CG  
213 C CD  . LYS A 28 ? 0.2962 0.3307 0.3636 0.0008  -0.0101 -0.0800 51  LYS A CD  
214 C CE  . LYS A 28 ? 0.3175 0.3605 0.3888 -0.0001 -0.0057 -0.0935 51  LYS A CE  
215 N NZ  . LYS A 28 ? 0.3291 0.3769 0.4173 -0.0013 -0.0055 -0.1095 51  LYS A NZ  
216 N N   . GLU A 29 ? 0.2401 0.2682 0.2524 0.0002  -0.0113 -0.0380 52  GLU A N   
217 C CA  . GLU A 29 ? 0.2364 0.2672 0.2388 -0.0007 -0.0116 -0.0317 52  GLU A CA  
218 C C   . GLU A 29 ? 0.2129 0.2381 0.2141 0.0005  -0.0093 -0.0250 52  GLU A C   
219 O O   . GLU A 29 ? 0.1986 0.2258 0.1939 0.0000  -0.0082 -0.0215 52  GLU A O   
220 C CB  . GLU A 29 ? 0.2532 0.2849 0.2577 -0.0013 -0.0150 -0.0289 52  GLU A CB  
221 C CG  . GLU A 29 ? 0.2866 0.3271 0.2887 -0.0038 -0.0181 -0.0349 52  GLU A CG  
222 C CD  . GLU A 29 ? 0.3144 0.3552 0.3236 -0.0042 -0.0221 -0.0356 52  GLU A CD  
223 O OE1 . GLU A 29 ? 0.3106 0.3471 0.3245 -0.0031 -0.0231 -0.0290 52  GLU A OE1 
224 O OE2 . GLU A 29 ? 0.4039 0.4492 0.4160 -0.0058 -0.0237 -0.0443 52  GLU A OE2 
225 N N   . VAL A 30 ? 0.2085 0.2274 0.2152 0.0014  -0.0087 -0.0233 53  VAL A N   
226 C CA  . VAL A 30 ? 0.2148 0.2299 0.2199 0.0015  -0.0064 -0.0187 53  VAL A CA  
227 C C   . VAL A 30 ? 0.2226 0.2383 0.2242 0.0016  -0.0048 -0.0194 53  VAL A C   
228 O O   . VAL A 30 ? 0.2283 0.2437 0.2264 0.0013  -0.0032 -0.0167 53  VAL A O   
229 C CB  . VAL A 30 ? 0.2116 0.2231 0.2212 0.0008  -0.0060 -0.0167 53  VAL A CB  
230 C CG1 . VAL A 30 ? 0.2080 0.2178 0.2141 -0.0004 -0.0033 -0.0142 53  VAL A CG1 
231 C CG2 . VAL A 30 ? 0.2085 0.2203 0.2224 0.0005  -0.0066 -0.0158 53  VAL A CG2 
232 N N   . LEU A 31 ? 0.2090 0.2260 0.2140 0.0020  -0.0053 -0.0237 54  LEU A N   
233 C CA  . LEU A 31 ? 0.2108 0.2288 0.2154 0.0020  -0.0038 -0.0250 54  LEU A CA  
234 C C   . LEU A 31 ? 0.2192 0.2432 0.2170 0.0012  -0.0020 -0.0262 54  LEU A C   
235 O O   . LEU A 31 ? 0.2275 0.2523 0.2227 0.0008  0.0000  -0.0243 54  LEU A O   
236 C CB  . LEU A 31 ? 0.2077 0.2256 0.2229 0.0027  -0.0049 -0.0298 54  LEU A CB  
237 C CG  . LEU A 31 ? 0.2090 0.2217 0.2319 0.0026  -0.0076 -0.0253 54  LEU A CG  
238 C CD1 . LEU A 31 ? 0.2213 0.2336 0.2601 0.0033  -0.0099 -0.0295 54  LEU A CD1 
239 C CD2 . LEU A 31 ? 0.2046 0.2158 0.2241 0.0017  -0.0074 -0.0203 54  LEU A CD2 
240 N N   . PHE A 32 ? 0.2141 0.2437 0.2091 0.0001  -0.0029 -0.0291 55  PHE A N   
241 C CA  . PHE A 32 ? 0.2233 0.2610 0.2102 -0.0021 -0.0018 -0.0286 55  PHE A CA  
242 C C   . PHE A 32 ? 0.2223 0.2578 0.2061 -0.0024 -0.0019 -0.0195 55  PHE A C   
243 O O   . PHE A 32 ? 0.2325 0.2702 0.2141 -0.0033 0.0002  -0.0175 55  PHE A O   
244 C CB  . PHE A 32 ? 0.2297 0.2743 0.2125 -0.0042 -0.0043 -0.0310 55  PHE A CB  
245 C CG  . PHE A 32 ? 0.2374 0.2914 0.2102 -0.0079 -0.0047 -0.0259 55  PHE A CG  
246 C CD1 . PHE A 32 ? 0.2476 0.3101 0.2146 -0.0104 -0.0012 -0.0287 55  PHE A CD1 
247 C CD2 . PHE A 32 ? 0.2358 0.2906 0.2067 -0.0090 -0.0088 -0.0173 55  PHE A CD2 
248 C CE1 . PHE A 32 ? 0.2533 0.3258 0.2106 -0.0150 -0.0019 -0.0218 55  PHE A CE1 
249 C CE2 . PHE A 32 ? 0.2414 0.3052 0.2049 -0.0131 -0.0105 -0.0097 55  PHE A CE2 
250 C CZ  . PHE A 32 ? 0.2487 0.3217 0.2042 -0.0164 -0.0072 -0.0114 55  PHE A CZ  
251 N N   . TYR A 33 ? 0.2264 0.2576 0.2127 -0.0016 -0.0041 -0.0147 56  TYR A N   
252 C CA  . TYR A 33 ? 0.2314 0.2603 0.2197 -0.0018 -0.0043 -0.0073 56  TYR A CA  
253 C C   . TYR A 33 ? 0.2328 0.2565 0.2236 -0.0009 -0.0014 -0.0073 56  TYR A C   
254 O O   . TYR A 33 ? 0.2209 0.2454 0.2130 -0.0018 -0.0006 -0.0031 56  TYR A O   
255 C CB  . TYR A 33 ? 0.2275 0.2528 0.2224 -0.0008 -0.0064 -0.0047 56  TYR A CB  
256 C CG  . TYR A 33 ? 0.2299 0.2609 0.2241 -0.0021 -0.0106 -0.0024 56  TYR A CG  
257 C CD1 . TYR A 33 ? 0.2315 0.2694 0.2229 -0.0048 -0.0135 0.0045  56  TYR A CD1 
258 C CD2 . TYR A 33 ? 0.2249 0.2551 0.2217 -0.0015 -0.0123 -0.0061 56  TYR A CD2 
259 C CE1 . TYR A 33 ? 0.2344 0.2792 0.2243 -0.0070 -0.0186 0.0075  56  TYR A CE1 
260 C CE2 . TYR A 33 ? 0.2350 0.2713 0.2313 -0.0032 -0.0168 -0.0045 56  TYR A CE2 
261 C CZ  . TYR A 33 ? 0.2320 0.2759 0.2243 -0.0060 -0.0203 0.0024  56  TYR A CZ  
262 O OH  . TYR A 33 ? 0.2430 0.2942 0.2346 -0.0086 -0.0259 0.0052  56  TYR A OH  
263 N N   . LEU A 34 ? 0.2332 0.2526 0.2258 0.0001  -0.0005 -0.0115 57  LEU A N   
264 C CA  . LEU A 34 ? 0.2281 0.2440 0.2222 0.0002  0.0013  -0.0119 57  LEU A CA  
265 C C   . LEU A 34 ? 0.2147 0.2336 0.2073 -0.0003 0.0026  -0.0126 57  LEU A C   
266 O O   . LEU A 34 ? 0.1983 0.2161 0.1926 -0.0010 0.0039  -0.0108 57  LEU A O   
267 C CB  . LEU A 34 ? 0.2449 0.2581 0.2402 0.0004  0.0006  -0.0143 57  LEU A CB  
268 C CG  . LEU A 34 ? 0.2721 0.2831 0.2674 -0.0008 0.0012  -0.0142 57  LEU A CG  
269 C CD1 . LEU A 34 ? 0.2859 0.2958 0.2821 -0.0017 0.0034  -0.0136 57  LEU A CD1 
270 C CD2 . LEU A 34 ? 0.2990 0.3089 0.2946 -0.0020 -0.0001 -0.0139 57  LEU A CD2 
271 N N   . GLY A 35 ? 0.2040 0.2277 0.1952 -0.0004 0.0027  -0.0161 58  GLY A N   
272 C CA  . GLY A 35 ? 0.2022 0.2311 0.1930 -0.0013 0.0050  -0.0180 58  GLY A CA  
273 C C   . GLY A 35 ? 0.2015 0.2350 0.1885 -0.0035 0.0061  -0.0125 58  GLY A C   
274 O O   . GLY A 35 ? 0.1987 0.2328 0.1875 -0.0043 0.0079  -0.0108 58  GLY A O   
275 N N   . GLN A 36 ? 0.2118 0.2484 0.1948 -0.0048 0.0042  -0.0086 59  GLN A N   
276 C CA  . GLN A 36 ? 0.2203 0.2620 0.2013 -0.0076 0.0038  -0.0003 59  GLN A CA  
277 C C   . GLN A 36 ? 0.2180 0.2529 0.2074 -0.0069 0.0036  0.0054  59  GLN A C   
278 O O   . GLN A 36 ? 0.2329 0.2707 0.2241 -0.0089 0.0046  0.0106  59  GLN A O   
279 C CB  . GLN A 36 ? 0.2259 0.2719 0.2036 -0.0091 0.0000  0.0040  59  GLN A CB  
280 C CG  . GLN A 36 ? 0.2363 0.2923 0.2049 -0.0115 0.0002  -0.0019 59  GLN A CG  
281 C CD  . GLN A 36 ? 0.2512 0.3173 0.2137 -0.0152 0.0040  -0.0030 59  GLN A CD  
282 O OE1 . GLN A 36 ? 0.2534 0.3210 0.2169 -0.0143 0.0081  -0.0124 59  GLN A OE1 
283 N NE2 . GLN A 36 ? 0.2538 0.3269 0.2128 -0.0194 0.0030  0.0075  59  GLN A NE2 
284 N N   . TYR A 37 ? 0.2201 0.2470 0.2155 -0.0045 0.0024  0.0042  60  TYR A N   
285 C CA  . TYR A 37 ? 0.2176 0.2382 0.2228 -0.0040 0.0031  0.0060  60  TYR A CA  
286 C C   . TYR A 37 ? 0.2226 0.2427 0.2287 -0.0046 0.0056  0.0038  60  TYR A C   
287 O O   . TYR A 37 ? 0.2080 0.2270 0.2215 -0.0057 0.0061  0.0074  60  TYR A O   
288 C CB  . TYR A 37 ? 0.2063 0.2211 0.2150 -0.0022 0.0032  0.0009  60  TYR A CB  
289 C CG  . TYR A 37 ? 0.1973 0.2072 0.2166 -0.0022 0.0049  -0.0008 60  TYR A CG  
290 C CD1 . TYR A 37 ? 0.1916 0.1994 0.2102 -0.0029 0.0071  -0.0065 60  TYR A CD1 
291 C CD2 . TYR A 37 ? 0.1963 0.2043 0.2286 -0.0018 0.0042  0.0025  60  TYR A CD2 
292 C CE1 . TYR A 37 ? 0.1918 0.1965 0.2199 -0.0037 0.0090  -0.0104 60  TYR A CE1 
293 C CE2 . TYR A 37 ? 0.1997 0.2037 0.2451 -0.0020 0.0065  -0.0019 60  TYR A CE2 
294 C CZ  . TYR A 37 ? 0.1965 0.1992 0.2388 -0.0032 0.0094  -0.0092 60  TYR A CZ  
295 O OH  . TYR A 37 ? 0.1969 0.1974 0.2518 -0.0042 0.0122  -0.0158 60  TYR A OH  
296 N N   . ILE A 38 ? 0.2373 0.2582 0.2381 -0.0041 0.0066  -0.0020 61  ILE A N   
297 C CA  . ILE A 38 ? 0.2564 0.2766 0.2596 -0.0044 0.0079  -0.0044 61  ILE A CA  
298 C C   . ILE A 38 ? 0.2789 0.3055 0.2823 -0.0063 0.0099  -0.0012 61  ILE A C   
299 O O   . ILE A 38 ? 0.2586 0.2842 0.2677 -0.0074 0.0108  0.0001  61  ILE A O   
300 C CB  . ILE A 38 ? 0.2510 0.2704 0.2521 -0.0033 0.0073  -0.0100 61  ILE A CB  
301 C CG1 . ILE A 38 ? 0.2416 0.2560 0.2422 -0.0031 0.0057  -0.0118 61  ILE A CG1 
302 C CG2 . ILE A 38 ? 0.2482 0.2694 0.2531 -0.0040 0.0079  -0.0114 61  ILE A CG2 
303 C CD1 . ILE A 38 ? 0.2438 0.2581 0.2426 -0.0024 0.0037  -0.0141 61  ILE A CD1 
304 N N   . MET A 39 ? 0.3203 0.3543 0.3175 -0.0075 0.0108  -0.0006 62  MET A N   
305 C CA  . MET A 39 ? 0.3767 0.4197 0.3721 -0.0107 0.0134  0.0029  62  MET A CA  
306 C C   . MET A 39 ? 0.3731 0.4165 0.3727 -0.0131 0.0122  0.0134  62  MET A C   
307 O O   . MET A 39 ? 0.3478 0.3928 0.3528 -0.0150 0.0139  0.0171  62  MET A O   
308 C CB  . MET A 39 ? 0.4510 0.5041 0.4371 -0.0127 0.0147  0.0004  62  MET A CB  
309 C CG  . MET A 39 ? 0.5326 0.5880 0.5197 -0.0111 0.0174  -0.0101 62  MET A CG  
310 S SD  . MET A 39 ? 0.6986 0.7694 0.6776 -0.0150 0.0214  -0.0162 62  MET A SD  
311 C CE  . MET A 39 ? 0.6340 0.7020 0.6079 -0.0134 0.0171  -0.0190 62  MET A CE  
312 N N   . THR A 40 ? 0.3861 0.4285 0.3850 -0.0132 0.0088  0.0186  63  THR A N   
313 C CA  . THR A 40 ? 0.4088 0.4496 0.4167 -0.0149 0.0057  0.0296  63  THR A CA  
314 C C   . THR A 40 ? 0.4178 0.4512 0.4401 -0.0141 0.0065  0.0302  63  THR A C   
315 O O   . THR A 40 ? 0.4091 0.4454 0.4387 -0.0170 0.0068  0.0379  63  THR A O   
316 C CB  . THR A 40 ? 0.4406 0.4780 0.4497 -0.0129 0.0019  0.0304  63  THR A CB  
317 O OG1 . THR A 40 ? 0.4887 0.5365 0.4871 -0.0161 -0.0002 0.0349  63  THR A OG1 
318 C CG2 . THR A 40 ? 0.4443 0.4751 0.4704 -0.0121 -0.0010 0.0367  63  THR A CG2 
319 N N   . LYS A 41 ? 0.4001 0.4249 0.4268 -0.0107 0.0070  0.0217  64  LYS A N   
320 C CA  . LYS A 41 ? 0.4191 0.4373 0.4592 -0.0104 0.0077  0.0192  64  LYS A CA  
321 C C   . LYS A 41 ? 0.4058 0.4256 0.4445 -0.0115 0.0101  0.0156  64  LYS A C   
322 O O   . LYS A 41 ? 0.3937 0.4098 0.4434 -0.0121 0.0105  0.0139  64  LYS A O   
323 C CB  . LYS A 41 ? 0.4083 0.4197 0.4509 -0.0080 0.0077  0.0107  64  LYS A CB  
324 C CG  . LYS A 41 ? 0.4084 0.4179 0.4577 -0.0068 0.0058  0.0137  64  LYS A CG  
325 C CD  . LYS A 41 ? 0.4193 0.4233 0.4761 -0.0056 0.0074  0.0047  64  LYS A CD  
326 C CE  . LYS A 41 ? 0.4318 0.4318 0.5067 -0.0065 0.0088  0.0015  64  LYS A CE  
327 N NZ  . LYS A 41 ? 0.4794 0.4759 0.5737 -0.0056 0.0086  0.0010  64  LYS A NZ  
328 N N   . ARG A 42 ? 0.4121 0.4379 0.4395 -0.0117 0.0117  0.0134  65  ARG A N   
329 C CA  . ARG A 42 ? 0.4025 0.4319 0.4314 -0.0129 0.0140  0.0113  65  ARG A CA  
330 C C   . ARG A 42 ? 0.3608 0.3841 0.3933 -0.0114 0.0131  0.0034  65  ARG A C   
331 O O   . ARG A 42 ? 0.3546 0.3776 0.3948 -0.0128 0.0136  0.0024  65  ARG A O   
332 C CB  . ARG A 42 ? 0.4762 0.5088 0.5140 -0.0163 0.0148  0.0207  65  ARG A CB  
333 C CG  . ARG A 42 ? 0.5161 0.5573 0.5536 -0.0191 0.0184  0.0227  65  ARG A CG  
334 C CD  . ARG A 42 ? 0.5670 0.6096 0.6165 -0.0230 0.0182  0.0339  65  ARG A CD  
335 N NE  . ARG A 42 ? 0.5851 0.6175 0.6509 -0.0219 0.0157  0.0334  65  ARG A NE  
336 C CZ  . ARG A 42 ? 0.5832 0.6133 0.6646 -0.0240 0.0138  0.0428  65  ARG A CZ  
337 N NH1 . ARG A 42 ? 0.5928 0.6136 0.6902 -0.0225 0.0120  0.0388  65  ARG A NH1 
338 N NH2 . ARG A 42 ? 0.6056 0.6437 0.6881 -0.0282 0.0137  0.0562  65  ARG A NH2 
339 N N   . LEU A 43 ? 0.3211 0.3408 0.3477 -0.0094 0.0115  -0.0018 66  LEU A N   
340 C CA  . LEU A 43 ? 0.2822 0.2983 0.3096 -0.0094 0.0099  -0.0080 66  LEU A CA  
341 C C   . LEU A 43 ? 0.2773 0.2964 0.3027 -0.0093 0.0088  -0.0108 66  LEU A C   
342 O O   . LEU A 43 ? 0.2975 0.3155 0.3243 -0.0104 0.0066  -0.0141 66  LEU A O   
343 C CB  . LEU A 43 ? 0.2736 0.2866 0.2952 -0.0082 0.0087  -0.0109 66  LEU A CB  
344 C CG  . LEU A 43 ? 0.2752 0.2848 0.3022 -0.0081 0.0095  -0.0098 66  LEU A CG  
345 C CD1 . LEU A 43 ? 0.2803 0.2882 0.3026 -0.0076 0.0093  -0.0144 66  LEU A CD1 
346 C CD2 . LEU A 43 ? 0.2707 0.2780 0.3110 -0.0097 0.0104  -0.0108 66  LEU A CD2 
347 N N   . TYR A 44 ? 0.2600 0.2837 0.2834 -0.0083 0.0103  -0.0098 67  TYR A N   
348 C CA  . TYR A 44 ? 0.2580 0.2847 0.2849 -0.0077 0.0093  -0.0129 67  TYR A CA  
349 C C   . TYR A 44 ? 0.2507 0.2800 0.2868 -0.0095 0.0102  -0.0125 67  TYR A C   
350 O O   . TYR A 44 ? 0.2495 0.2807 0.2882 -0.0109 0.0130  -0.0094 67  TYR A O   
351 C CB  . TYR A 44 ? 0.2541 0.2858 0.2794 -0.0063 0.0115  -0.0148 67  TYR A CB  
352 C CG  . TYR A 44 ? 0.2569 0.2955 0.2810 -0.0080 0.0163  -0.0129 67  TYR A CG  
353 C CD1 . TYR A 44 ? 0.2734 0.3185 0.3047 -0.0093 0.0196  -0.0141 67  TYR A CD1 
354 C CD2 . TYR A 44 ? 0.2651 0.3052 0.2813 -0.0089 0.0174  -0.0090 67  TYR A CD2 
355 C CE1 . TYR A 44 ? 0.2707 0.3244 0.2996 -0.0121 0.0247  -0.0117 67  TYR A CE1 
356 C CE2 . TYR A 44 ? 0.2681 0.3167 0.2817 -0.0119 0.0211  -0.0054 67  TYR A CE2 
357 C CZ  . TYR A 44 ? 0.2693 0.3250 0.2884 -0.0137 0.0250  -0.0068 67  TYR A CZ  
358 O OH  . TYR A 44 ? 0.3223 0.3887 0.3381 -0.0178 0.0293  -0.0029 67  TYR A OH  
359 N N   . ASP A 45 ? 0.2476 0.2781 0.2898 -0.0094 0.0073  -0.0147 68  ASP A N   
360 C CA  . ASP A 45 ? 0.2615 0.2952 0.3142 -0.0109 0.0074  -0.0148 68  ASP A CA  
361 C C   . ASP A 45 ? 0.2744 0.3153 0.3326 -0.0105 0.0129  -0.0153 68  ASP A C   
362 O O   . ASP A 45 ? 0.2553 0.2990 0.3131 -0.0087 0.0140  -0.0184 68  ASP A O   
363 C CB  . ASP A 45 ? 0.2606 0.2943 0.3189 -0.0113 0.0012  -0.0161 68  ASP A CB  
364 C CG  . ASP A 45 ? 0.2611 0.2979 0.3316 -0.0133 -0.0006 -0.0162 68  ASP A CG  
365 O OD1 . ASP A 45 ? 0.2571 0.2990 0.3387 -0.0124 0.0024  -0.0169 68  ASP A OD1 
366 O OD2 . ASP A 45 ? 0.2614 0.2965 0.3311 -0.0160 -0.0048 -0.0165 68  ASP A OD2 
367 N N   . GLU A 46 ? 0.2854 0.3299 0.3495 -0.0127 0.0163  -0.0131 69  GLU A N   
368 C CA  . GLU A 46 ? 0.3282 0.3824 0.3967 -0.0140 0.0229  -0.0135 69  GLU A CA  
369 C C   . GLU A 46 ? 0.3483 0.4075 0.4286 -0.0124 0.0235  -0.0196 69  GLU A C   
370 O O   . GLU A 46 ? 0.3615 0.4277 0.4422 -0.0120 0.0284  -0.0241 69  GLU A O   
371 C CB  . GLU A 46 ? 0.3336 0.3911 0.4096 -0.0173 0.0258  -0.0091 69  GLU A CB  
372 C CG  . GLU A 46 ? 0.3520 0.4100 0.4216 -0.0198 0.0282  -0.0017 69  GLU A CG  
373 C CD  . GLU A 46 ? 0.3991 0.4575 0.4803 -0.0231 0.0289  0.0035  69  GLU A CD  
374 O OE1 . GLU A 46 ? 0.4377 0.5053 0.5253 -0.0258 0.0339  0.0050  69  GLU A OE1 
375 O OE2 . GLU A 46 ? 0.4109 0.4611 0.4968 -0.0233 0.0247  0.0050  69  GLU A OE2 
376 N N   . LYS A 47 ? 0.3858 0.4426 0.4777 -0.0120 0.0185  -0.0201 70  LYS A N   
377 C CA  . LYS A 47 ? 0.4175 0.4791 0.5270 -0.0106 0.0177  -0.0243 70  LYS A CA  
378 C C   . LYS A 47 ? 0.3965 0.4552 0.5089 -0.0076 0.0128  -0.0268 70  LYS A C   
379 O O   . LYS A 47 ? 0.3950 0.4580 0.5231 -0.0059 0.0138  -0.0314 70  LYS A O   
380 C CB  . LYS A 47 ? 0.4628 0.5235 0.5839 -0.0123 0.0126  -0.0219 70  LYS A CB  
381 C CG  . LYS A 47 ? 0.5289 0.5936 0.6713 -0.0110 0.0093  -0.0245 70  LYS A CG  
382 C CD  . LYS A 47 ? 0.5844 0.6507 0.7399 -0.0133 0.0047  -0.0222 70  LYS A CD  
383 C CE  . LYS A 47 ? 0.6207 0.6921 0.8009 -0.0119 0.0013  -0.0240 70  LYS A CE  
384 N NZ  . LYS A 47 ? 0.6371 0.7099 0.8291 -0.0146 -0.0052 -0.0211 70  LYS A NZ  
385 N N   . GLN A 48 ? 0.3841 0.4352 0.4838 -0.0073 0.0074  -0.0235 71  GLN A N   
386 C CA  . GLN A 48 ? 0.3709 0.4187 0.4732 -0.0055 0.0015  -0.0233 71  GLN A CA  
387 C C   . GLN A 48 ? 0.3299 0.3735 0.4148 -0.0048 0.0031  -0.0231 71  GLN A C   
388 O O   . GLN A 48 ? 0.3180 0.3564 0.3909 -0.0060 -0.0003 -0.0196 71  GLN A O   
389 C CB  . GLN A 48 ? 0.3979 0.4428 0.5028 -0.0074 -0.0079 -0.0181 71  GLN A CB  
390 C CG  . GLN A 48 ? 0.4561 0.5054 0.5834 -0.0073 -0.0121 -0.0176 71  GLN A CG  
391 C CD  . GLN A 48 ? 0.5014 0.5497 0.6282 -0.0106 -0.0227 -0.0114 71  GLN A CD  
392 O OE1 . GLN A 48 ? 0.5370 0.5852 0.6714 -0.0107 -0.0305 -0.0068 71  GLN A OE1 
393 N NE2 . GLN A 48 ? 0.4910 0.5388 0.6080 -0.0139 -0.0230 -0.0110 71  GLN A NE2 
394 N N   . GLN A 49 ? 0.2923 0.3395 0.3766 -0.0033 0.0088  -0.0279 72  GLN A N   
395 C CA  . GLN A 49 ? 0.2856 0.3310 0.3529 -0.0036 0.0116  -0.0273 72  GLN A CA  
396 C C   . GLN A 49 ? 0.2683 0.3076 0.3299 -0.0021 0.0068  -0.0261 72  GLN A C   
397 O O   . GLN A 49 ? 0.2670 0.3038 0.3152 -0.0023 0.0079  -0.0248 72  GLN A O   
398 C CB  . GLN A 49 ? 0.2979 0.3518 0.3647 -0.0041 0.0195  -0.0326 72  GLN A CB  
399 C CG  . GLN A 49 ? 0.2960 0.3542 0.3571 -0.0072 0.0240  -0.0289 72  GLN A CG  
400 C CD  . GLN A 49 ? 0.2823 0.3514 0.3383 -0.0097 0.0318  -0.0319 72  GLN A CD  
401 O OE1 . GLN A 49 ? 0.2735 0.3456 0.3219 -0.0096 0.0335  -0.0358 72  GLN A OE1 
402 N NE2 . GLN A 49 ? 0.2605 0.3357 0.3187 -0.0128 0.0359  -0.0290 72  GLN A NE2 
403 N N   . HIS A 50 ? 0.2469 0.2843 0.3201 -0.0011 0.0012  -0.0254 73  HIS A N   
404 C CA  . HIS A 50 ? 0.2284 0.2606 0.2977 -0.0010 -0.0046 -0.0216 73  HIS A CA  
405 C C   . HIS A 50 ? 0.2176 0.2462 0.2744 -0.0037 -0.0086 -0.0160 73  HIS A C   
406 O O   . HIS A 50 ? 0.2109 0.2365 0.2603 -0.0047 -0.0116 -0.0131 73  HIS A O   
407 C CB  . HIS A 50 ? 0.2335 0.2661 0.3225 0.0003  -0.0100 -0.0208 73  HIS A CB  
408 C CG  . HIS A 50 ? 0.2301 0.2645 0.3306 -0.0013 -0.0154 -0.0165 73  HIS A CG  
409 N ND1 . HIS A 50 ? 0.2448 0.2775 0.3423 -0.0042 -0.0238 -0.0085 73  HIS A ND1 
410 C CD2 . HIS A 50 ? 0.2381 0.2770 0.3531 -0.0008 -0.0138 -0.0192 73  HIS A CD2 
411 C CE1 . HIS A 50 ? 0.2525 0.2884 0.3618 -0.0056 -0.0281 -0.0059 73  HIS A CE1 
412 N NE2 . HIS A 50 ? 0.2471 0.2863 0.3686 -0.0032 -0.0221 -0.0124 73  HIS A NE2 
413 N N   . ILE A 51 ? 0.2241 0.2539 0.2795 -0.0057 -0.0082 -0.0153 74  ILE A N   
414 C CA  . ILE A 51 ? 0.2254 0.2531 0.2697 -0.0090 -0.0107 -0.0130 74  ILE A CA  
415 C C   . ILE A 51 ? 0.2247 0.2495 0.2581 -0.0088 -0.0053 -0.0147 74  ILE A C   
416 O O   . ILE A 51 ? 0.2175 0.2437 0.2528 -0.0078 -0.0006 -0.0158 74  ILE A O   
417 C CB  . ILE A 51 ? 0.2251 0.2552 0.2753 -0.0117 -0.0132 -0.0125 74  ILE A CB  
418 C CG1 . ILE A 51 ? 0.2322 0.2657 0.2969 -0.0120 -0.0196 -0.0096 74  ILE A CG1 
419 C CG2 . ILE A 51 ? 0.2304 0.2595 0.2696 -0.0158 -0.0152 -0.0128 74  ILE A CG2 
420 C CD1 . ILE A 51 ? 0.2405 0.2739 0.3038 -0.0135 -0.0267 -0.0043 74  ILE A CD1 
421 N N   . VAL A 52 ? 0.2277 0.2499 0.2512 -0.0102 -0.0064 -0.0142 75  VAL A N   
422 C CA  . VAL A 52 ? 0.2290 0.2484 0.2452 -0.0101 -0.0026 -0.0157 75  VAL A CA  
423 C C   . VAL A 52 ? 0.2332 0.2522 0.2456 -0.0138 -0.0036 -0.0181 75  VAL A C   
424 O O   . VAL A 52 ? 0.2378 0.2586 0.2449 -0.0166 -0.0067 -0.0180 75  VAL A O   
425 C CB  . VAL A 52 ? 0.2199 0.2374 0.2305 -0.0082 -0.0017 -0.0152 75  VAL A CB  
426 C CG1 . VAL A 52 ? 0.2175 0.2325 0.2241 -0.0080 0.0017  -0.0160 75  VAL A CG1 
427 C CG2 . VAL A 52 ? 0.2175 0.2365 0.2319 -0.0052 -0.0006 -0.0152 75  VAL A CG2 
428 N N   . TYR A 53 ? 0.2367 0.2545 0.2530 -0.0144 -0.0006 -0.0204 76  TYR A N   
429 C CA  . TYR A 53 ? 0.2437 0.2615 0.2598 -0.0180 -0.0002 -0.0254 76  TYR A CA  
430 C C   . TYR A 53 ? 0.2464 0.2611 0.2617 -0.0171 0.0036  -0.0278 76  TYR A C   
431 O O   . TYR A 53 ? 0.2537 0.2656 0.2753 -0.0146 0.0061  -0.0254 76  TYR A O   
432 C CB  . TYR A 53 ? 0.2490 0.2667 0.2754 -0.0191 0.0006  -0.0269 76  TYR A CB  
433 C CG  . TYR A 53 ? 0.2536 0.2749 0.2838 -0.0199 -0.0031 -0.0247 76  TYR A CG  
434 C CD1 . TYR A 53 ? 0.2603 0.2857 0.2869 -0.0236 -0.0083 -0.0259 76  TYR A CD1 
435 C CD2 . TYR A 53 ? 0.2588 0.2807 0.2964 -0.0175 -0.0014 -0.0210 76  TYR A CD2 
436 C CE1 . TYR A 53 ? 0.2743 0.3032 0.3076 -0.0242 -0.0124 -0.0233 76  TYR A CE1 
437 C CE2 . TYR A 53 ? 0.2635 0.2891 0.3081 -0.0180 -0.0041 -0.0198 76  TYR A CE2 
438 C CZ  . TYR A 53 ? 0.2747 0.3033 0.3185 -0.0211 -0.0100 -0.0207 76  TYR A CZ  
439 O OH  . TYR A 53 ? 0.2752 0.3078 0.3287 -0.0214 -0.0135 -0.0186 76  TYR A OH  
440 N N   . CYS A 54 ? 0.2457 0.2622 0.2538 -0.0194 0.0037  -0.0315 77  CYS A N   
441 C CA  . CYS A 54 ? 0.2474 0.2617 0.2565 -0.0185 0.0074  -0.0342 77  CYS A CA  
442 C C   . CYS A 54 ? 0.2558 0.2726 0.2675 -0.0227 0.0103  -0.0440 77  CYS A C   
443 O O   . CYS A 54 ? 0.2416 0.2574 0.2573 -0.0223 0.0142  -0.0481 77  CYS A O   
444 C CB  . CYS A 54 ? 0.2440 0.2591 0.2444 -0.0175 0.0065  -0.0309 77  CYS A CB  
445 S SG  . CYS A 54 ? 0.2389 0.2599 0.2276 -0.0220 0.0019  -0.0287 77  CYS A SG  
446 N N   . SER A 55 ? 0.2688 0.2895 0.2796 -0.0270 0.0088  -0.0488 78  SER A N   
447 C CA  . SER A 55 ? 0.2855 0.3095 0.3007 -0.0315 0.0125  -0.0608 78  SER A CA  
448 C C   . SER A 55 ? 0.2732 0.2908 0.3077 -0.0280 0.0168  -0.0639 78  SER A C   
449 O O   . SER A 55 ? 0.2602 0.2723 0.3041 -0.0242 0.0157  -0.0568 78  SER A O   
450 C CB  . SER A 55 ? 0.2953 0.3249 0.3087 -0.0370 0.0102  -0.0669 78  SER A CB  
451 O OG  . SER A 55 ? 0.3039 0.3390 0.3188 -0.0424 0.0147  -0.0807 78  SER A OG  
452 N N   . ASN A 56 ? 0.2822 0.3013 0.3231 -0.0299 0.0218  -0.0739 79  ASN A N   
453 C CA  . ASN A 56 ? 0.2856 0.2996 0.3502 -0.0274 0.0254  -0.0784 79  ASN A CA  
454 C C   . ASN A 56 ? 0.2687 0.2762 0.3397 -0.0214 0.0243  -0.0667 79  ASN A C   
455 O O   . ASN A 56 ? 0.2495 0.2516 0.3375 -0.0184 0.0234  -0.0608 79  ASN A O   
456 C CB  . ASN A 56 ? 0.2833 0.2955 0.3616 -0.0290 0.0245  -0.0822 79  ASN A CB  
457 C CG  . ASN A 56 ? 0.2950 0.3068 0.3965 -0.0306 0.0297  -0.0962 79  ASN A CG  
458 O OD1 . ASN A 56 ? 0.2841 0.2939 0.3963 -0.0283 0.0331  -0.0980 79  ASN A OD1 
459 N ND2 . ASN A 56 ? 0.2899 0.3036 0.4008 -0.0347 0.0303  -0.1066 79  ASN A ND2 
460 N N   . ASP A 57 ? 0.2701 0.2793 0.3278 -0.0203 0.0243  -0.0631 80  ASP A N   
461 C CA  . ASP A 57 ? 0.2770 0.2823 0.3362 -0.0156 0.0224  -0.0523 80  ASP A CA  
462 C C   . ASP A 57 ? 0.2726 0.2809 0.3225 -0.0159 0.0242  -0.0542 80  ASP A C   
463 O O   . ASP A 57 ? 0.2657 0.2795 0.3009 -0.0197 0.0251  -0.0585 80  ASP A O   
464 C CB  . ASP A 57 ? 0.2794 0.2837 0.3278 -0.0136 0.0179  -0.0412 80  ASP A CB  
465 C CG  . ASP A 57 ? 0.2890 0.2906 0.3398 -0.0097 0.0157  -0.0307 80  ASP A CG  
466 O OD1 . ASP A 57 ? 0.2765 0.2791 0.3180 -0.0084 0.0150  -0.0281 80  ASP A OD1 
467 O OD2 . ASP A 57 ? 0.3376 0.3371 0.3994 -0.0088 0.0146  -0.0248 80  ASP A OD2 
468 N N   . LEU A 58 ? 0.2706 0.2760 0.3294 -0.0123 0.0242  -0.0494 81  LEU A N   
469 C CA  . LEU A 58 ? 0.2707 0.2784 0.3228 -0.0120 0.0254  -0.0495 81  LEU A CA  
470 C C   . LEU A 58 ? 0.2653 0.2756 0.2959 -0.0131 0.0223  -0.0444 81  LEU A C   
471 O O   . LEU A 58 ? 0.2622 0.2767 0.2841 -0.0156 0.0241  -0.0471 81  LEU A O   
472 C CB  . LEU A 58 ? 0.2718 0.2760 0.3363 -0.0078 0.0235  -0.0421 81  LEU A CB  
473 C CG  . LEU A 58 ? 0.2695 0.2756 0.3290 -0.0070 0.0239  -0.0410 81  LEU A CG  
474 C CD1 . LEU A 58 ? 0.2623 0.2737 0.3209 -0.0108 0.0301  -0.0522 81  LEU A CD1 
475 C CD2 . LEU A 58 ? 0.2737 0.2772 0.3497 -0.0036 0.0217  -0.0348 81  LEU A CD2 
476 N N   . LEU A 59 ? 0.2584 0.2668 0.2827 -0.0116 0.0181  -0.0373 82  LEU A N   
477 C CA  . LEU A 59 ? 0.2516 0.2620 0.2610 -0.0122 0.0148  -0.0328 82  LEU A CA  
478 C C   . LEU A 59 ? 0.2545 0.2701 0.2547 -0.0173 0.0151  -0.0375 82  LEU A C   
479 O O   . LEU A 59 ? 0.2589 0.2775 0.2493 -0.0192 0.0131  -0.0345 82  LEU A O   
480 C CB  . LEU A 59 ? 0.2386 0.2470 0.2468 -0.0097 0.0114  -0.0265 82  LEU A CB  
481 C CG  . LEU A 59 ? 0.2320 0.2419 0.2308 -0.0095 0.0080  -0.0226 82  LEU A CG  
482 C CD1 . LEU A 59 ? 0.2336 0.2434 0.2295 -0.0081 0.0072  -0.0203 82  LEU A CD1 
483 C CD2 . LEU A 59 ? 0.2343 0.2438 0.2348 -0.0075 0.0064  -0.0189 82  LEU A CD2 
484 N N   . GLY A 60 ? 0.2726 0.2897 0.2769 -0.0200 0.0167  -0.0440 83  GLY A N   
485 C CA  . GLY A 60 ? 0.2755 0.2997 0.2709 -0.0265 0.0171  -0.0501 83  GLY A CA  
486 C C   . GLY A 60 ? 0.2834 0.3141 0.2737 -0.0308 0.0215  -0.0563 83  GLY A C   
487 O O   . GLY A 60 ? 0.2793 0.3175 0.2561 -0.0362 0.0199  -0.0551 83  GLY A O   
488 N N   . ASP A 61 ? 0.2973 0.3260 0.2997 -0.0286 0.0267  -0.0619 84  ASP A N   
489 C CA  . ASP A 61 ? 0.3439 0.3793 0.3443 -0.0324 0.0321  -0.0685 84  ASP A CA  
490 C C   . ASP A 61 ? 0.3510 0.3879 0.3397 -0.0324 0.0294  -0.0588 84  ASP A C   
491 O O   . ASP A 61 ? 0.3298 0.3758 0.3072 -0.0387 0.0314  -0.0605 84  ASP A O   
492 C CB  . ASP A 61 ? 0.3522 0.3845 0.3731 -0.0295 0.0379  -0.0763 84  ASP A CB  
493 C CG  . ASP A 61 ? 0.3792 0.4111 0.4147 -0.0307 0.0409  -0.0873 84  ASP A CG  
494 O OD1 . ASP A 61 ? 0.3746 0.4102 0.4011 -0.0347 0.0392  -0.0902 84  ASP A OD1 
495 O OD2 . ASP A 61 ? 0.4078 0.4359 0.4658 -0.0276 0.0446  -0.0925 84  ASP A OD2 
496 N N   . LEU A 62 ? 0.3371 0.3661 0.3286 -0.0263 0.0249  -0.0491 85  LEU A N   
497 C CA  . LEU A 62 ? 0.3452 0.3749 0.3302 -0.0258 0.0224  -0.0412 85  LEU A CA  
498 C C   . LEU A 62 ? 0.3541 0.3883 0.3258 -0.0303 0.0175  -0.0352 85  LEU A C   
499 O O   . LEU A 62 ? 0.3751 0.4145 0.3400 -0.0341 0.0169  -0.0312 85  LEU A O   
500 C CB  . LEU A 62 ? 0.3377 0.3595 0.3289 -0.0191 0.0187  -0.0341 85  LEU A CB  
501 C CG  . LEU A 62 ? 0.3308 0.3484 0.3361 -0.0149 0.0211  -0.0363 85  LEU A CG  
502 C CD1 . LEU A 62 ? 0.3401 0.3524 0.3477 -0.0100 0.0164  -0.0292 85  LEU A CD1 
503 C CD2 . LEU A 62 ? 0.3441 0.3639 0.3544 -0.0152 0.0243  -0.0382 85  LEU A CD2 
504 N N   . PHE A 63 ? 0.3810 0.4140 0.3511 -0.0302 0.0138  -0.0340 86  PHE A N   
505 C CA  . PHE A 63 ? 0.3941 0.4298 0.3569 -0.0328 0.0071  -0.0259 86  PHE A CA  
506 C C   . PHE A 63 ? 0.4011 0.4473 0.3527 -0.0416 0.0067  -0.0283 86  PHE A C   
507 O O   . PHE A 63 ? 0.4141 0.4657 0.3585 -0.0461 0.0017  -0.0200 86  PHE A O   
508 C CB  . PHE A 63 ? 0.4212 0.4504 0.3903 -0.0277 0.0032  -0.0226 86  PHE A CB  
509 C CG  . PHE A 63 ? 0.4411 0.4640 0.4166 -0.0216 0.0011  -0.0172 86  PHE A CG  
510 C CD1 . PHE A 63 ? 0.4841 0.5046 0.4620 -0.0190 0.0033  -0.0170 86  PHE A CD1 
511 C CD2 . PHE A 63 ? 0.4465 0.4669 0.4266 -0.0187 -0.0029 -0.0134 86  PHE A CD2 
512 C CE1 . PHE A 63 ? 0.4975 0.5138 0.4807 -0.0144 0.0011  -0.0135 86  PHE A CE1 
513 C CE2 . PHE A 63 ? 0.4420 0.4583 0.4280 -0.0140 -0.0039 -0.0111 86  PHE A CE2 
514 C CZ  . PHE A 63 ? 0.4846 0.4991 0.4714 -0.0121 -0.0022 -0.0112 86  PHE A CZ  
515 N N   . GLY A 64 ? 0.3871 0.4370 0.3386 -0.0446 0.0116  -0.0395 87  GLY A N   
516 C CA  . GLY A 64 ? 0.3757 0.4378 0.3157 -0.0539 0.0121  -0.0445 87  GLY A CA  
517 C C   . GLY A 64 ? 0.3779 0.4418 0.3145 -0.0563 0.0049  -0.0406 87  GLY A C   
518 O O   . GLY A 64 ? 0.3642 0.4401 0.2882 -0.0654 0.0017  -0.0398 87  GLY A O   
519 N N   . VAL A 65 ? 0.3583 0.4122 0.3061 -0.0490 0.0021  -0.0378 88  VAL A N   
520 C CA  . VAL A 65 ? 0.3538 0.4078 0.3032 -0.0495 -0.0046 -0.0339 88  VAL A CA  
521 C C   . VAL A 65 ? 0.3193 0.3651 0.2815 -0.0437 -0.0018 -0.0397 88  VAL A C   
522 O O   . VAL A 65 ? 0.2907 0.3292 0.2611 -0.0381 0.0031  -0.0422 88  VAL A O   
523 C CB  . VAL A 65 ? 0.3864 0.4380 0.3381 -0.0471 -0.0125 -0.0202 88  VAL A CB  
524 C CG1 . VAL A 65 ? 0.4022 0.4626 0.3436 -0.0540 -0.0174 -0.0115 88  VAL A CG1 
525 C CG2 . VAL A 65 ? 0.3761 0.4172 0.3380 -0.0382 -0.0112 -0.0165 88  VAL A CG2 
526 N N   . PRO A 66 ? 0.3158 0.3635 0.2806 -0.0458 -0.0051 -0.0417 89  PRO A N   
527 C CA  . PRO A 66 ? 0.3091 0.3497 0.2875 -0.0412 -0.0029 -0.0455 89  PRO A CA  
528 C C   . PRO A 66 ? 0.3059 0.3399 0.2919 -0.0346 -0.0059 -0.0362 89  PRO A C   
529 O O   . PRO A 66 ? 0.3214 0.3496 0.3179 -0.0303 -0.0032 -0.0371 89  PRO A O   
530 C CB  . PRO A 66 ? 0.3075 0.3548 0.2850 -0.0474 -0.0057 -0.0516 89  PRO A CB  
531 C CG  . PRO A 66 ? 0.3177 0.3739 0.2827 -0.0531 -0.0132 -0.0439 89  PRO A CG  
532 C CD  . PRO A 66 ? 0.3223 0.3804 0.2777 -0.0539 -0.0113 -0.0403 89  PRO A CD  
533 N N   . SER A 67 ? 0.3094 0.3453 0.2917 -0.0346 -0.0114 -0.0275 90  SER A N   
534 C CA  . SER A 67 ? 0.2803 0.3116 0.2711 -0.0290 -0.0135 -0.0208 90  SER A CA  
535 C C   . SER A 67 ? 0.2781 0.3108 0.2669 -0.0289 -0.0183 -0.0127 90  SER A C   
536 O O   . SER A 67 ? 0.2779 0.3160 0.2584 -0.0341 -0.0215 -0.0097 90  SER A O   
537 C CB  . SER A 67 ? 0.2780 0.3104 0.2774 -0.0292 -0.0164 -0.0205 90  SER A CB  
538 O OG  . SER A 67 ? 0.2654 0.3045 0.2620 -0.0345 -0.0237 -0.0170 90  SER A OG  
539 N N   . PHE A 68 ? 0.2593 0.2878 0.2576 -0.0235 -0.0184 -0.0093 91  PHE A N   
540 C CA  . PHE A 68 ? 0.2536 0.2822 0.2564 -0.0224 -0.0229 -0.0026 91  PHE A CA  
541 C C   . PHE A 68 ? 0.2517 0.2774 0.2687 -0.0169 -0.0225 -0.0026 91  PHE A C   
542 O O   . PHE A 68 ? 0.2343 0.2581 0.2537 -0.0139 -0.0173 -0.0073 91  PHE A O   
543 C CB  . PHE A 68 ? 0.2513 0.2780 0.2478 -0.0219 -0.0204 -0.0021 91  PHE A CB  
544 C CG  . PHE A 68 ? 0.2380 0.2595 0.2356 -0.0167 -0.0141 -0.0067 91  PHE A CG  
545 C CD1 . PHE A 68 ? 0.2303 0.2505 0.2222 -0.0167 -0.0088 -0.0120 91  PHE A CD1 
546 C CD2 . PHE A 68 ? 0.2272 0.2461 0.2332 -0.0122 -0.0140 -0.0059 91  PHE A CD2 
547 C CE1 . PHE A 68 ? 0.2226 0.2390 0.2163 -0.0126 -0.0046 -0.0140 91  PHE A CE1 
548 C CE2 . PHE A 68 ? 0.2186 0.2348 0.2236 -0.0087 -0.0091 -0.0095 91  PHE A CE2 
549 C CZ  . PHE A 68 ? 0.2253 0.2404 0.2239 -0.0090 -0.0051 -0.0124 91  PHE A CZ  
550 N N   . SER A 69 ? 0.2594 0.2857 0.2873 -0.0162 -0.0277 0.0028  92  SER A N   
551 C CA  . SER A 69 ? 0.2564 0.2813 0.3006 -0.0113 -0.0266 0.0008  92  SER A CA  
552 C C   . SER A 69 ? 0.2506 0.2722 0.2957 -0.0081 -0.0238 -0.0012 92  SER A C   
553 O O   . SER A 69 ? 0.2417 0.2625 0.2844 -0.0097 -0.0268 0.0033  92  SER A O   
554 C CB  . SER A 69 ? 0.2575 0.2850 0.3195 -0.0120 -0.0341 0.0064  92  SER A CB  
555 O OG  . SER A 69 ? 0.2562 0.2833 0.3371 -0.0072 -0.0317 0.0018  92  SER A OG  
556 N N   . VAL A 70 ? 0.2587 0.2799 0.3080 -0.0043 -0.0179 -0.0079 93  VAL A N   
557 C CA  . VAL A 70 ? 0.2668 0.2866 0.3194 -0.0015 -0.0152 -0.0118 93  VAL A CA  
558 C C   . VAL A 70 ? 0.2782 0.2978 0.3512 -0.0002 -0.0201 -0.0103 93  VAL A C   
559 O O   . VAL A 70 ? 0.2812 0.2993 0.3596 0.0015  -0.0193 -0.0133 93  VAL A O   
560 C CB  . VAL A 70 ? 0.2635 0.2859 0.3145 0.0007  -0.0080 -0.0196 93  VAL A CB  
561 C CG1 . VAL A 70 ? 0.2594 0.2826 0.3140 0.0027  -0.0055 -0.0254 93  VAL A CG1 
562 C CG2 . VAL A 70 ? 0.2620 0.2841 0.2971 -0.0006 -0.0045 -0.0189 93  VAL A CG2 
563 N N   . LYS A 71 ? 0.2981 0.3191 0.3847 -0.0014 -0.0258 -0.0054 94  LYS A N   
564 C CA  . LYS A 71 ? 0.3071 0.3276 0.4169 -0.0007 -0.0324 -0.0010 94  LYS A CA  
565 C C   . LYS A 71 ? 0.3030 0.3217 0.4073 -0.0045 -0.0392 0.0099  94  LYS A C   
566 O O   . LYS A 71 ? 0.2751 0.2920 0.3962 -0.0039 -0.0434 0.0136  94  LYS A O   
567 C CB  . LYS A 71 ? 0.3358 0.3591 0.4651 -0.0009 -0.0373 0.0019  94  LYS A CB  
568 C CG  . LYS A 71 ? 0.3639 0.3904 0.5016 0.0021  -0.0304 -0.0085 94  LYS A CG  
569 C CD  . LYS A 71 ? 0.3913 0.4211 0.5428 0.0009  -0.0355 -0.0040 94  LYS A CD  
570 C CE  . LYS A 71 ? 0.4231 0.4572 0.5925 0.0040  -0.0292 -0.0142 94  LYS A CE  
571 N NZ  . LYS A 71 ? 0.4383 0.4754 0.6319 0.0036  -0.0360 -0.0092 94  LYS A NZ  
572 N N   . GLU A 72 ? 0.3042 0.3245 0.3869 -0.0088 -0.0400 0.0149  95  GLU A N   
573 C CA  . GLU A 72 ? 0.3257 0.3468 0.4005 -0.0135 -0.0448 0.0245  95  GLU A CA  
574 C C   . GLU A 72 ? 0.2959 0.3133 0.3650 -0.0116 -0.0399 0.0204  95  GLU A C   
575 O O   . GLU A 72 ? 0.2728 0.2907 0.3228 -0.0134 -0.0358 0.0189  95  GLU A O   
576 C CB  . GLU A 72 ? 0.3570 0.3827 0.4100 -0.0193 -0.0453 0.0277  95  GLU A CB  
577 C CG  . GLU A 72 ? 0.3902 0.4190 0.4446 -0.0200 -0.0468 0.0262  95  GLU A CG  
578 C CD  . GLU A 72 ? 0.4381 0.4731 0.4740 -0.0272 -0.0493 0.0298  95  GLU A CD  
579 O OE1 . GLU A 72 ? 0.4267 0.4619 0.4485 -0.0276 -0.0432 0.0217  95  GLU A OE1 
580 O OE2 . GLU A 72 ? 0.4921 0.5324 0.5287 -0.0330 -0.0576 0.0407  95  GLU A OE2 
581 N N   . HIS A 73 ? 0.2755 0.2899 0.3641 -0.0079 -0.0406 0.0180  96  HIS A N   
582 C CA  . HIS A 73 ? 0.2716 0.2829 0.3588 -0.0058 -0.0365 0.0129  96  HIS A CA  
583 C C   . HIS A 73 ? 0.2786 0.2904 0.3537 -0.0103 -0.0385 0.0214  96  HIS A C   
584 O O   . HIS A 73 ? 0.2713 0.2824 0.3318 -0.0102 -0.0333 0.0172  96  HIS A O   
585 C CB  . HIS A 73 ? 0.2687 0.2774 0.3831 -0.0024 -0.0384 0.0092  96  HIS A CB  
586 C CG  . HIS A 73 ? 0.2631 0.2730 0.3906 0.0018  -0.0346 -0.0019 96  HIS A CG  
587 N ND1 . HIS A 73 ? 0.2754 0.2845 0.4322 0.0046  -0.0361 -0.0072 96  HIS A ND1 
588 C CD2 . HIS A 73 ? 0.2603 0.2729 0.3771 0.0029  -0.0290 -0.0090 96  HIS A CD2 
589 C CE1 . HIS A 73 ? 0.2694 0.2818 0.4323 0.0072  -0.0308 -0.0181 96  HIS A CE1 
590 N NE2 . HIS A 73 ? 0.2631 0.2778 0.4005 0.0061  -0.0265 -0.0185 96  HIS A NE2 
591 N N   . ARG A 74 ? 0.2832 0.2973 0.3660 -0.0149 -0.0463 0.0340  97  ARG A N   
592 C CA  . ARG A 74 ? 0.3002 0.3166 0.3731 -0.0202 -0.0478 0.0426  97  ARG A CA  
593 C C   . ARG A 74 ? 0.3103 0.3314 0.3555 -0.0241 -0.0426 0.0403  97  ARG A C   
594 O O   . ARG A 74 ? 0.2957 0.3177 0.3289 -0.0257 -0.0381 0.0388  97  ARG A O   
595 C CB  . ARG A 74 ? 0.3203 0.3403 0.4068 -0.0256 -0.0580 0.0586  97  ARG A CB  
596 C CG  . ARG A 74 ? 0.3347 0.3612 0.4063 -0.0338 -0.0600 0.0702  97  ARG A CG  
597 C CD  . ARG A 74 ? 0.3655 0.3995 0.4394 -0.0409 -0.0699 0.0854  97  ARG A CD  
598 N NE  . ARG A 74 ? 0.4125 0.4554 0.4668 -0.0499 -0.0697 0.0940  97  ARG A NE  
599 C CZ  . ARG A 74 ? 0.4340 0.4854 0.4619 -0.0558 -0.0661 0.0915  97  ARG A CZ  
600 N NH1 . ARG A 74 ? 0.4638 0.5232 0.4742 -0.0631 -0.0625 0.0947  97  ARG A NH1 
601 N NH2 . ARG A 74 ? 0.4384 0.4907 0.4596 -0.0545 -0.0655 0.0847  97  ARG A NH2 
602 N N   . LYS A 75 ? 0.3340 0.3582 0.3715 -0.0255 -0.0433 0.0394  98  LYS A N   
603 C CA  . LYS A 75 ? 0.3525 0.3815 0.3681 -0.0296 -0.0389 0.0361  98  LYS A CA  
604 C C   . LYS A 75 ? 0.3175 0.3423 0.3252 -0.0251 -0.0298 0.0244  98  LYS A C   
605 O O   . LYS A 75 ? 0.3043 0.3318 0.2999 -0.0278 -0.0254 0.0224  98  LYS A O   
606 C CB  . LYS A 75 ? 0.3966 0.4289 0.4099 -0.0311 -0.0415 0.0355  98  LYS A CB  
607 C CG  . LYS A 75 ? 0.4640 0.5033 0.4569 -0.0372 -0.0387 0.0324  98  LYS A CG  
608 C CD  . LYS A 75 ? 0.5285 0.5693 0.5213 -0.0372 -0.0400 0.0288  98  LYS A CD  
609 C CE  . LYS A 75 ? 0.5687 0.6122 0.5463 -0.0394 -0.0335 0.0188  98  LYS A CE  
610 N NZ  . LYS A 75 ? 0.6236 0.6680 0.6045 -0.0393 -0.0355 0.0157  98  LYS A NZ  
611 N N   . ILE A 76 ? 0.2929 0.3123 0.3091 -0.0185 -0.0273 0.0173  99  ILE A N   
612 C CA  . ILE A 76 ? 0.2798 0.2962 0.2899 -0.0149 -0.0204 0.0087  99  ILE A CA  
613 C C   . ILE A 76 ? 0.2720 0.2870 0.2823 -0.0146 -0.0188 0.0092  99  ILE A C   
614 O O   . ILE A 76 ? 0.2776 0.2932 0.2787 -0.0152 -0.0142 0.0056  99  ILE A O   
615 C CB  . ILE A 76 ? 0.2689 0.2823 0.2870 -0.0094 -0.0185 0.0023  99  ILE A CB  
616 C CG1 . ILE A 76 ? 0.2652 0.2801 0.2823 -0.0096 -0.0184 0.0008  99  ILE A CG1 
617 C CG2 . ILE A 76 ? 0.2641 0.2755 0.2773 -0.0063 -0.0131 -0.0041 99  ILE A CG2 
618 C CD1 . ILE A 76 ? 0.2590 0.2731 0.2854 -0.0053 -0.0165 -0.0046 99  ILE A CD1 
619 N N   . TYR A 77 ? 0.2685 0.2816 0.2920 -0.0135 -0.0226 0.0126  100 TYR A N   
620 C CA  . TYR A 77 ? 0.2679 0.2798 0.2939 -0.0136 -0.0217 0.0133  100 TYR A CA  
621 C C   . TYR A 77 ? 0.2873 0.3040 0.3025 -0.0197 -0.0208 0.0193  100 TYR A C   
622 O O   . TYR A 77 ? 0.2943 0.3114 0.3058 -0.0201 -0.0171 0.0174  100 TYR A O   
623 C CB  . TYR A 77 ? 0.2553 0.2646 0.3009 -0.0126 -0.0268 0.0170  100 TYR A CB  
624 C CG  . TYR A 77 ? 0.2356 0.2415 0.2923 -0.0070 -0.0253 0.0074  100 TYR A CG  
625 C CD1 . TYR A 77 ? 0.2280 0.2340 0.2866 -0.0041 -0.0240 0.0012  100 TYR A CD1 
626 C CD2 . TYR A 77 ? 0.2305 0.2344 0.2954 -0.0054 -0.0249 0.0037  100 TYR A CD2 
627 C CE1 . TYR A 77 ? 0.2225 0.2282 0.2901 -0.0003 -0.0218 -0.0087 100 TYR A CE1 
628 C CE2 . TYR A 77 ? 0.2246 0.2276 0.2985 -0.0016 -0.0234 -0.0066 100 TYR A CE2 
629 C CZ  . TYR A 77 ? 0.2190 0.2235 0.2928 0.0008  -0.0213 -0.0132 100 TYR A CZ  
630 O OH  . TYR A 77 ? 0.2193 0.2255 0.2997 0.0034  -0.0188 -0.0244 100 TYR A OH  
631 N N   . THR A 78 ? 0.3217 0.3433 0.3329 -0.0251 -0.0246 0.0269  101 THR A N   
632 C CA  . THR A 78 ? 0.3561 0.3855 0.3548 -0.0326 -0.0235 0.0321  101 THR A CA  
633 C C   . THR A 78 ? 0.3731 0.4046 0.3579 -0.0327 -0.0152 0.0219  101 THR A C   
634 O O   . THR A 78 ? 0.3931 0.4283 0.3729 -0.0356 -0.0107 0.0208  101 THR A O   
635 C CB  . THR A 78 ? 0.3421 0.3785 0.3378 -0.0393 -0.0302 0.0425  101 THR A CB  
636 O OG1 . THR A 78 ? 0.3328 0.3664 0.3471 -0.0388 -0.0377 0.0525  101 THR A OG1 
637 C CG2 . THR A 78 ? 0.3405 0.3882 0.3199 -0.0489 -0.0283 0.0469  101 THR A CG2 
638 N N   . MET A 79 ? 0.4073 0.4367 0.3889 -0.0297 -0.0132 0.0147  102 MET A N   
639 C CA  . MET A 79 ? 0.4493 0.4797 0.4229 -0.0295 -0.0061 0.0052  102 MET A CA  
640 C C   . MET A 79 ? 0.4208 0.4472 0.3997 -0.0252 -0.0018 0.0009  102 MET A C   
641 O O   . MET A 79 ? 0.4093 0.4389 0.3851 -0.0272 0.0035  -0.0032 102 MET A O   
642 C CB  . MET A 79 ? 0.5151 0.5424 0.4890 -0.0261 -0.0054 -0.0005 102 MET A CB  
643 C CG  . MET A 79 ? 0.6148 0.6466 0.5847 -0.0302 -0.0097 0.0025  102 MET A CG  
644 S SD  . MET A 79 ? 0.8120 0.8564 0.7677 -0.0412 -0.0104 0.0054  102 MET A SD  
645 C CE  . MET A 79 ? 0.7776 0.8245 0.7385 -0.0445 -0.0202 0.0212  102 MET A CE  
646 N N   . ILE A 80 ? 0.3819 0.4020 0.3699 -0.0196 -0.0043 0.0015  103 ILE A N   
647 C CA  . ILE A 80 ? 0.3931 0.4103 0.3859 -0.0160 -0.0017 -0.0021 103 ILE A CA  
648 C C   . ILE A 80 ? 0.3946 0.4149 0.3884 -0.0194 -0.0005 0.0010  103 ILE A C   
649 O O   . ILE A 80 ? 0.3624 0.3838 0.3567 -0.0192 0.0039  -0.0030 103 ILE A O   
650 C CB  . ILE A 80 ? 0.3847 0.3971 0.3857 -0.0109 -0.0051 -0.0027 103 ILE A CB  
651 C CG1 . ILE A 80 ? 0.3847 0.3953 0.3840 -0.0081 -0.0047 -0.0064 103 ILE A CG1 
652 C CG2 . ILE A 80 ? 0.3765 0.3874 0.3824 -0.0086 -0.0041 -0.0050 103 ILE A CG2 
653 C CD1 . ILE A 80 ? 0.3874 0.3963 0.3942 -0.0047 -0.0073 -0.0078 103 ILE A CD1 
654 N N   . TYR A 81 ? 0.4169 0.4388 0.4137 -0.0225 -0.0050 0.0088  104 TYR A N   
655 C CA  . TYR A 81 ? 0.4672 0.4922 0.4671 -0.0261 -0.0047 0.0139  104 TYR A CA  
656 C C   . TYR A 81 ? 0.4296 0.4636 0.4183 -0.0331 0.0006  0.0136  104 TYR A C   
657 O O   . TYR A 81 ? 0.4324 0.4708 0.4226 -0.0363 0.0033  0.0156  104 TYR A O   
658 C CB  . TYR A 81 ? 0.5598 0.5836 0.5698 -0.0276 -0.0118 0.0235  104 TYR A CB  
659 C CG  . TYR A 81 ? 0.6958 0.7237 0.7101 -0.0326 -0.0122 0.0311  104 TYR A CG  
660 C CD1 . TYR A 81 ? 0.7071 0.7312 0.7338 -0.0298 -0.0125 0.0301  104 TYR A CD1 
661 C CD2 . TYR A 81 ? 0.8106 0.8478 0.8158 -0.0412 -0.0120 0.0393  104 TYR A CD2 
662 C CE1 . TYR A 81 ? 0.7309 0.7590 0.7628 -0.0348 -0.0125 0.0377  104 TYR A CE1 
663 C CE2 . TYR A 81 ? 0.8456 0.8882 0.8540 -0.0470 -0.0117 0.0475  104 TYR A CE2 
664 C CZ  . TYR A 81 ? 0.8066 0.8441 0.8294 -0.0434 -0.0119 0.0468  104 TYR A CZ  
665 O OH  . TYR A 81 ? 0.8353 0.8788 0.8621 -0.0496 -0.0116 0.0557  104 TYR A OH  
666 N N   . ARG A 82 ? 0.4087 0.4467 0.3870 -0.0356 0.0028  0.0098  105 ARG A N   
667 C CA  . ARG A 82 ? 0.4180 0.4661 0.3862 -0.0423 0.0094  0.0053  105 ARG A CA  
668 C C   . ARG A 82 ? 0.3789 0.4251 0.3522 -0.0385 0.0169  -0.0061 105 ARG A C   
669 O O   . ARG A 82 ? 0.3495 0.4035 0.3198 -0.0430 0.0240  -0.0123 105 ARG A O   
670 C CB  . ARG A 82 ? 0.4529 0.5069 0.4098 -0.0472 0.0084  0.0044  105 ARG A CB  
671 C CG  . ARG A 82 ? 0.5066 0.5668 0.4581 -0.0539 0.0011  0.0173  105 ARG A CG  
672 C CD  . ARG A 82 ? 0.5604 0.6286 0.4991 -0.0602 -0.0003 0.0161  105 ARG A CD  
673 N NE  . ARG A 82 ? 0.6014 0.6781 0.5347 -0.0682 -0.0082 0.0303  105 ARG A NE  
674 C CZ  . ARG A 82 ? 0.6233 0.6996 0.5568 -0.0689 -0.0164 0.0366  105 ARG A CZ  
675 N NH1 . ARG A 82 ? 0.6252 0.6967 0.5594 -0.0644 -0.0157 0.0278  105 ARG A NH1 
676 N NH2 . ARG A 82 ? 0.5818 0.6626 0.5182 -0.0742 -0.0256 0.0526  105 ARG A NH2 
677 N N   . ASN A 83 ? 0.3496 0.3862 0.3320 -0.0305 0.0151  -0.0085 106 ASN A N   
678 C CA  . ASN A 83 ? 0.3219 0.3557 0.3119 -0.0262 0.0197  -0.0169 106 ASN A CA  
679 C C   . ASN A 83 ? 0.2999 0.3292 0.3005 -0.0217 0.0181  -0.0149 106 ASN A C   
680 O O   . ASN A 83 ? 0.2794 0.3038 0.2873 -0.0166 0.0175  -0.0177 106 ASN A O   
681 C CB  . ASN A 83 ? 0.3129 0.3414 0.3030 -0.0223 0.0181  -0.0201 106 ASN A CB  
682 C CG  . ASN A 83 ? 0.3090 0.3424 0.2933 -0.0265 0.0220  -0.0264 106 ASN A CG  
683 O OD1 . ASN A 83 ? 0.3081 0.3454 0.2972 -0.0280 0.0284  -0.0345 106 ASN A OD1 
684 N ND2 . ASN A 83 ? 0.3037 0.3379 0.2800 -0.0283 0.0184  -0.0238 106 ASN A ND2 
685 N N   . LEU A 84 ? 0.2961 0.3278 0.2980 -0.0245 0.0171  -0.0096 107 LEU A N   
686 C CA  . LEU A 84 ? 0.3053 0.3344 0.3183 -0.0215 0.0156  -0.0082 107 LEU A CA  
687 C C   . LEU A 84 ? 0.3277 0.3638 0.3448 -0.0259 0.0212  -0.0091 107 LEU A C   
688 O O   . LEU A 84 ? 0.3531 0.3966 0.3629 -0.0326 0.0241  -0.0062 107 LEU A O   
689 C CB  . LEU A 84 ? 0.2934 0.3187 0.3086 -0.0207 0.0087  -0.0012 107 LEU A CB  
690 C CG  . LEU A 84 ? 0.2847 0.3042 0.2984 -0.0165 0.0038  -0.0014 107 LEU A CG  
691 C CD1 . LEU A 84 ? 0.2933 0.3098 0.3146 -0.0157 -0.0022 0.0033  107 LEU A CD1 
692 C CD2 . LEU A 84 ? 0.2698 0.2859 0.2859 -0.0113 0.0040  -0.0070 107 LEU A CD2 
693 N N   . VAL A 85 ? 0.3420 0.3768 0.3711 -0.0227 0.0229  -0.0124 108 VAL A N   
694 C CA  . VAL A 85 ? 0.3574 0.3985 0.3938 -0.0262 0.0278  -0.0129 108 VAL A CA  
695 C C   . VAL A 85 ? 0.3864 0.4269 0.4245 -0.0282 0.0229  -0.0041 108 VAL A C   
696 O O   . VAL A 85 ? 0.3771 0.4107 0.4200 -0.0239 0.0161  -0.0015 108 VAL A O   
697 C CB  . VAL A 85 ? 0.3393 0.3791 0.3917 -0.0219 0.0292  -0.0179 108 VAL A CB  
698 C CG1 . VAL A 85 ? 0.3382 0.3845 0.4005 -0.0253 0.0338  -0.0179 108 VAL A CG1 
699 C CG2 . VAL A 85 ? 0.3210 0.3610 0.3776 -0.0200 0.0337  -0.0259 108 VAL A CG2 
700 N N   . VAL A 86 ? 0.4561 0.5049 0.4912 -0.0355 0.0268  0.0001  109 VAL A N   
701 C CA  . VAL A 86 ? 0.5219 0.5710 0.5613 -0.0386 0.0224  0.0101  109 VAL A CA  
702 C C   . VAL A 86 ? 0.5748 0.6341 0.6188 -0.0450 0.0294  0.0112  109 VAL A C   
703 O O   . VAL A 86 ? 0.6702 0.7397 0.7065 -0.0505 0.0377  0.0069  109 VAL A O   
704 C CB  . VAL A 86 ? 0.5514 0.6008 0.5810 -0.0424 0.0172  0.0191  109 VAL A CB  
705 C CG1 . VAL A 86 ? 0.5787 0.6182 0.6078 -0.0356 0.0105  0.0174  109 VAL A CG1 
706 C CG2 . VAL A 86 ? 0.5716 0.6319 0.5853 -0.0501 0.0225  0.0194  109 VAL A CG2 
707 O OXT . VAL A 86 ? 0.6370 0.6953 0.6931 -0.0449 0.0273  0.0154  109 VAL A OXT 
708 N N   . LEU B 1  ? 0.6740 0.7151 0.5098 -0.1675 0.0149  0.0303  1   LEU B N   
709 C CA  . LEU B 1  ? 0.5875 0.6127 0.4645 -0.1200 0.0212  0.0228  1   LEU B CA  
710 C C   . LEU B 1  ? 0.5069 0.5181 0.4131 -0.0861 0.0407  0.0041  1   LEU B C   
711 O O   . LEU B 1  ? 0.4944 0.5061 0.3927 -0.0941 0.0480  -0.0025 1   LEU B O   
712 C CB  . LEU B 1  ? 0.5722 0.6012 0.4795 -0.0977 -0.0125 0.0545  1   LEU B CB  
713 C CG  . LEU B 1  ? 0.5629 0.5985 0.4984 -0.0861 -0.0351 0.0778  1   LEU B CG  
714 C CD1 . LEU B 1  ? 0.5295 0.5532 0.4870 -0.0496 -0.0203 0.0598  1   LEU B CD1 
715 C CD2 . LEU B 1  ? 0.5710 0.6114 0.5525 -0.0764 -0.0629 0.1081  1   LEU B CD2 
716 N N   . THR B 2  ? 0.4329 0.4346 0.3721 -0.0541 0.0459  0.0002  2   THR B N   
717 C CA  . THR B 2  ? 0.3859 0.3800 0.3591 -0.0285 0.0576  -0.0073 2   THR B CA  
718 C C   . THR B 2  ? 0.3530 0.3508 0.3280 -0.0131 0.0411  0.0046  2   THR B C   
719 O O   . THR B 2  ? 0.3688 0.3646 0.3541 -0.0087 0.0501  -0.0010 2   THR B O   
720 C CB  . THR B 2  ? 0.3637 0.3547 0.3686 -0.0084 0.0579  -0.0032 2   THR B CB  
721 O OG1 . THR B 2  ? 0.4018 0.3904 0.4093 -0.0252 0.0771  -0.0167 2   THR B OG1 
722 C CG2 . THR B 2  ? 0.3521 0.3419 0.3997 0.0081  0.0641  0.0003  2   THR B CG2 
723 N N   . PHE B 3  ? 0.3189 0.3217 0.2934 -0.0059 0.0200  0.0194  3   PHE B N   
724 C CA  . PHE B 3  ? 0.3063 0.3134 0.2919 0.0056  0.0106  0.0256  3   PHE B CA  
725 C C   . PHE B 3  ? 0.3261 0.3389 0.2982 -0.0097 0.0103  0.0281  3   PHE B C   
726 O O   . PHE B 3  ? 0.3154 0.3302 0.2954 -0.0006 0.0116  0.0265  3   PHE B O   
727 C CB  . PHE B 3  ? 0.2816 0.2913 0.2900 0.0127  -0.0043 0.0370  3   PHE B CB  
728 C CG  . PHE B 3  ? 0.2478 0.2634 0.2816 0.0190  -0.0088 0.0415  3   PHE B CG  
729 C CD1 . PHE B 3  ? 0.2302 0.2452 0.2731 0.0316  0.0024  0.0271  3   PHE B CD1 
730 C CD2 . PHE B 3  ? 0.2536 0.2795 0.3036 0.0065  -0.0247 0.0627  3   PHE B CD2 
731 C CE1 . PHE B 3  ? 0.2229 0.2443 0.2924 0.0354  0.0043  0.0262  3   PHE B CE1 
732 C CE2 . PHE B 3  ? 0.2423 0.2751 0.3303 0.0137  -0.0272 0.0683  3   PHE B CE2 
733 C CZ  . PHE B 3  ? 0.2274 0.2565 0.3251 0.0298  -0.0095 0.0463  3   PHE B CZ  
734 N N   . GLU B 4  ? 0.3654 0.3836 0.3120 -0.0396 0.0082  0.0321  4   GLU B N   
735 C CA  . GLU B 4  ? 0.3990 0.4258 0.3267 -0.0624 0.0051  0.0370  4   GLU B CA  
736 C C   . GLU B 4  ? 0.4006 0.4169 0.3208 -0.0628 0.0324  0.0114  4   GLU B C   
737 O O   . GLU B 4  ? 0.4144 0.4339 0.3303 -0.0668 0.0323  0.0120  4   GLU B O   
738 C CB  . GLU B 4  ? 0.4450 0.4860 0.3376 -0.1089 -0.0064 0.0509  4   GLU B CB  
739 C CG  . GLU B 4  ? 0.4562 0.5149 0.3745 -0.1154 -0.0437 0.0923  4   GLU B CG  
740 C CD  . GLU B 4  ? 0.5101 0.5893 0.3952 -0.1689 -0.0642 0.1180  4   GLU B CD  
741 O OE1 . GLU B 4  ? 0.5335 0.6355 0.4248 -0.1979 -0.0940 0.1554  4   GLU B OE1 
742 O OE2 . GLU B 4  ? 0.5404 0.6159 0.3947 -0.1863 -0.0513 0.1026  4   GLU B OE2 
743 N N   . GLN B 5  ? 0.4093 0.4137 0.3400 -0.0582 0.0555  -0.0085 5   GLN B N   
744 C CA  . GLN B 5  ? 0.4306 0.4238 0.3801 -0.0590 0.0841  -0.0307 5   GLN B CA  
745 C C   . GLN B 5  ? 0.3744 0.3650 0.3640 -0.0250 0.0783  -0.0212 5   GLN B C   
746 O O   . GLN B 5  ? 0.3797 0.3651 0.3894 -0.0246 0.0915  -0.0286 5   GLN B O   
747 C CB  . GLN B 5  ? 0.4776 0.4611 0.4401 -0.0747 0.1155  -0.0555 5   GLN B CB  
748 C CG  . GLN B 5  ? 0.5619 0.5533 0.4699 -0.1215 0.1215  -0.0656 5   GLN B CG  
749 C CD  . GLN B 5  ? 0.6482 0.6298 0.5625 -0.1526 0.1678  -0.1053 5   GLN B CD  
750 O OE1 . GLN B 5  ? 0.7064 0.6739 0.6855 -0.1316 0.1948  -0.1217 5   GLN B OE1 
751 N NE2 . GLN B 5  ? 0.7149 0.7066 0.5685 -0.2093 0.1787  -0.1201 5   GLN B NE2 
752 N N   . TYR B 6  ? 0.3367 0.3328 0.3359 -0.0033 0.0591  -0.0051 6   TYR B N   
753 C CA  . TYR B 6  ? 0.3173 0.3188 0.3355 0.0139  0.0497  0.0060  6   TYR B CA  
754 C C   . TYR B 6  ? 0.3017 0.3105 0.3018 0.0126  0.0407  0.0091  6   TYR B C   
755 O O   . TYR B 6  ? 0.2615 0.2728 0.2713 0.0156  0.0420  0.0112  6   TYR B O   
756 C CB  . TYR B 6  ? 0.3263 0.3337 0.3495 0.0248  0.0365  0.0164  6   TYR B CB  
757 C CG  . TYR B 6  ? 0.3389 0.3448 0.3954 0.0272  0.0406  0.0233  6   TYR B CG  
758 C CD1 . TYR B 6  ? 0.3404 0.3502 0.4377 0.0282  0.0415  0.0360  6   TYR B CD1 
759 C CD2 . TYR B 6  ? 0.3565 0.3591 0.4149 0.0270  0.0419  0.0220  6   TYR B CD2 
760 C CE1 . TYR B 6  ? 0.3583 0.3701 0.5086 0.0293  0.0421  0.0512  6   TYR B CE1 
761 C CE2 . TYR B 6  ? 0.3743 0.3783 0.4757 0.0289  0.0448  0.0324  6   TYR B CE2 
762 C CZ  . TYR B 6  ? 0.3855 0.3948 0.5389 0.0302  0.0444  0.0490  6   TYR B CZ  
763 O OH  . TYR B 6  ? 0.4191 0.4324 0.6386 0.0311  0.0450  0.0675  6   TYR B OH  
764 N N   . TRP B 7  ? 0.2987 0.3123 0.2813 0.0059  0.0304  0.0133  7   TRP B N   
765 C CA  . TRP B 7  ? 0.2993 0.3225 0.2815 0.0050  0.0205  0.0210  7   TRP B CA  
766 C C   . TRP B 7  ? 0.3278 0.3513 0.2930 -0.0125 0.0263  0.0180  7   TRP B C   
767 O O   . TRP B 7  ? 0.3016 0.3322 0.2708 -0.0101 0.0217  0.0227  7   TRP B O   
768 C CB  . TRP B 7  ? 0.2894 0.3202 0.2816 0.0009  0.0045  0.0354  7   TRP B CB  
769 C CG  . TRP B 7  ? 0.2737 0.3153 0.2944 0.0079  -0.0031 0.0443  7   TRP B CG  
770 C CD1 . TRP B 7  ? 0.2857 0.3390 0.3122 -0.0057 -0.0148 0.0608  7   TRP B CD1 
771 C CD2 . TRP B 7  ? 0.2446 0.2884 0.2978 0.0250  0.0034  0.0358  7   TRP B CD2 
772 N NE1 . TRP B 7  ? 0.2752 0.3371 0.3461 0.0076  -0.0157 0.0645  7   TRP B NE1 
773 C CE2 . TRP B 7  ? 0.2572 0.3126 0.3447 0.0251  -0.0011 0.0450  7   TRP B CE2 
774 C CE3 . TRP B 7  ? 0.2325 0.2718 0.2884 0.0336  0.0146  0.0197  7   TRP B CE3 
775 C CZ2 . TRP B 7  ? 0.2385 0.2985 0.3685 0.0353  0.0123  0.0319  7   TRP B CZ2 
776 C CZ3 . TRP B 7  ? 0.2379 0.2826 0.3228 0.0375  0.0268  0.0059  7   TRP B CZ3 
777 C CH2 . TRP B 7  ? 0.2350 0.2889 0.3597 0.0392  0.0290  0.0087  7   TRP B CH2 
778 N N   . ALA B 8  ? 0.3702 0.3868 0.3153 -0.0354 0.0391  0.0073  8   ALA B N   
779 C CA  . ALA B 8  ? 0.4091 0.4237 0.3321 -0.0624 0.0523  -0.0041 8   ALA B CA  
780 C C   . ALA B 8  ? 0.4097 0.4142 0.3601 -0.0465 0.0677  -0.0149 8   ALA B C   
781 O O   . ALA B 8  ? 0.4231 0.4308 0.3664 -0.0533 0.0669  -0.0140 8   ALA B O   
782 C CB  . ALA B 8  ? 0.4353 0.4442 0.3315 -0.0979 0.0724  -0.0234 8   ALA B CB  
783 N N   . GLN B 9  ? 0.4136 0.4085 0.4008 -0.0288 0.0786  -0.0198 9   GLN B N   
784 C CA  . GLN B 9  ? 0.4207 0.4123 0.4521 -0.0123 0.0825  -0.0146 9   GLN B CA  
785 C C   . GLN B 9  ? 0.3781 0.3832 0.3982 -0.0033 0.0630  0.0009  9   GLN B C   
786 O O   . GLN B 9  ? 0.3597 0.3635 0.3936 -0.0050 0.0669  0.0019  9   GLN B O   
787 C CB  . GLN B 9  ? 0.4612 0.4548 0.5266 0.0046  0.0758  -0.0018 9   GLN B CB  
788 C CG  . GLN B 9  ? 0.4987 0.4872 0.6337 0.0108  0.0845  0.0070  9   GLN B CG  
789 C CD  . GLN B 9  ? 0.5713 0.5663 0.7303 0.0196  0.0732  0.0238  9   GLN B CD  
790 O OE1 . GLN B 9  ? 0.6032 0.5898 0.7736 0.0178  0.0877  0.0114  9   GLN B OE1 
791 N NE2 . GLN B 9  ? 0.5448 0.5575 0.7061 0.0233  0.0476  0.0515  9   GLN B NE2 
792 N N   . LEU B 10 ? 0.3641 0.3814 0.3665 0.0049  0.0455  0.0105  10  LEU B N   
793 C CA  . LEU B 10 ? 0.3741 0.4062 0.3717 0.0114  0.0333  0.0189  10  LEU B CA  
794 C C   . LEU B 10 ? 0.3961 0.4323 0.3815 0.0021  0.0322  0.0190  10  LEU B C   
795 O O   . LEU B 10 ? 0.4293 0.4743 0.4181 0.0041  0.0294  0.0228  10  LEU B O   
796 C CB  . LEU B 10 ? 0.3439 0.3833 0.3399 0.0179  0.0257  0.0198  10  LEU B CB  
797 C CG  . LEU B 10 ? 0.3330 0.3864 0.3351 0.0210  0.0246  0.0180  10  LEU B CG  
798 C CD1 . LEU B 10 ? 0.3335 0.3944 0.3309 0.0153  0.0244  0.0207  10  LEU B CD1 
799 C CD2 . LEU B 10 ? 0.3270 0.3821 0.3452 0.0258  0.0253  0.0126  10  LEU B CD2 
800 N N   . GLU B 11 ? 0.4431 0.4765 0.4108 -0.0140 0.0327  0.0171  11  GLU B N   
801 C CA  . GLU B 11 ? 0.4751 0.5169 0.4275 -0.0310 0.0266  0.0233  11  GLU B CA  
802 C C   . GLU B 11 ? 0.4580 0.4904 0.4052 -0.0410 0.0415  0.0116  11  GLU B C   
803 O O   . GLU B 11 ? 0.4818 0.5224 0.4188 -0.0515 0.0361  0.0172  11  GLU B O   
804 C CB  . GLU B 11 ? 0.5448 0.5924 0.4738 -0.0589 0.0176  0.0318  11  GLU B CB  
805 C CG  . GLU B 11 ? 0.5901 0.6499 0.5423 -0.0502 -0.0026 0.0523  11  GLU B CG  
806 C CD  . GLU B 11 ? 0.6480 0.7286 0.6061 -0.0756 -0.0283 0.0839  11  GLU B CD  
807 O OE1 . GLU B 11 ? 0.6561 0.7441 0.6398 -0.0754 -0.0443 0.1031  11  GLU B OE1 
808 O OE2 . GLU B 11 ? 0.6409 0.7327 0.5845 -0.0979 -0.0357 0.0945  11  GLU B OE2 
809 N N   . SER B 12 ? 0.4449 0.4604 0.4096 -0.0389 0.0607  -0.0031 12  SER B N   
810 C CA  . SER B 12 ? 0.4489 0.4509 0.4295 -0.0497 0.0809  -0.0169 12  SER B CA  
811 C C   . SER B 12 ? 0.4041 0.4150 0.4023 -0.0353 0.0689  -0.0017 12  SER B C   
812 O O   . SER B 12 ? 0.3949 0.3999 0.3977 -0.0463 0.0781  -0.0077 12  SER B O   
813 C CB  . SER B 12 ? 0.4548 0.4372 0.4812 -0.0480 0.1066  -0.0329 12  SER B CB  
814 O OG  . SER B 12 ? 0.4534 0.4319 0.4694 -0.0543 0.1145  -0.0432 12  SER B OG  
815 N N   . ALA B 13 ? 0.3606 0.3868 0.3650 -0.0168 0.0506  0.0153  13  ALA B N   
816 C CA  . ALA B 13 ? 0.3396 0.3795 0.3528 -0.0116 0.0399  0.0289  13  ALA B CA  
817 C C   . ALA B 13 ? 0.3297 0.3833 0.3184 -0.0167 0.0327  0.0305  13  ALA B C   
818 O O   . ALA B 13 ? 0.3347 0.3985 0.3269 -0.0179 0.0282  0.0377  13  ALA B O   
819 C CB  . ALA B 13 ? 0.3300 0.3833 0.3501 -0.0035 0.0287  0.0406  13  ALA B CB  
820 N N   . ALA B 14 ? 0.3239 0.3800 0.2940 -0.0240 0.0300  0.0283  14  ALA B N   
821 C CA  . ALA B 14 ? 0.3139 0.3886 0.2812 -0.0274 0.0183  0.0387  14  ALA B CA  
822 C C   . ALA B 14 ? 0.3196 0.3944 0.2679 -0.0495 0.0175  0.0411  14  ALA B C   
823 O O   . ALA B 14 ? 0.3430 0.4041 0.2701 -0.0698 0.0271  0.0310  14  ALA B O   
824 C CB  . ALA B 14 ? 0.2993 0.3815 0.2758 -0.0263 0.0088  0.0469  14  ALA B CB  
# 
